data_4UQK
#
_entry.id   4UQK
#
_cell.length_a   1.000
_cell.length_b   1.000
_cell.length_c   1.000
_cell.angle_alpha   90.00
_cell.angle_beta   90.00
_cell.angle_gamma   90.00
#
_symmetry.space_group_name_H-M   'P 1'
#
loop_
_entity.id
_entity.type
_entity.pdbx_description
1 polymer 'GLUTAMATE RECEPTOR 2'
2 non-polymer '(S)-2-AMINO-3-(3,5-DIOXO-[1,2,4]OXADIAZOLIDIN-2-YL)-PROPIONIC ACID'
#
_entity_poly.entity_id   1
_entity_poly.type   'polypeptide(L)'
_entity_poly.pdbx_seq_one_letter_code
;VSSNSIQIGGLFPRGADQEYSAFRVGMVQFSTSEFRLTPHIDNLEVANSFAVTNAFCSQFSRGVYAIFGFYDKKSVNTIT
SFCGTLHVSFITPSFPTDGTHPFVIQMRPDLKGALLSLIEYYQWDKFAYLYDSDRGLSTLQAVLDSAAEKKWQVTAINVG
NINNDKKDETYRSLFQDLELKKERRVILDCERDKVNDIVDQVITIGKHVKGYHYIIANLGFTDGDLLKIQFGGAEVSGFQ
IVDYDDSLVSKFIERWSTLEEKEYPGAHTATIKYTSALTYDAVQVMTEAFRNLRKQRIEISRRGNAGDCLANPAVPWGQG
VEIERALKQVQVEGLSGNIKFDQNGKRINYTINIMELKTNGPRKIGYWSEVDKMVLTEDELPSGNDTSGLENKTVVVTTI
LESPYVMMKKNHEMLEGNERYEGYCVDLAAEIAKHCGFKYKLTIVGDGKYGARDADTKIWNGMVGELVYGKADIAIAPLT
ITLVREEVIDFSKPFMSLGISIMIKKPQKSKPGVFSFLDPLAYEIWMCIVFAYIGVSVVLFLVSRFSPYEWHTEEFEDGR
ETQSSESTNEFGIFNSLWFSLGAFMQQGADISPRSLSGRIVGGVWWFFTLIIISSYTANLAAFLTVERMVTPIESAEDLS
KQTEIAYGTLDSGSTKEFFRRSKIAVFDKMWTYMRSAEPSVFVRTTAEGVARVRKSKGKYAYLLESTMNEYIEQRKPCDT
MKVGGNLDSKGYGIATPKGSSLGNAVNLAVLKLNEQGLLDKLKNKWWYDKGECGAKDSGSKEKTSALSLSNVAGVFYILV
GGLGLAMLVALIEFCYKSRAEAKRMKGLVPR
;
_entity_poly.pdbx_strand_id   A,B,C,D
#
loop_
_chem_comp.id
_chem_comp.type
_chem_comp.name
_chem_comp.formula
QUS non-polymer '(S)-2-AMINO-3-(3,5-DIOXO-[1,2,4]OXADIAZOLIDIN-2-YL)-PROPIONIC ACID' 'C5 H7 N3 O5'
#
# COMPACT_ATOMS: atom_id res chain seq x y z
N ASN A 4 4.79 23.70 77.03
CA ASN A 4 4.79 22.92 75.80
C ASN A 4 5.73 23.51 74.75
N SER A 5 6.91 22.92 74.63
CA SER A 5 7.90 23.40 73.67
C SER A 5 8.10 22.41 72.52
N ILE A 6 7.64 22.79 71.35
CA ILE A 6 7.77 21.93 70.16
C ILE A 6 8.90 22.42 69.26
N GLN A 7 10.00 21.67 69.24
CA GLN A 7 11.16 22.03 68.45
C GLN A 7 11.00 21.60 67.00
N ILE A 8 11.22 22.53 66.07
CA ILE A 8 11.14 22.24 64.64
C ILE A 8 12.37 22.76 63.92
N GLY A 9 12.63 22.20 62.73
CA GLY A 9 13.77 22.59 61.94
C GLY A 9 13.41 23.60 60.86
N GLY A 10 14.36 24.45 60.51
CA GLY A 10 14.13 25.46 59.48
C GLY A 10 15.31 25.55 58.51
N LEU A 11 15.10 25.05 57.29
CA LEU A 11 16.14 25.08 56.27
C LEU A 11 15.89 26.20 55.27
N PHE A 12 16.50 27.35 55.50
CA PHE A 12 16.33 28.50 54.62
C PHE A 12 17.58 28.75 53.77
N PRO A 13 17.40 28.71 52.44
CA PRO A 13 18.50 28.99 51.50
C PRO A 13 19.00 30.42 51.65
N ARG A 14 20.31 30.60 51.64
CA ARG A 14 20.90 31.93 51.76
C ARG A 14 20.32 32.87 50.71
N GLY A 15 19.65 33.92 51.18
CA GLY A 15 19.03 34.89 50.29
C GLY A 15 17.53 34.96 50.46
N ALA A 16 16.98 33.99 51.19
CA ALA A 16 15.54 33.96 51.46
C ALA A 16 15.17 34.92 52.58
N ASP A 17 15.42 36.21 52.35
CA ASP A 17 15.15 37.24 53.35
C ASP A 17 13.65 37.40 53.61
N GLN A 18 12.90 37.72 52.57
CA GLN A 18 11.46 37.92 52.71
C GLN A 18 10.76 36.65 53.17
N GLU A 19 11.27 35.51 52.73
CA GLU A 19 10.71 34.22 53.13
C GLU A 19 10.86 34.01 54.64
N TYR A 20 12.03 34.32 55.17
CA TYR A 20 12.29 34.19 56.60
C TYR A 20 11.53 35.24 57.39
N SER A 21 11.47 36.45 56.83
CA SER A 21 10.72 37.54 57.46
C SER A 21 9.26 37.13 57.62
N ALA A 22 8.71 36.53 56.58
CA ALA A 22 7.34 36.03 56.62
C ALA A 22 7.23 34.86 57.59
N PHE A 23 8.32 34.11 57.71
CA PHE A 23 8.37 32.98 58.63
C PHE A 23 8.31 33.46 60.08
N ARG A 24 8.95 34.60 60.33
CA ARG A 24 8.97 35.20 61.66
C ARG A 24 7.60 35.76 62.02
N VAL A 25 7.01 36.52 61.09
CA VAL A 25 5.71 37.12 61.30
C VAL A 25 4.67 36.04 61.62
N GLY A 26 4.80 34.89 60.96
CA GLY A 26 3.90 33.78 61.20
C GLY A 26 4.04 33.23 62.62
N MET A 27 5.28 33.17 63.10
CA MET A 27 5.55 32.70 64.45
C MET A 27 4.85 33.60 65.48
N VAL A 28 4.74 34.87 65.16
CA VAL A 28 4.13 35.85 66.06
C VAL A 28 2.61 35.83 65.98
N GLN A 29 2.08 35.76 64.76
CA GLN A 29 0.64 35.79 64.55
C GLN A 29 -0.05 34.52 65.01
N PHE A 30 0.69 33.41 65.00
CA PHE A 30 0.11 32.12 65.38
C PHE A 30 0.74 31.55 66.65
N SER A 31 1.16 32.45 67.54
CA SER A 31 1.73 32.05 68.83
C SER A 31 0.65 31.98 69.89
N THR A 32 0.55 30.83 70.57
CA THR A 32 -0.45 30.63 71.59
C THR A 32 0.18 30.20 72.92
N SER A 33 -0.59 30.27 73.99
CA SER A 33 -0.12 29.89 75.31
C SER A 33 -0.12 28.38 75.49
N GLU A 34 -0.96 27.70 74.72
CA GLU A 34 -1.06 26.24 74.79
C GLU A 34 0.28 25.58 74.47
N PHE A 35 0.98 26.14 73.50
CA PHE A 35 2.30 25.63 73.10
C PHE A 35 3.05 26.62 72.23
N ARG A 36 4.37 26.57 72.30
CA ARG A 36 5.22 27.47 71.52
C ARG A 36 6.16 26.68 70.60
N LEU A 37 6.36 27.19 69.40
CA LEU A 37 7.24 26.53 68.43
C LEU A 37 8.65 27.08 68.51
N THR A 38 9.63 26.19 68.58
CA THR A 38 11.03 26.59 68.69
C THR A 38 11.79 26.27 67.40
N PRO A 39 11.90 27.27 66.51
CA PRO A 39 12.58 27.10 65.22
C PRO A 39 14.09 27.09 65.34
N HIS A 40 14.73 26.06 64.80
CA HIS A 40 16.18 25.99 64.73
C HIS A 40 16.63 26.25 63.30
N ILE A 41 17.01 27.49 63.02
CA ILE A 41 17.31 27.92 61.66
C ILE A 41 18.70 27.51 61.18
N ASP A 42 18.76 26.99 59.95
CA ASP A 42 20.02 26.60 59.33
C ASP A 42 20.11 27.15 57.92
N ASN A 43 20.96 28.16 57.73
CA ASN A 43 21.13 28.78 56.42
C ASN A 43 22.22 28.08 55.61
N LEU A 44 21.81 27.23 54.66
CA LEU A 44 22.74 26.51 53.81
C LEU A 44 22.39 26.65 52.34
N GLU A 45 23.36 26.37 51.48
CA GLU A 45 23.14 26.39 50.04
C GLU A 45 22.21 25.24 49.66
N VAL A 46 20.93 25.57 49.44
CA VAL A 46 19.92 24.57 49.18
C VAL A 46 20.28 23.65 48.01
N ALA A 47 21.04 24.18 47.05
CA ALA A 47 21.42 23.42 45.87
C ALA A 47 22.34 22.25 46.23
N ASN A 48 23.30 22.49 47.11
CA ASN A 48 24.24 21.47 47.51
C ASN A 48 23.57 20.31 48.25
N SER A 49 23.56 19.15 47.62
CA SER A 49 22.92 17.97 48.20
C SER A 49 23.58 17.52 49.49
N PHE A 50 24.91 17.58 49.52
CA PHE A 50 25.66 17.19 50.71
C PHE A 50 25.27 18.03 51.93
N ALA A 51 25.33 19.35 51.75
CA ALA A 51 25.01 20.27 52.84
C ALA A 51 23.60 20.02 53.37
N VAL A 52 22.65 19.80 52.45
CA VAL A 52 21.27 19.53 52.82
C VAL A 52 21.16 18.27 53.66
N THR A 53 22.01 17.29 53.36
CA THR A 53 22.01 16.04 54.11
C THR A 53 22.44 16.27 55.55
N ASN A 54 23.48 17.09 55.74
CA ASN A 54 23.97 17.43 57.07
C ASN A 54 22.93 18.23 57.86
N ALA A 55 22.37 19.26 57.22
CA ALA A 55 21.37 20.11 57.87
C ALA A 55 20.16 19.30 58.31
N PHE A 56 19.88 18.22 57.59
CA PHE A 56 18.74 17.36 57.93
C PHE A 56 19.08 16.46 59.11
N CYS A 57 20.25 15.82 59.05
CA CYS A 57 20.68 14.92 60.12
C CYS A 57 20.99 15.70 61.39
N SER A 58 21.40 16.96 61.22
CA SER A 58 21.70 17.82 62.36
C SER A 58 20.41 18.17 63.09
N GLN A 59 19.40 18.57 62.33
CA GLN A 59 18.10 18.91 62.91
C GLN A 59 17.40 17.64 63.43
N PHE A 60 17.82 16.49 62.93
CA PHE A 60 17.23 15.22 63.34
C PHE A 60 17.84 14.75 64.65
N SER A 61 19.14 14.98 64.82
CA SER A 61 19.82 14.62 66.06
C SER A 61 19.39 15.55 67.19
N ARG A 62 19.08 16.78 66.85
CA ARG A 62 18.57 17.75 67.81
C ARG A 62 17.15 17.36 68.25
N GLY A 63 16.61 16.33 67.62
CA GLY A 63 15.30 15.82 67.97
C GLY A 63 14.16 16.78 67.67
N VAL A 64 13.88 16.98 66.39
CA VAL A 64 12.76 17.84 65.99
C VAL A 64 11.54 16.99 65.65
N TYR A 65 10.36 17.62 65.68
CA TYR A 65 9.12 16.92 65.40
C TYR A 65 8.70 17.11 63.94
N ALA A 66 9.19 18.19 63.33
CA ALA A 66 8.89 18.48 61.94
C ALA A 66 9.92 19.45 61.37
N ILE A 67 10.06 19.45 60.05
CA ILE A 67 11.04 20.30 59.38
C ILE A 67 10.42 21.14 58.28
N PHE A 68 10.65 22.45 58.33
CA PHE A 68 10.21 23.34 57.27
C PHE A 68 11.42 23.93 56.54
N GLY A 69 11.45 23.77 55.23
CA GLY A 69 12.55 24.26 54.43
C GLY A 69 12.26 24.31 52.95
N PHE A 70 13.33 24.36 52.15
CA PHE A 70 13.21 24.40 50.70
C PHE A 70 14.16 23.39 50.08
N TYR A 71 13.90 23.03 48.82
CA TYR A 71 14.81 22.15 48.08
C TYR A 71 14.91 22.56 46.62
N ASP A 72 16.00 22.15 45.98
CA ASP A 72 16.23 22.45 44.57
C ASP A 72 15.98 21.20 43.74
N LYS A 73 16.05 21.35 42.42
CA LYS A 73 15.85 20.23 41.51
C LYS A 73 16.91 19.15 41.74
N LYS A 74 17.95 19.50 42.50
CA LYS A 74 19.05 18.58 42.75
C LYS A 74 18.96 17.93 44.14
N SER A 75 18.56 18.71 45.13
CA SER A 75 18.52 18.22 46.50
C SER A 75 17.15 17.66 46.89
N VAL A 76 16.16 17.86 46.02
CA VAL A 76 14.80 17.41 46.31
C VAL A 76 14.74 15.93 46.63
N ASN A 77 15.50 15.12 45.90
CA ASN A 77 15.51 13.69 46.10
C ASN A 77 16.05 13.29 47.47
N THR A 78 17.01 14.05 47.96
CA THR A 78 17.58 13.80 49.28
C THR A 78 16.53 13.95 50.37
N ILE A 79 15.80 15.07 50.33
CA ILE A 79 14.76 15.35 51.31
C ILE A 79 13.65 14.30 51.27
N THR A 80 13.04 14.11 50.11
CA THR A 80 11.94 13.16 49.95
C THR A 80 12.33 11.76 50.42
N SER A 81 13.60 11.41 50.24
CA SER A 81 14.08 10.08 50.60
C SER A 81 14.25 9.92 52.11
N PHE A 82 15.04 10.81 52.70
CA PHE A 82 15.30 10.76 54.14
C PHE A 82 14.01 10.91 54.95
N CYS A 83 13.21 11.90 54.60
CA CYS A 83 11.95 12.15 55.31
C CYS A 83 11.02 10.95 55.22
N GLY A 84 11.15 10.16 54.16
CA GLY A 84 10.33 8.98 53.98
C GLY A 84 10.84 7.80 54.78
N THR A 85 12.16 7.71 54.91
CA THR A 85 12.79 6.63 55.65
C THR A 85 12.72 6.87 57.17
N LEU A 86 12.99 8.10 57.58
CA LEU A 86 13.00 8.44 58.99
C LEU A 86 11.63 8.91 59.47
N HIS A 87 10.63 8.81 58.60
CA HIS A 87 9.27 9.20 58.96
C HIS A 87 9.18 10.62 59.48
N VAL A 88 10.08 11.48 59.02
CA VAL A 88 10.08 12.89 59.40
C VAL A 88 9.24 13.71 58.43
N SER A 89 8.39 14.57 58.97
CA SER A 89 7.54 15.42 58.14
C SER A 89 8.30 16.64 57.63
N PHE A 90 8.14 16.97 56.36
CA PHE A 90 8.84 18.08 55.74
C PHE A 90 7.87 19.01 55.02
N ILE A 91 7.68 20.21 55.56
CA ILE A 91 6.82 21.21 54.95
C ILE A 91 7.64 22.18 54.12
N THR A 92 7.24 22.38 52.87
CA THR A 92 8.00 23.23 51.96
C THR A 92 7.10 23.98 50.98
N PRO A 93 7.43 25.26 50.74
CA PRO A 93 6.73 26.09 49.75
C PRO A 93 7.27 25.86 48.34
N SER A 94 8.39 25.14 48.23
CA SER A 94 9.01 24.88 46.95
C SER A 94 8.09 24.13 45.99
N PHE A 95 8.56 23.92 44.77
CA PHE A 95 7.79 23.24 43.74
C PHE A 95 7.35 21.85 44.20
N PRO A 96 6.14 21.45 43.82
CA PRO A 96 5.59 20.12 44.17
C PRO A 96 6.46 18.99 43.63
N THR A 97 6.55 17.90 44.37
CA THR A 97 7.34 16.74 43.95
C THR A 97 6.65 16.01 42.80
N ASP A 98 7.47 15.54 41.85
CA ASP A 98 6.94 14.82 40.70
C ASP A 98 6.64 13.36 41.06
N GLY A 99 5.56 13.15 41.81
CA GLY A 99 5.16 11.83 42.23
C GLY A 99 4.41 11.83 43.55
N THR A 100 4.45 10.70 44.24
CA THR A 100 3.76 10.57 45.53
C THR A 100 4.74 10.23 46.65
N HIS A 101 5.42 11.26 47.16
CA HIS A 101 6.38 11.07 48.24
C HIS A 101 5.78 11.39 49.60
N PRO A 102 5.64 10.36 50.45
CA PRO A 102 5.06 10.49 51.79
C PRO A 102 5.91 11.36 52.70
N PHE A 103 5.31 11.85 53.79
CA PHE A 103 6.01 12.68 54.76
C PHE A 103 6.53 13.98 54.16
N VAL A 104 5.80 14.51 53.19
CA VAL A 104 6.15 15.78 52.57
C VAL A 104 4.91 16.64 52.36
N ILE A 105 4.90 17.83 52.96
CA ILE A 105 3.79 18.76 52.82
C ILE A 105 4.18 19.91 51.89
N GLN A 106 3.46 20.04 50.79
CA GLN A 106 3.79 21.04 49.77
C GLN A 106 2.80 22.20 49.75
N MET A 107 3.32 23.40 50.01
CA MET A 107 2.49 24.60 50.07
C MET A 107 2.11 25.12 48.69
N ARG A 108 2.95 24.84 47.70
CA ARG A 108 2.72 25.32 46.34
C ARG A 108 1.77 24.40 45.57
N PRO A 109 0.63 24.95 45.11
CA PRO A 109 -0.33 24.20 44.29
C PRO A 109 0.23 23.92 42.91
N ASP A 110 -0.28 22.89 42.25
CA ASP A 110 0.19 22.52 40.93
C ASP A 110 -0.35 23.49 39.87
N LEU A 111 0.57 24.17 39.18
CA LEU A 111 0.19 25.14 38.16
C LEU A 111 -0.04 24.48 36.80
N LYS A 112 0.51 23.27 36.64
CA LYS A 112 0.40 22.54 35.39
C LYS A 112 -1.00 22.58 34.80
N GLY A 113 -2.00 22.37 35.66
CA GLY A 113 -3.38 22.37 35.22
C GLY A 113 -3.86 23.73 34.76
N ALA A 114 -3.61 24.75 35.57
CA ALA A 114 -4.05 26.10 35.27
C ALA A 114 -3.44 26.63 33.98
N LEU A 115 -2.21 26.21 33.69
CA LEU A 115 -1.51 26.66 32.49
C LEU A 115 -2.18 26.09 31.25
N LEU A 116 -2.33 24.77 31.21
CA LEU A 116 -2.93 24.09 30.07
C LEU A 116 -4.32 24.64 29.75
N SER A 117 -5.07 24.98 30.80
CA SER A 117 -6.42 25.51 30.62
C SER A 117 -6.37 26.89 29.97
N LEU A 118 -5.40 27.69 30.38
CA LEU A 118 -5.26 29.05 29.85
C LEU A 118 -4.91 29.03 28.37
N ILE A 119 -4.07 28.08 27.98
CA ILE A 119 -3.66 27.95 26.58
C ILE A 119 -4.87 27.71 25.67
N GLU A 120 -5.76 26.82 26.10
CA GLU A 120 -6.96 26.51 25.34
C GLU A 120 -7.91 27.70 25.31
N TYR A 121 -7.93 28.47 26.38
CA TYR A 121 -8.80 29.66 26.45
C TYR A 121 -8.45 30.65 25.36
N TYR A 122 -7.16 30.95 25.22
CA TYR A 122 -6.70 31.86 24.17
C TYR A 122 -6.66 31.14 22.83
N GLN A 123 -6.95 29.84 22.84
CA GLN A 123 -6.97 29.04 21.62
C GLN A 123 -5.63 29.09 20.88
N TRP A 124 -4.57 28.68 21.57
CA TRP A 124 -3.23 28.66 20.99
C TRP A 124 -2.96 27.31 20.33
N ASP A 125 -2.36 27.35 19.14
CA ASP A 125 -2.00 26.13 18.42
C ASP A 125 -0.51 26.08 18.14
N LYS A 126 0.13 27.25 18.10
CA LYS A 126 1.56 27.34 17.89
C LYS A 126 2.16 28.43 18.77
N PHE A 127 3.01 28.02 19.71
CA PHE A 127 3.60 28.96 20.66
C PHE A 127 5.01 28.53 21.07
N ALA A 128 5.79 29.49 21.55
CA ALA A 128 7.13 29.22 22.05
C ALA A 128 7.09 29.02 23.57
N TYR A 129 7.84 28.04 24.05
CA TYR A 129 7.85 27.72 25.48
C TYR A 129 9.25 27.83 26.06
N LEU A 130 9.58 29.01 26.57
CA LEU A 130 10.88 29.23 27.20
C LEU A 130 10.82 28.77 28.65
N TYR A 131 11.59 27.73 28.98
CA TYR A 131 11.53 27.12 30.30
C TYR A 131 12.84 27.20 31.05
N ASP A 132 12.77 27.00 32.36
CA ASP A 132 13.95 26.99 33.22
C ASP A 132 13.96 25.68 34.01
N SER A 133 15.07 24.95 33.93
CA SER A 133 15.17 23.63 34.53
C SER A 133 15.31 23.67 36.05
N ASP A 134 15.08 24.84 36.64
CA ASP A 134 15.23 25.01 38.08
C ASP A 134 14.14 24.31 38.88
N ARG A 135 12.90 24.40 38.40
CA ARG A 135 11.75 23.81 39.09
C ARG A 135 11.31 22.50 38.46
N GLY A 136 12.24 21.83 37.77
CA GLY A 136 11.95 20.56 37.13
C GLY A 136 11.17 20.72 35.85
N LEU A 137 11.37 19.79 34.92
CA LEU A 137 10.68 19.82 33.64
C LEU A 137 9.29 19.20 33.75
N SER A 138 8.69 19.29 34.92
CA SER A 138 7.37 18.71 35.16
C SER A 138 6.32 19.40 34.30
N THR A 139 6.41 20.73 34.19
CA THR A 139 5.46 21.50 33.39
C THR A 139 5.80 21.41 31.90
N LEU A 140 7.08 21.24 31.60
CA LEU A 140 7.53 21.09 30.23
C LEU A 140 6.94 19.82 29.62
N GLN A 141 7.05 18.72 30.36
CA GLN A 141 6.47 17.45 29.91
C GLN A 141 4.96 17.59 29.75
N ALA A 142 4.35 18.41 30.61
CA ALA A 142 2.91 18.62 30.58
C ALA A 142 2.47 19.19 29.24
N VAL A 143 3.12 20.28 28.82
CA VAL A 143 2.75 20.95 27.57
C VAL A 143 3.16 20.12 26.35
N LEU A 144 4.25 19.37 26.46
CA LEU A 144 4.72 18.54 25.37
C LEU A 144 3.79 17.35 25.14
N ASP A 145 3.36 16.71 26.22
CA ASP A 145 2.44 15.59 26.13
C ASP A 145 1.08 16.04 25.61
N SER A 146 0.64 17.21 26.06
CA SER A 146 -0.64 17.77 25.62
C SER A 146 -0.55 18.26 24.19
N ALA A 147 0.67 18.58 23.75
CA ALA A 147 0.90 19.03 22.38
C ALA A 147 0.63 17.90 21.39
N ALA A 148 0.73 16.67 21.86
CA ALA A 148 0.44 15.51 21.03
C ALA A 148 -1.06 15.33 20.86
N GLU A 149 -1.79 15.45 21.96
CA GLU A 149 -3.24 15.27 21.95
C GLU A 149 -3.94 16.48 21.31
N LYS A 150 -3.72 17.65 21.88
CA LYS A 150 -4.35 18.87 21.40
C LYS A 150 -3.74 19.35 20.08
N LYS A 151 -2.70 18.65 19.64
CA LYS A 151 -2.02 18.98 18.39
C LYS A 151 -1.49 20.40 18.38
N TRP A 152 -0.43 20.64 19.14
CA TRP A 152 0.22 21.95 19.17
C TRP A 152 1.62 21.87 18.56
N GLN A 153 2.09 23.00 18.05
CA GLN A 153 3.46 23.10 17.54
C GLN A 153 4.31 23.91 18.53
N VAL A 154 4.74 23.25 19.59
CA VAL A 154 5.49 23.92 20.66
C VAL A 154 6.97 24.02 20.33
N THR A 155 7.54 25.21 20.57
CA THR A 155 8.97 25.41 20.38
C THR A 155 9.65 25.59 21.73
N ALA A 156 9.97 24.46 22.37
CA ALA A 156 10.58 24.49 23.69
C ALA A 156 12.05 24.88 23.62
N ILE A 157 12.44 25.84 24.46
CA ILE A 157 13.82 26.30 24.50
C ILE A 157 14.30 26.51 25.93
N ASN A 158 15.34 25.78 26.32
CA ASN A 158 15.90 25.91 27.66
C ASN A 158 16.65 27.23 27.84
N VAL A 159 15.96 28.20 28.43
CA VAL A 159 16.55 29.52 28.65
C VAL A 159 17.29 29.58 29.99
N GLY A 160 17.60 28.40 30.53
CA GLY A 160 18.23 28.30 31.83
C GLY A 160 19.75 28.28 31.80
N ASN A 161 20.32 27.40 30.98
CA ASN A 161 21.76 27.23 30.92
C ASN A 161 22.51 28.40 30.29
N ILE A 162 21.83 29.54 30.18
CA ILE A 162 22.44 30.72 29.60
C ILE A 162 23.42 31.38 30.57
N ASN A 163 24.71 31.32 30.26
CA ASN A 163 25.74 31.96 31.08
C ASN A 163 25.54 33.47 31.17
N ASN A 164 25.41 33.99 32.38
CA ASN A 164 25.01 35.39 32.59
C ASN A 164 26.09 36.48 32.38
N ASP A 165 27.35 36.07 32.24
CA ASP A 165 28.50 36.99 32.06
C ASP A 165 28.80 37.25 30.58
N LYS A 166 27.75 37.28 29.76
CA LYS A 166 27.88 37.42 28.31
C LYS A 166 26.55 37.01 27.67
N LYS A 167 25.47 37.07 28.46
CA LYS A 167 24.16 36.61 27.96
C LYS A 167 23.43 37.67 27.15
N ASP A 168 23.86 37.87 25.90
CA ASP A 168 23.26 38.87 25.04
C ASP A 168 23.26 38.38 23.60
N GLU A 169 24.40 37.84 23.17
CA GLU A 169 24.51 37.21 21.86
C GLU A 169 23.72 35.91 21.86
N THR A 170 23.24 35.51 23.03
CA THR A 170 22.43 34.32 23.18
C THR A 170 20.96 34.64 23.02
N TYR A 171 20.53 35.77 23.58
CA TYR A 171 19.15 36.22 23.44
C TYR A 171 18.85 36.68 22.02
N ARG A 172 19.83 37.32 21.39
CA ARG A 172 19.71 37.75 20.01
C ARG A 172 19.57 36.54 19.09
N SER A 173 20.28 35.47 19.45
CA SER A 173 20.22 34.23 18.69
C SER A 173 19.03 33.40 19.12
N LEU A 174 18.40 33.81 20.22
CA LEU A 174 17.21 33.12 20.73
C LEU A 174 15.96 33.57 19.98
N PHE A 175 15.79 34.88 19.85
CA PHE A 175 14.65 35.43 19.13
C PHE A 175 14.87 35.40 17.63
N GLN A 176 16.05 34.92 17.22
CA GLN A 176 16.35 34.72 15.81
C GLN A 176 15.70 33.42 15.34
N ASP A 177 15.64 32.45 16.24
CA ASP A 177 14.98 31.18 15.96
C ASP A 177 13.47 31.33 16.15
N LEU A 178 13.09 32.27 17.02
CA LEU A 178 11.68 32.56 17.27
C LEU A 178 11.12 33.50 16.21
N GLU A 179 11.89 33.68 15.13
CA GLU A 179 11.48 34.53 14.03
C GLU A 179 11.37 33.73 12.73
N LEU A 180 12.00 32.56 12.73
CA LEU A 180 11.91 31.66 11.58
C LEU A 180 10.46 31.24 11.37
N LYS A 181 9.74 31.04 12.47
CA LYS A 181 8.33 30.69 12.41
C LYS A 181 7.47 31.88 12.85
N LYS A 182 8.11 33.05 12.96
CA LYS A 182 7.42 34.27 13.34
C LYS A 182 6.60 34.08 14.61
N GLU A 183 7.23 33.49 15.64
CA GLU A 183 6.56 33.26 16.91
C GLU A 183 6.15 34.57 17.57
N ARG A 184 4.87 34.72 17.85
CA ARG A 184 4.35 35.92 18.49
C ARG A 184 3.74 35.61 19.85
N ARG A 185 3.68 34.32 20.18
CA ARG A 185 3.09 33.88 21.45
C ARG A 185 4.09 33.08 22.26
N VAL A 186 4.57 33.67 23.35
CA VAL A 186 5.61 33.05 24.17
C VAL A 186 5.11 32.76 25.59
N ILE A 187 5.53 31.61 26.13
CA ILE A 187 5.22 31.25 27.50
C ILE A 187 6.50 31.23 28.33
N LEU A 188 6.58 32.12 29.32
CA LEU A 188 7.76 32.21 30.17
C LEU A 188 7.60 31.40 31.44
N ASP A 189 8.21 30.22 31.47
CA ASP A 189 8.19 29.37 32.65
C ASP A 189 9.49 29.51 33.43
N CYS A 190 9.61 30.59 34.19
CA CYS A 190 10.84 30.88 34.92
C CYS A 190 10.55 31.44 36.30
N GLU A 191 11.63 31.69 37.06
CA GLU A 191 11.51 32.30 38.38
C GLU A 191 11.28 33.80 38.24
N ARG A 192 10.93 34.46 39.34
CA ARG A 192 10.66 35.89 39.33
C ARG A 192 11.84 36.70 38.81
N ASP A 193 13.04 36.11 38.88
CA ASP A 193 14.24 36.79 38.45
C ASP A 193 14.51 36.60 36.95
N LYS A 194 14.55 35.35 36.52
CA LYS A 194 14.80 35.03 35.12
C LYS A 194 13.74 35.66 34.22
N VAL A 195 12.58 35.96 34.79
CA VAL A 195 11.49 36.58 34.04
C VAL A 195 11.81 38.05 33.73
N ASN A 196 12.26 38.78 34.75
CA ASN A 196 12.61 40.18 34.56
C ASN A 196 13.74 40.36 33.55
N ASP A 197 14.68 39.42 33.55
CA ASP A 197 15.78 39.45 32.59
C ASP A 197 15.24 39.32 31.16
N ILE A 198 14.33 38.38 30.97
CA ILE A 198 13.72 38.18 29.66
C ILE A 198 12.86 39.37 29.26
N VAL A 199 12.02 39.83 30.19
CA VAL A 199 11.16 40.97 29.95
C VAL A 199 11.97 42.20 29.52
N ASP A 200 13.11 42.41 30.18
CA ASP A 200 13.99 43.52 29.84
C ASP A 200 14.54 43.38 28.42
N GLN A 201 14.99 42.17 28.08
CA GLN A 201 15.49 41.89 26.75
C GLN A 201 14.40 42.10 25.70
N VAL A 202 13.20 41.64 26.03
CA VAL A 202 12.05 41.76 25.14
C VAL A 202 11.79 43.22 24.76
N ILE A 203 11.87 44.10 25.76
CA ILE A 203 11.64 45.52 25.54
C ILE A 203 12.76 46.13 24.69
N THR A 204 13.98 45.68 24.94
CA THR A 204 15.14 46.18 24.22
C THR A 204 15.02 45.91 22.72
N ILE A 205 14.72 44.67 22.37
CA ILE A 205 14.56 44.28 20.97
C ILE A 205 13.22 44.75 20.41
N GLY A 206 12.36 45.25 21.29
CA GLY A 206 11.09 45.81 20.89
C GLY A 206 10.01 44.80 20.58
N LYS A 207 10.17 43.59 21.11
CA LYS A 207 9.16 42.55 20.92
C LYS A 207 8.11 42.57 22.03
N HIS A 208 7.78 43.77 22.48
CA HIS A 208 6.78 43.95 23.53
C HIS A 208 5.63 44.82 23.04
N VAL A 209 5.58 45.02 21.73
CA VAL A 209 4.54 45.84 21.12
C VAL A 209 3.32 44.99 20.75
N LYS A 210 2.27 45.65 20.28
CA LYS A 210 1.05 44.95 19.90
C LYS A 210 1.34 43.85 18.89
N GLY A 211 0.80 42.66 19.15
CA GLY A 211 1.01 41.53 18.27
C GLY A 211 1.61 40.36 19.02
N TYR A 212 2.35 40.66 20.09
CA TYR A 212 2.96 39.63 20.92
C TYR A 212 2.10 39.31 22.13
N HIS A 213 2.17 38.07 22.59
CA HIS A 213 1.38 37.64 23.75
C HIS A 213 2.24 36.77 24.66
N TYR A 214 2.50 37.26 25.87
CA TYR A 214 3.33 36.52 26.81
C TYR A 214 2.51 35.95 27.97
N ILE A 215 2.92 34.78 28.45
CA ILE A 215 2.28 34.15 29.59
C ILE A 215 3.31 33.78 30.65
N ILE A 216 3.26 34.46 31.79
CA ILE A 216 4.17 34.19 32.88
C ILE A 216 3.73 32.96 33.66
N ALA A 217 4.42 31.85 33.45
CA ALA A 217 4.05 30.58 34.06
C ALA A 217 4.55 30.43 35.50
N ASN A 218 4.02 31.27 36.39
CA ASN A 218 4.31 31.17 37.81
C ASN A 218 3.15 31.68 38.65
N LEU A 219 3.19 31.40 39.95
CA LEU A 219 2.11 31.77 40.85
C LEU A 219 2.27 33.20 41.34
N GLY A 220 3.28 33.90 40.83
CA GLY A 220 3.52 35.28 41.23
C GLY A 220 3.54 36.23 40.06
N PHE A 221 2.35 36.52 39.52
CA PHE A 221 2.24 37.40 38.35
C PHE A 221 2.53 38.85 38.72
N THR A 222 2.05 39.27 39.89
CA THR A 222 2.23 40.65 40.33
C THR A 222 3.50 40.79 41.18
N ASP A 223 4.23 39.69 41.33
CA ASP A 223 5.46 39.69 42.11
C ASP A 223 6.59 40.40 41.39
N GLY A 224 6.53 40.40 40.07
CA GLY A 224 7.56 41.02 39.25
C GLY A 224 7.16 42.40 38.76
N ASP A 225 8.11 43.14 38.22
CA ASP A 225 7.84 44.46 37.68
C ASP A 225 7.18 44.36 36.31
N LEU A 226 5.96 44.90 36.20
CA LEU A 226 5.21 44.85 34.95
C LEU A 226 5.05 46.22 34.32
N LEU A 227 5.38 47.26 35.09
CA LEU A 227 5.25 48.63 34.60
C LEU A 227 6.03 48.87 33.31
N LYS A 228 7.01 48.01 33.05
CA LYS A 228 7.85 48.16 31.87
C LYS A 228 7.18 47.65 30.59
N ILE A 229 6.66 46.43 30.64
CA ILE A 229 5.95 45.87 29.49
C ILE A 229 4.45 46.07 29.61
N GLN A 230 4.05 47.11 30.35
CA GLN A 230 2.64 47.40 30.57
C GLN A 230 2.08 48.30 29.49
N PHE A 231 2.87 49.25 29.03
CA PHE A 231 2.43 50.21 28.02
C PHE A 231 2.99 49.88 26.64
N GLY A 232 3.72 48.77 26.56
CA GLY A 232 4.32 48.34 25.30
C GLY A 232 3.28 48.04 24.23
N GLY A 233 2.21 47.36 24.61
CA GLY A 233 1.16 47.00 23.67
C GLY A 233 0.89 45.51 23.65
N ALA A 234 1.94 44.72 23.83
CA ALA A 234 1.82 43.28 23.85
C ALA A 234 1.02 42.81 25.07
N GLU A 235 0.08 41.91 24.84
CA GLU A 235 -0.73 41.39 25.92
C GLU A 235 0.06 40.43 26.81
N VAL A 236 -0.04 40.63 28.12
CA VAL A 236 0.66 39.78 29.08
C VAL A 236 -0.32 39.15 30.06
N SER A 237 -0.25 37.83 30.18
CA SER A 237 -1.12 37.11 31.11
C SER A 237 -0.28 36.32 32.10
N GLY A 238 -0.90 35.87 33.18
CA GLY A 238 -0.19 35.11 34.20
C GLY A 238 -1.10 34.54 35.26
N PHE A 239 -0.51 34.15 36.39
CA PHE A 239 -1.28 33.53 37.48
C PHE A 239 -0.94 34.17 38.82
N GLN A 240 -1.97 34.37 39.65
CA GLN A 240 -1.78 34.96 40.97
C GLN A 240 -2.42 34.06 42.04
N ILE A 241 -1.63 33.68 43.03
CA ILE A 241 -2.11 32.82 44.10
C ILE A 241 -2.47 33.64 45.35
N VAL A 242 -1.84 34.79 45.50
CA VAL A 242 -2.11 35.67 46.62
C VAL A 242 -3.11 36.75 46.23
N ASP A 243 -4.39 36.50 46.49
CA ASP A 243 -5.43 37.45 46.16
C ASP A 243 -5.45 38.62 47.12
N TYR A 244 -5.01 39.78 46.64
CA TYR A 244 -4.95 40.98 47.49
C TYR A 244 -6.33 41.61 47.68
N ASP A 245 -7.35 40.95 47.15
CA ASP A 245 -8.72 41.42 47.29
C ASP A 245 -9.43 40.77 48.48
N ASP A 246 -8.82 39.72 49.02
CA ASP A 246 -9.35 39.07 50.21
C ASP A 246 -9.10 39.95 51.44
N SER A 247 -10.13 40.14 52.25
CA SER A 247 -10.01 40.93 53.46
C SER A 247 -8.95 40.31 54.38
N LEU A 248 -8.75 39.01 54.25
CA LEU A 248 -7.73 38.31 55.03
C LEU A 248 -6.34 38.77 54.62
N VAL A 249 -6.07 38.75 53.33
CA VAL A 249 -4.78 39.18 52.80
C VAL A 249 -4.61 40.68 52.94
N SER A 250 -5.69 41.42 52.70
CA SER A 250 -5.68 42.87 52.80
C SER A 250 -5.27 43.31 54.20
N LYS A 251 -5.72 42.58 55.21
CA LYS A 251 -5.39 42.88 56.60
C LYS A 251 -3.93 42.56 56.88
N PHE A 252 -3.43 41.49 56.26
CA PHE A 252 -2.04 41.08 56.43
C PHE A 252 -1.10 42.16 55.92
N ILE A 253 -1.40 42.69 54.73
CA ILE A 253 -0.58 43.72 54.11
C ILE A 253 -0.58 45.00 54.95
N GLU A 254 -1.72 45.30 55.57
CA GLU A 254 -1.84 46.49 56.41
C GLU A 254 -0.77 46.52 57.49
N ARG A 255 -0.42 45.35 58.00
CA ARG A 255 0.59 45.24 59.05
C ARG A 255 1.97 44.93 58.45
N TRP A 256 1.98 44.23 57.33
CA TRP A 256 3.22 43.85 56.66
C TRP A 256 3.92 45.08 56.08
N SER A 257 3.16 45.91 55.37
CA SER A 257 3.72 47.08 54.70
C SER A 257 4.29 48.10 55.67
N THR A 258 3.92 47.99 56.93
CA THR A 258 4.35 48.95 57.95
C THR A 258 5.58 48.47 58.73
N LEU A 259 5.77 47.15 58.76
CA LEU A 259 6.88 46.56 59.49
C LEU A 259 8.21 47.21 59.13
N GLU A 260 9.11 47.31 60.12
CA GLU A 260 10.41 47.91 59.91
C GLU A 260 11.26 47.04 58.99
N GLU A 261 11.76 47.64 57.91
CA GLU A 261 12.54 46.91 56.92
C GLU A 261 13.92 46.53 57.47
N LYS A 262 14.31 47.16 58.57
CA LYS A 262 15.59 46.87 59.20
C LYS A 262 15.58 45.49 59.86
N GLU A 263 14.59 45.26 60.71
CA GLU A 263 14.46 43.97 61.39
C GLU A 263 13.85 42.92 60.46
N TYR A 264 12.93 43.35 59.62
CA TYR A 264 12.29 42.45 58.66
C TYR A 264 12.69 42.83 57.23
N PRO A 265 13.78 42.23 56.74
CA PRO A 265 14.32 42.50 55.39
C PRO A 265 13.27 42.29 54.30
N GLY A 266 13.22 43.24 53.36
CA GLY A 266 12.28 43.16 52.24
C GLY A 266 10.85 42.88 52.68
N ALA A 267 10.39 43.62 53.68
CA ALA A 267 9.04 43.43 54.21
C ALA A 267 8.26 44.74 54.28
N HIS A 268 8.85 45.81 53.75
CA HIS A 268 8.20 47.11 53.79
C HIS A 268 7.56 47.45 52.45
N THR A 269 6.76 46.51 51.93
CA THR A 269 6.08 46.71 50.65
C THR A 269 4.60 46.36 50.75
N ALA A 270 3.84 46.75 49.73
CA ALA A 270 2.40 46.47 49.71
C ALA A 270 2.10 45.11 49.11
N THR A 271 3.13 44.46 48.57
CA THR A 271 2.97 43.14 47.97
C THR A 271 3.90 42.12 48.63
N ILE A 272 3.77 40.86 48.24
CA ILE A 272 4.59 39.79 48.80
C ILE A 272 4.73 38.63 47.83
N LYS A 273 5.96 38.14 47.68
CA LYS A 273 6.24 37.01 46.81
C LYS A 273 5.43 35.79 47.25
N TYR A 274 4.94 35.02 46.29
CA TYR A 274 4.11 33.86 46.60
C TYR A 274 4.87 32.83 47.43
N THR A 275 6.19 32.78 47.26
CA THR A 275 7.03 31.89 48.04
C THR A 275 7.01 32.29 49.52
N SER A 276 7.04 33.60 49.76
CA SER A 276 7.01 34.12 51.12
C SER A 276 5.62 33.93 51.73
N ALA A 277 4.59 34.17 50.93
CA ALA A 277 3.21 34.02 51.40
C ALA A 277 2.92 32.59 51.81
N LEU A 278 3.51 31.63 51.09
CA LEU A 278 3.33 30.22 51.42
C LEU A 278 4.06 29.88 52.70
N THR A 279 5.19 30.53 52.94
CA THR A 279 5.95 30.32 54.17
C THR A 279 5.11 30.72 55.38
N TYR A 280 4.45 31.87 55.28
CA TYR A 280 3.57 32.35 56.34
C TYR A 280 2.42 31.38 56.57
N ASP A 281 1.84 30.88 55.48
CA ASP A 281 0.75 29.92 55.55
C ASP A 281 1.24 28.58 56.09
N ALA A 282 2.52 28.31 55.91
CA ALA A 282 3.12 27.07 56.40
C ALA A 282 3.12 27.03 57.91
N VAL A 283 3.46 28.15 58.53
CA VAL A 283 3.47 28.27 59.98
C VAL A 283 2.08 27.98 60.54
N GLN A 284 1.06 28.51 59.89
CA GLN A 284 -0.32 28.32 60.32
C GLN A 284 -0.72 26.84 60.26
N VAL A 285 -0.25 26.15 59.22
CA VAL A 285 -0.55 24.73 59.05
C VAL A 285 0.11 23.90 60.14
N MET A 286 1.35 24.23 60.48
CA MET A 286 2.09 23.51 61.50
C MET A 286 1.50 23.75 62.88
N THR A 287 0.95 24.93 63.08
CA THR A 287 0.31 25.27 64.35
C THR A 287 -0.98 24.49 64.54
N GLU A 288 -1.85 24.55 63.54
CA GLU A 288 -3.13 23.85 63.58
C GLU A 288 -2.93 22.34 63.68
N ALA A 289 -1.81 21.86 63.15
CA ALA A 289 -1.50 20.44 63.17
C ALA A 289 -1.11 19.97 64.57
N PHE A 290 -0.20 20.70 65.19
CA PHE A 290 0.26 20.36 66.53
C PHE A 290 -0.84 20.62 67.56
N ARG A 291 -1.81 21.44 67.18
CA ARG A 291 -2.93 21.77 68.05
C ARG A 291 -3.98 20.67 68.01
N ASN A 292 -4.17 20.08 66.83
CA ASN A 292 -5.12 18.98 66.66
C ASN A 292 -4.62 17.69 67.30
N LEU A 293 -3.35 17.68 67.68
CA LEU A 293 -2.76 16.53 68.36
C LEU A 293 -2.93 16.63 69.86
N ARG A 294 -2.94 17.86 70.37
CA ARG A 294 -3.16 18.10 71.80
C ARG A 294 -4.62 17.84 72.16
N LYS A 295 -5.52 18.32 71.32
CA LYS A 295 -6.96 18.16 71.55
C LYS A 295 -7.41 16.73 71.25
N GLN A 296 -6.55 15.97 70.57
CA GLN A 296 -6.87 14.58 70.25
C GLN A 296 -6.27 13.62 71.26
N ARG A 297 -5.63 14.17 72.28
CA ARG A 297 -5.00 13.38 73.34
C ARG A 297 -4.00 12.39 72.78
N ILE A 298 -3.09 12.88 71.95
CA ILE A 298 -2.07 12.03 71.34
C ILE A 298 -0.67 12.42 71.81
N GLU A 299 -0.03 11.52 72.55
CA GLU A 299 1.32 11.76 73.04
C GLU A 299 2.36 11.40 71.98
N ILE A 300 3.24 12.35 71.68
CA ILE A 300 4.25 12.15 70.66
C ILE A 300 5.61 12.68 71.11
N SER A 301 5.62 13.33 72.27
CA SER A 301 6.81 14.03 72.75
C SER A 301 8.02 13.11 72.93
N ARG A 302 9.21 13.68 72.76
CA ARG A 302 10.45 12.95 72.94
C ARG A 302 11.56 13.89 73.39
N ARG A 303 12.81 13.46 73.20
CA ARG A 303 13.96 14.27 73.59
C ARG A 303 14.92 14.46 72.43
N GLY A 304 16.04 15.14 72.69
CA GLY A 304 17.04 15.37 71.67
C GLY A 304 18.04 14.23 71.58
N ASN A 305 17.54 13.00 71.51
CA ASN A 305 18.39 11.82 71.42
C ASN A 305 17.88 10.81 70.41
N ALA A 306 17.27 11.29 69.33
CA ALA A 306 16.85 10.46 68.22
C ALA A 306 18.03 9.66 67.68
N GLY A 307 19.23 10.14 67.93
CA GLY A 307 20.44 9.47 67.49
C GLY A 307 20.87 9.92 66.10
N ASP A 308 21.94 9.30 65.60
CA ASP A 308 22.45 9.62 64.27
C ASP A 308 21.50 9.13 63.20
N CYS A 309 21.23 9.96 62.21
CA CYS A 309 20.30 9.62 61.13
C CYS A 309 20.83 8.49 60.26
N LEU A 310 22.14 8.31 60.24
CA LEU A 310 22.76 7.25 59.46
C LEU A 310 22.72 5.92 60.20
N ALA A 311 22.06 5.90 61.35
CA ALA A 311 21.95 4.69 62.16
C ALA A 311 21.46 3.52 61.33
N ASN A 312 22.18 2.40 61.42
CA ASN A 312 21.84 1.20 60.66
C ASN A 312 21.76 -0.02 61.56
N PRO A 313 20.60 -0.71 61.55
CA PRO A 313 19.42 -0.36 60.75
C PRO A 313 18.73 0.91 61.24
N ALA A 314 18.16 1.66 60.30
CA ALA A 314 17.44 2.88 60.64
C ALA A 314 16.01 2.57 61.09
N VAL A 315 15.69 2.93 62.33
CA VAL A 315 14.37 2.68 62.88
C VAL A 315 13.55 3.97 62.99
N PRO A 316 12.43 4.02 62.26
CA PRO A 316 11.52 5.17 62.26
C PRO A 316 10.72 5.25 63.56
N TRP A 317 10.72 6.40 64.21
CA TRP A 317 9.96 6.59 65.44
C TRP A 317 8.47 6.71 65.14
N GLY A 318 7.68 5.79 65.70
CA GLY A 318 6.27 5.70 65.40
C GLY A 318 5.48 6.99 65.60
N GLN A 319 5.99 7.88 66.45
CA GLN A 319 5.31 9.13 66.73
C GLN A 319 5.24 10.03 65.50
N GLY A 320 6.06 9.72 64.50
CA GLY A 320 6.09 10.49 63.27
C GLY A 320 4.89 10.25 62.38
N VAL A 321 4.37 9.04 62.42
CA VAL A 321 3.21 8.66 61.61
C VAL A 321 2.00 9.53 61.97
N GLU A 322 1.89 9.88 63.24
CA GLU A 322 0.77 10.70 63.72
C GLU A 322 0.95 12.17 63.34
N ILE A 323 2.19 12.63 63.35
CA ILE A 323 2.48 14.02 62.99
C ILE A 323 2.13 14.28 61.53
N GLU A 324 2.26 13.24 60.71
CA GLU A 324 1.90 13.35 59.29
C GLU A 324 0.39 13.43 59.12
N ARG A 325 -0.32 12.52 59.78
CA ARG A 325 -1.78 12.48 59.70
C ARG A 325 -2.39 13.76 60.27
N ALA A 326 -1.60 14.53 60.99
CA ALA A 326 -2.06 15.79 61.57
C ALA A 326 -1.95 16.92 60.56
N LEU A 327 -0.75 17.12 60.03
CA LEU A 327 -0.51 18.17 59.05
C LEU A 327 -1.39 17.98 57.81
N LYS A 328 -1.50 16.75 57.35
CA LYS A 328 -2.30 16.44 56.16
C LYS A 328 -3.79 16.60 56.40
N GLN A 329 -4.19 16.59 57.67
CA GLN A 329 -5.59 16.73 58.03
C GLN A 329 -5.99 18.19 58.24
N VAL A 330 -4.97 19.05 58.35
CA VAL A 330 -5.19 20.48 58.57
C VAL A 330 -6.00 21.10 57.43
N GLN A 331 -6.86 22.04 57.77
CA GLN A 331 -7.64 22.77 56.77
C GLN A 331 -8.06 24.14 57.29
N VAL A 332 -7.26 25.14 57.00
CA VAL A 332 -7.54 26.50 57.43
C VAL A 332 -7.53 27.47 56.25
N GLU A 333 -7.78 28.75 56.53
CA GLU A 333 -7.78 29.77 55.49
C GLU A 333 -6.55 30.64 55.60
N GLY A 334 -5.80 30.77 54.50
CA GLY A 334 -4.58 31.55 54.49
C GLY A 334 -4.50 32.53 53.35
N LEU A 335 -3.33 33.11 53.15
CA LEU A 335 -3.11 34.08 52.08
C LEU A 335 -3.30 33.45 50.71
N SER A 336 -2.98 32.16 50.60
CA SER A 336 -3.10 31.45 49.33
C SER A 336 -4.42 30.71 49.22
N GLY A 337 -5.50 31.36 49.65
CA GLY A 337 -6.83 30.78 49.55
C GLY A 337 -7.04 29.62 50.50
N ASN A 338 -8.05 28.81 50.22
CA ASN A 338 -8.37 27.65 51.04
C ASN A 338 -7.27 26.60 51.01
N ILE A 339 -6.75 26.25 52.18
CA ILE A 339 -5.67 25.27 52.28
C ILE A 339 -6.18 23.89 52.69
N LYS A 340 -6.00 22.92 51.80
CA LYS A 340 -6.39 21.54 52.08
C LYS A 340 -5.38 20.58 51.46
N PHE A 341 -5.30 19.36 52.00
CA PHE A 341 -4.33 18.39 51.53
C PHE A 341 -4.95 17.02 51.30
N ASP A 342 -4.27 16.18 50.52
CA ASP A 342 -4.68 14.81 50.33
C ASP A 342 -3.76 13.88 51.12
N GLN A 343 -3.91 12.58 50.93
CA GLN A 343 -3.13 11.60 51.68
C GLN A 343 -1.63 11.71 51.41
N ASN A 344 -1.28 12.32 50.27
CA ASN A 344 0.11 12.43 49.88
C ASN A 344 0.79 13.70 50.39
N GLY A 345 0.11 14.84 50.23
CA GLY A 345 0.64 16.11 50.68
C GLY A 345 0.39 17.22 49.67
N LYS A 346 -0.03 16.85 48.48
CA LYS A 346 -0.35 17.83 47.44
C LYS A 346 -1.63 18.58 47.79
N ARG A 347 -1.61 19.89 47.63
CA ARG A 347 -2.77 20.71 47.96
C ARG A 347 -3.96 20.43 47.03
N ILE A 348 -5.16 20.51 47.60
CA ILE A 348 -6.38 20.28 46.83
C ILE A 348 -7.43 21.33 47.17
N ASN A 349 -8.50 21.37 46.38
CA ASN A 349 -9.58 22.32 46.57
C ASN A 349 -9.05 23.75 46.70
N TYR A 350 -8.12 24.12 45.82
CA TYR A 350 -7.53 25.44 45.83
C TYR A 350 -8.01 26.28 44.66
N THR A 351 -7.62 27.55 44.63
CA THR A 351 -8.05 28.45 43.58
C THR A 351 -6.90 29.32 43.08
N ILE A 352 -6.69 29.32 41.76
CA ILE A 352 -5.65 30.13 41.14
C ILE A 352 -6.27 31.16 40.20
N ASN A 353 -6.15 32.44 40.54
CA ASN A 353 -6.72 33.51 39.73
C ASN A 353 -5.94 33.75 38.45
N ILE A 354 -6.65 33.77 37.32
CA ILE A 354 -6.04 34.07 36.04
C ILE A 354 -5.97 35.58 35.84
N MET A 355 -4.78 36.09 35.53
CA MET A 355 -4.56 37.52 35.43
C MET A 355 -4.20 37.98 34.02
N GLU A 356 -4.65 39.17 33.66
CA GLU A 356 -4.27 39.81 32.42
C GLU A 356 -3.77 41.22 32.71
N LEU A 357 -2.76 41.66 31.96
CA LEU A 357 -2.19 42.99 32.16
C LEU A 357 -2.79 44.01 31.19
N LYS A 358 -3.60 44.92 31.72
CA LYS A 358 -4.21 45.96 30.91
C LYS A 358 -3.46 47.28 31.06
N THR A 359 -4.04 48.36 30.54
CA THR A 359 -3.41 49.67 30.60
C THR A 359 -3.40 50.22 32.02
N ASN A 360 -4.49 50.02 32.74
CA ASN A 360 -4.60 50.50 34.11
C ASN A 360 -3.88 49.60 35.11
N GLY A 361 -3.36 48.48 34.63
CA GLY A 361 -2.65 47.54 35.48
C GLY A 361 -3.26 46.16 35.43
N PRO A 362 -2.70 45.22 36.22
CA PRO A 362 -3.17 43.84 36.29
C PRO A 362 -4.65 43.77 36.63
N ARG A 363 -5.34 42.73 36.17
CA ARG A 363 -6.76 42.58 36.42
C ARG A 363 -7.19 41.11 36.32
N LYS A 364 -7.86 40.62 37.35
CA LYS A 364 -8.34 39.24 37.37
C LYS A 364 -9.50 39.05 36.39
N ILE A 365 -9.32 38.12 35.46
CA ILE A 365 -10.35 37.83 34.46
C ILE A 365 -11.08 36.55 34.77
N GLY A 366 -10.67 35.87 35.84
CA GLY A 366 -11.28 34.63 36.25
C GLY A 366 -10.38 33.82 37.18
N TYR A 367 -10.79 32.59 37.46
CA TYR A 367 -10.02 31.72 38.34
C TYR A 367 -9.96 30.29 37.78
N TRP A 368 -9.18 29.45 38.44
CA TRP A 368 -9.05 28.05 38.01
C TRP A 368 -9.20 27.11 39.19
N SER A 369 -10.19 26.24 39.13
CA SER A 369 -10.41 25.24 40.16
C SER A 369 -10.02 23.86 39.65
N GLU A 370 -9.48 23.03 40.53
CA GLU A 370 -9.07 21.67 40.14
C GLU A 370 -10.26 20.84 39.71
N VAL A 371 -11.46 21.32 40.00
CA VAL A 371 -12.68 20.57 39.71
C VAL A 371 -13.57 21.29 38.69
N ASP A 372 -13.36 22.59 38.53
CA ASP A 372 -14.18 23.39 37.63
C ASP A 372 -13.38 23.97 36.47
N LYS A 373 -12.09 23.61 36.40
CA LYS A 373 -11.21 24.15 35.38
C LYS A 373 -11.23 25.68 35.43
N MET A 374 -11.20 26.31 34.27
CA MET A 374 -11.21 27.77 34.20
C MET A 374 -12.64 28.33 34.19
N VAL A 375 -12.84 29.37 34.98
CA VAL A 375 -14.14 30.04 35.06
C VAL A 375 -13.96 31.56 35.07
N LEU A 376 -14.45 32.21 34.03
CA LEU A 376 -14.29 33.65 33.90
C LEU A 376 -15.27 34.43 34.78
N THR A 377 -14.80 35.53 35.35
CA THR A 377 -15.65 36.42 36.13
C THR A 377 -15.95 37.68 35.33
N GLU A 378 -17.21 37.82 34.92
CA GLU A 378 -17.62 38.95 34.07
C GLU A 378 -17.47 40.29 34.78
N LYS A 393 -16.67 56.37 14.51
CA LYS A 393 -17.78 57.21 13.96
C LYS A 393 -17.61 57.39 12.46
N THR A 394 -16.67 58.25 12.07
CA THR A 394 -16.39 58.48 10.65
C THR A 394 -15.70 57.28 10.06
N VAL A 395 -16.30 56.72 9.02
CA VAL A 395 -15.79 55.56 8.33
C VAL A 395 -14.58 55.91 7.46
N VAL A 396 -13.46 55.24 7.70
CA VAL A 396 -12.25 55.48 6.93
C VAL A 396 -12.28 54.57 5.70
N VAL A 397 -12.31 55.19 4.54
CA VAL A 397 -12.37 54.48 3.27
C VAL A 397 -11.00 54.39 2.62
N THR A 398 -10.55 53.17 2.37
CA THR A 398 -9.27 53.01 1.67
C THR A 398 -9.59 52.84 0.19
N THR A 399 -8.85 53.55 -0.65
CA THR A 399 -9.06 53.45 -2.08
C THR A 399 -7.72 53.61 -2.79
N ILE A 400 -7.73 53.60 -4.13
CA ILE A 400 -6.50 53.67 -4.89
C ILE A 400 -6.58 54.69 -6.05
N LEU A 401 -5.48 55.40 -6.28
CA LEU A 401 -5.42 56.37 -7.37
C LEU A 401 -5.27 55.56 -8.65
N GLU A 402 -6.40 55.26 -9.27
CA GLU A 402 -6.48 54.46 -10.47
C GLU A 402 -7.54 55.11 -11.34
N SER A 403 -7.19 55.60 -12.52
CA SER A 403 -8.20 56.24 -13.35
C SER A 403 -9.12 55.25 -14.05
N PRO A 404 -10.42 55.58 -14.18
CA PRO A 404 -11.11 56.80 -13.75
C PRO A 404 -11.83 56.64 -12.42
N TYR A 405 -11.42 55.65 -11.63
CA TYR A 405 -12.07 55.37 -10.34
C TYR A 405 -11.84 56.47 -9.30
N VAL A 406 -10.59 56.86 -9.13
CA VAL A 406 -10.20 57.92 -8.20
C VAL A 406 -9.02 58.68 -8.81
N MET A 407 -9.18 60.00 -8.93
CA MET A 407 -8.18 60.87 -9.50
C MET A 407 -8.11 62.17 -8.71
N MET A 408 -6.96 62.82 -8.76
CA MET A 408 -6.82 64.09 -8.07
C MET A 408 -7.51 65.17 -8.91
N LYS A 409 -8.37 65.96 -8.28
CA LYS A 409 -9.04 67.06 -8.99
C LYS A 409 -7.95 68.06 -9.41
N LYS A 410 -8.15 68.69 -10.56
CA LYS A 410 -7.20 69.67 -11.07
C LYS A 410 -6.78 70.70 -10.06
N ASN A 411 -7.72 71.15 -9.23
CA ASN A 411 -7.45 72.16 -8.21
C ASN A 411 -7.47 71.58 -6.78
N HIS A 412 -7.05 70.33 -6.64
CA HIS A 412 -7.09 69.66 -5.33
C HIS A 412 -6.36 70.38 -4.20
N GLU A 413 -5.25 71.05 -4.50
CA GLU A 413 -4.49 71.76 -3.47
C GLU A 413 -5.29 72.88 -2.81
N MET A 414 -6.35 73.32 -3.48
CA MET A 414 -7.23 74.37 -2.98
C MET A 414 -8.48 73.82 -2.29
N LEU A 415 -8.63 72.49 -2.29
CA LEU A 415 -9.80 71.83 -1.70
C LEU A 415 -9.44 71.01 -0.45
N GLU A 416 -10.43 70.64 0.35
CA GLU A 416 -10.19 69.88 1.57
C GLU A 416 -10.87 68.51 1.56
N GLY A 417 -10.26 67.57 2.28
CA GLY A 417 -10.79 66.22 2.44
C GLY A 417 -11.26 65.46 1.21
N ASN A 418 -12.50 64.99 1.29
CA ASN A 418 -13.10 64.23 0.21
C ASN A 418 -13.24 64.99 -1.10
N GLU A 419 -13.28 66.33 -1.00
CA GLU A 419 -13.42 67.20 -2.16
C GLU A 419 -12.18 67.27 -3.05
N ARG A 420 -11.06 66.71 -2.60
CA ARG A 420 -9.84 66.72 -3.38
C ARG A 420 -9.85 65.70 -4.51
N TYR A 421 -10.76 64.74 -4.44
CA TYR A 421 -10.79 63.66 -5.43
C TYR A 421 -12.05 63.62 -6.27
N GLU A 422 -11.97 62.94 -7.39
CA GLU A 422 -13.12 62.75 -8.27
C GLU A 422 -12.98 61.40 -9.01
N GLY A 423 -14.09 60.86 -9.45
CA GLY A 423 -14.05 59.60 -10.17
C GLY A 423 -15.24 58.71 -9.92
N TYR A 424 -15.30 57.60 -10.62
CA TYR A 424 -16.39 56.64 -10.48
C TYR A 424 -16.54 56.20 -9.00
N CYS A 425 -15.43 55.79 -8.38
CA CYS A 425 -15.45 55.35 -6.98
C CYS A 425 -15.70 56.45 -5.97
N VAL A 426 -15.36 57.68 -6.34
CA VAL A 426 -15.61 58.85 -5.49
C VAL A 426 -17.14 59.05 -5.48
N ASP A 427 -17.75 58.97 -6.67
CA ASP A 427 -19.20 59.10 -6.81
C ASP A 427 -19.90 57.93 -6.11
N LEU A 428 -19.36 56.74 -6.25
CA LEU A 428 -19.95 55.56 -5.62
C LEU A 428 -19.86 55.61 -4.08
N ALA A 429 -18.71 56.07 -3.56
CA ALA A 429 -18.50 56.19 -2.11
C ALA A 429 -19.53 57.13 -1.48
N ALA A 430 -19.78 58.27 -2.13
CA ALA A 430 -20.75 59.22 -1.63
C ALA A 430 -22.13 58.58 -1.55
N GLU A 431 -22.48 57.80 -2.58
CA GLU A 431 -23.78 57.13 -2.61
C GLU A 431 -23.91 55.99 -1.59
N ILE A 432 -22.88 55.14 -1.49
CA ILE A 432 -22.89 54.04 -0.53
C ILE A 432 -23.04 54.65 0.87
N ALA A 433 -22.29 55.72 1.14
CA ALA A 433 -22.36 56.39 2.43
C ALA A 433 -23.76 56.97 2.75
N LYS A 434 -24.42 57.60 1.76
CA LYS A 434 -25.76 58.15 1.98
C LYS A 434 -26.77 57.03 2.28
N HIS A 435 -26.71 55.97 1.48
CA HIS A 435 -27.63 54.85 1.65
C HIS A 435 -27.40 53.99 2.86
N CYS A 436 -26.19 54.05 3.42
CA CYS A 436 -25.88 53.28 4.60
C CYS A 436 -25.92 54.14 5.84
N GLY A 437 -26.06 55.44 5.62
CA GLY A 437 -26.13 56.39 6.71
C GLY A 437 -24.86 56.64 7.51
N PHE A 438 -23.72 56.78 6.84
CA PHE A 438 -22.48 57.03 7.57
C PHE A 438 -21.64 58.14 6.96
N LYS A 439 -20.81 58.76 7.82
CA LYS A 439 -19.89 59.80 7.38
C LYS A 439 -18.62 59.05 7.08
N TYR A 440 -17.82 59.57 6.15
CA TYR A 440 -16.61 58.86 5.76
C TYR A 440 -15.49 59.80 5.39
N LYS A 441 -14.31 59.21 5.30
CA LYS A 441 -13.10 59.92 4.95
C LYS A 441 -12.33 59.08 3.93
N LEU A 442 -12.17 59.60 2.72
CA LEU A 442 -11.41 58.91 1.68
C LEU A 442 -9.91 59.01 1.97
N THR A 443 -9.21 57.89 1.84
CA THR A 443 -7.77 57.86 2.05
C THR A 443 -7.17 56.97 0.97
N ILE A 444 -6.07 57.41 0.37
CA ILE A 444 -5.42 56.64 -0.67
C ILE A 444 -4.49 55.64 -0.01
N VAL A 445 -4.63 54.37 -0.37
CA VAL A 445 -3.80 53.30 0.18
C VAL A 445 -2.30 53.69 0.12
N GLY A 446 -1.64 53.64 1.27
CA GLY A 446 -0.24 54.03 1.38
C GLY A 446 0.77 53.41 0.45
N ASP A 447 0.70 52.10 0.22
CA ASP A 447 1.66 51.46 -0.66
C ASP A 447 1.22 51.43 -2.12
N GLY A 448 0.05 52.01 -2.40
CA GLY A 448 -0.46 52.06 -3.76
C GLY A 448 -0.75 50.72 -4.42
N LYS A 449 -0.98 49.68 -3.61
CA LYS A 449 -1.27 48.34 -4.15
C LYS A 449 -2.69 47.88 -3.87
N TYR A 450 -3.14 46.87 -4.61
CA TYR A 450 -4.49 46.33 -4.46
C TYR A 450 -4.58 45.40 -3.24
N GLY A 451 -3.67 44.43 -3.17
CA GLY A 451 -3.69 43.52 -2.04
C GLY A 451 -3.28 42.10 -2.35
N ALA A 452 -2.18 41.67 -1.76
CA ALA A 452 -1.68 40.32 -1.95
C ALA A 452 -0.99 39.88 -0.66
N ARG A 453 -0.98 38.59 -0.40
CA ARG A 453 -0.34 38.06 0.78
C ARG A 453 1.08 37.62 0.44
N ASP A 454 2.06 38.20 1.12
CA ASP A 454 3.46 37.85 0.89
C ASP A 454 3.69 36.39 1.29
N ALA A 455 4.12 35.58 0.33
CA ALA A 455 4.44 34.17 0.58
C ALA A 455 5.79 34.26 1.28
N ASP A 456 5.78 34.12 2.61
CA ASP A 456 7.01 34.22 3.37
C ASP A 456 6.70 34.93 4.67
N THR A 457 6.47 36.25 4.62
CA THR A 457 6.12 37.02 5.82
C THR A 457 4.63 36.86 6.14
N LYS A 458 3.87 36.34 5.16
CA LYS A 458 2.42 36.12 5.27
C LYS A 458 1.58 37.37 5.52
N ILE A 459 2.22 38.52 5.38
CA ILE A 459 1.57 39.80 5.57
C ILE A 459 0.83 40.26 4.31
N TRP A 460 -0.36 40.79 4.51
CA TRP A 460 -1.20 41.30 3.43
C TRP A 460 -0.86 42.78 3.17
N ASN A 461 -0.64 43.12 1.91
CA ASN A 461 -0.34 44.49 1.55
C ASN A 461 -1.56 45.14 0.86
N GLY A 462 -1.38 46.37 0.37
CA GLY A 462 -2.43 47.07 -0.34
C GLY A 462 -3.70 47.39 0.43
N MET A 463 -4.79 47.55 -0.31
CA MET A 463 -6.08 47.86 0.32
C MET A 463 -6.57 46.70 1.20
N VAL A 464 -6.32 45.47 0.77
CA VAL A 464 -6.71 44.31 1.53
C VAL A 464 -6.02 44.36 2.89
N GLY A 465 -4.73 44.68 2.90
CA GLY A 465 -3.99 44.78 4.16
C GLY A 465 -4.55 45.85 5.08
N GLU A 466 -4.92 47.00 4.53
CA GLU A 466 -5.48 48.07 5.34
C GLU A 466 -6.74 47.60 6.07
N LEU A 467 -7.52 46.73 5.45
CA LEU A 467 -8.74 46.22 6.05
C LEU A 467 -8.41 45.15 7.07
N VAL A 468 -7.50 44.25 6.70
CA VAL A 468 -7.09 43.13 7.53
C VAL A 468 -6.47 43.56 8.86
N TYR A 469 -5.65 44.62 8.81
CA TYR A 469 -4.99 45.11 10.01
C TYR A 469 -5.75 46.25 10.68
N GLY A 470 -6.96 46.52 10.21
CA GLY A 470 -7.80 47.54 10.80
C GLY A 470 -7.45 49.00 10.60
N LYS A 471 -6.68 49.30 9.55
CA LYS A 471 -6.29 50.68 9.26
C LYS A 471 -7.43 51.38 8.52
N ALA A 472 -8.30 50.60 7.87
CA ALA A 472 -9.44 51.15 7.15
C ALA A 472 -10.68 50.31 7.47
N ASP A 473 -11.85 50.94 7.38
CA ASP A 473 -13.13 50.30 7.66
C ASP A 473 -13.84 49.73 6.45
N ILE A 474 -13.44 50.19 5.26
CA ILE A 474 -14.09 49.75 4.03
C ILE A 474 -13.18 50.18 2.86
N ALA A 475 -13.25 49.42 1.78
CA ALA A 475 -12.48 49.72 0.57
C ALA A 475 -13.50 49.85 -0.55
N ILE A 476 -13.49 51.00 -1.21
CA ILE A 476 -14.39 51.29 -2.32
C ILE A 476 -13.43 51.63 -3.46
N ALA A 477 -13.13 50.60 -4.25
CA ALA A 477 -12.14 50.64 -5.32
C ALA A 477 -12.39 49.52 -6.31
N PRO A 478 -11.64 49.50 -7.44
CA PRO A 478 -11.80 48.43 -8.43
C PRO A 478 -11.05 47.18 -7.91
N LEU A 479 -11.48 46.71 -6.74
CA LEU A 479 -10.89 45.57 -6.04
C LEU A 479 -11.62 44.29 -6.43
N THR A 480 -10.90 43.38 -7.07
CA THR A 480 -11.46 42.14 -7.55
C THR A 480 -11.78 41.12 -6.46
N ILE A 481 -13.00 40.59 -6.54
CA ILE A 481 -13.48 39.56 -5.62
C ILE A 481 -12.75 38.28 -5.99
N THR A 482 -11.90 37.78 -5.10
CA THR A 482 -11.15 36.55 -5.37
C THR A 482 -11.28 35.64 -4.16
N LEU A 483 -11.09 34.34 -4.38
CA LEU A 483 -11.18 33.36 -3.30
C LEU A 483 -10.22 33.67 -2.15
N VAL A 484 -8.93 33.89 -2.46
CA VAL A 484 -7.96 34.17 -1.40
C VAL A 484 -8.27 35.41 -0.58
N ARG A 485 -8.92 36.39 -1.19
CA ARG A 485 -9.27 37.59 -0.46
C ARG A 485 -10.51 37.38 0.36
N GLU A 486 -11.48 36.67 -0.21
CA GLU A 486 -12.73 36.40 0.47
C GLU A 486 -12.50 35.59 1.76
N GLU A 487 -11.38 34.89 1.83
CA GLU A 487 -11.07 34.09 3.01
C GLU A 487 -10.69 34.98 4.19
N VAL A 488 -10.21 36.20 3.90
CA VAL A 488 -9.79 37.12 4.97
C VAL A 488 -10.60 38.41 5.12
N ILE A 489 -11.38 38.76 4.10
CA ILE A 489 -12.23 39.94 4.12
C ILE A 489 -13.59 39.64 3.47
N ASP A 490 -14.57 40.49 3.73
CA ASP A 490 -15.90 40.35 3.18
C ASP A 490 -16.06 41.27 1.97
N PHE A 491 -16.80 40.80 0.97
CA PHE A 491 -17.07 41.56 -0.25
C PHE A 491 -18.56 41.62 -0.47
N SER A 492 -19.03 42.77 -0.97
CA SER A 492 -20.43 42.91 -1.33
C SER A 492 -20.56 42.15 -2.65
N LYS A 493 -21.77 42.02 -3.15
CA LYS A 493 -21.98 41.41 -4.45
C LYS A 493 -21.28 42.39 -5.42
N PRO A 494 -20.96 41.96 -6.66
CA PRO A 494 -20.28 42.88 -7.59
C PRO A 494 -20.98 44.19 -7.98
N PHE A 495 -20.21 45.28 -8.02
CA PHE A 495 -20.77 46.55 -8.48
C PHE A 495 -20.32 46.78 -9.94
N MET A 496 -19.44 45.92 -10.43
CA MET A 496 -18.94 46.01 -11.81
C MET A 496 -18.50 44.60 -12.23
N SER A 497 -18.92 44.19 -13.42
CA SER A 497 -18.55 42.88 -13.98
C SER A 497 -17.43 43.11 -14.96
N LEU A 498 -16.47 42.20 -15.00
CA LEU A 498 -15.31 42.37 -15.88
C LEU A 498 -14.52 41.08 -16.11
N GLY A 499 -13.42 41.21 -16.85
CA GLY A 499 -12.56 40.08 -17.12
C GLY A 499 -11.21 40.55 -17.62
N ILE A 500 -10.20 39.68 -17.54
CA ILE A 500 -8.85 40.02 -18.02
C ILE A 500 -8.94 40.16 -19.54
N SER A 501 -8.18 41.11 -20.07
CA SER A 501 -8.19 41.39 -21.50
C SER A 501 -6.80 41.82 -21.96
N ILE A 502 -6.65 41.95 -23.27
CA ILE A 502 -5.37 42.35 -23.86
C ILE A 502 -5.43 43.77 -24.42
N MET A 503 -4.45 44.57 -24.05
CA MET A 503 -4.33 45.94 -24.55
C MET A 503 -3.11 45.99 -25.48
N ILE A 504 -3.33 46.44 -26.70
CA ILE A 504 -2.24 46.58 -27.65
C ILE A 504 -2.17 48.01 -28.20
N LYS A 505 -0.98 48.36 -28.66
CA LYS A 505 -0.72 49.62 -29.34
C LYS A 505 -1.36 49.34 -30.71
N LYS A 506 -2.15 50.28 -31.24
CA LYS A 506 -2.83 50.06 -32.54
C LYS A 506 -1.87 49.57 -33.63
N PRO A 632 0.18 43.16 -34.48
CA PRO A 632 -0.38 41.93 -35.06
C PRO A 632 -0.69 40.84 -34.02
N ILE A 633 -1.62 41.15 -33.12
CA ILE A 633 -2.04 40.23 -32.06
C ILE A 633 -3.55 40.35 -31.94
N GLU A 634 -4.22 39.21 -31.95
CA GLU A 634 -5.68 39.18 -31.86
C GLU A 634 -6.18 38.40 -30.64
N SER A 635 -5.29 37.70 -29.94
CA SER A 635 -5.71 36.88 -28.80
C SER A 635 -4.58 36.47 -27.86
N ALA A 636 -4.95 35.79 -26.78
CA ALA A 636 -3.98 35.30 -25.82
C ALA A 636 -3.19 34.16 -26.47
N GLU A 637 -3.86 33.36 -27.32
CA GLU A 637 -3.22 32.27 -28.04
C GLU A 637 -2.14 32.88 -28.92
N ASP A 638 -2.45 34.01 -29.56
CA ASP A 638 -1.48 34.70 -30.41
C ASP A 638 -0.24 35.09 -29.62
N LEU A 639 -0.44 35.74 -28.47
CA LEU A 639 0.68 36.14 -27.62
C LEU A 639 1.55 34.95 -27.23
N SER A 640 0.90 33.86 -26.84
CA SER A 640 1.60 32.65 -26.40
C SER A 640 2.48 31.99 -27.47
N LYS A 641 2.01 31.97 -28.71
CA LYS A 641 2.74 31.35 -29.81
C LYS A 641 3.90 32.19 -30.37
N GLN A 642 4.11 33.39 -29.85
CA GLN A 642 5.18 34.22 -30.38
C GLN A 642 6.11 34.80 -29.33
N THR A 643 7.18 35.47 -29.77
CA THR A 643 8.12 36.02 -28.82
C THR A 643 8.62 37.43 -29.11
N GLU A 644 8.33 37.95 -30.31
CA GLU A 644 8.78 39.30 -30.68
C GLU A 644 8.12 40.35 -29.80
N ILE A 645 6.83 40.15 -29.55
CA ILE A 645 6.03 41.07 -28.72
C ILE A 645 6.01 40.58 -27.26
N ALA A 646 6.59 41.40 -26.37
CA ALA A 646 6.64 41.10 -24.95
C ALA A 646 5.27 41.43 -24.35
N TYR A 647 4.95 40.82 -23.21
CA TYR A 647 3.68 41.07 -22.55
C TYR A 647 3.74 40.77 -21.06
N GLY A 648 3.01 41.56 -20.29
CA GLY A 648 3.00 41.38 -18.85
C GLY A 648 1.74 41.85 -18.17
N THR A 649 1.77 41.89 -16.85
CA THR A 649 0.61 42.28 -16.05
C THR A 649 1.01 43.22 -14.92
N LEU A 650 0.02 43.68 -14.15
CA LEU A 650 0.29 44.53 -12.99
C LEU A 650 1.09 43.59 -12.06
N ASP A 651 2.19 44.08 -11.52
CA ASP A 651 3.11 43.31 -10.66
C ASP A 651 2.47 42.66 -9.46
N SER A 652 1.40 43.27 -8.97
CA SER A 652 0.70 42.75 -7.81
C SER A 652 -0.80 42.90 -8.08
N GLY A 653 -1.50 41.78 -8.09
CA GLY A 653 -2.94 41.84 -8.34
C GLY A 653 -3.53 40.52 -8.78
N SER A 654 -4.85 40.55 -9.00
CA SER A 654 -5.60 39.38 -9.39
C SER A 654 -5.27 38.87 -10.79
N THR A 655 -4.76 39.75 -11.65
CA THR A 655 -4.41 39.34 -13.01
C THR A 655 -3.17 38.44 -12.94
N LYS A 656 -2.14 38.90 -12.23
CA LYS A 656 -0.90 38.14 -12.10
C LYS A 656 -1.19 36.77 -11.48
N GLU A 657 -2.08 36.75 -10.49
CA GLU A 657 -2.49 35.49 -9.84
C GLU A 657 -3.26 34.60 -10.78
N PHE A 658 -4.09 35.17 -11.66
CA PHE A 658 -4.85 34.35 -12.60
C PHE A 658 -3.88 33.50 -13.43
N PHE A 659 -2.79 34.12 -13.89
CA PHE A 659 -1.79 33.44 -14.71
C PHE A 659 -0.92 32.44 -13.93
N ARG A 660 -0.47 32.86 -12.75
CA ARG A 660 0.37 32.03 -11.89
C ARG A 660 -0.29 30.72 -11.47
N ARG A 661 -1.62 30.67 -11.55
CA ARG A 661 -2.36 29.50 -11.11
C ARG A 661 -3.17 28.79 -12.20
N SER A 662 -3.27 29.38 -13.39
CA SER A 662 -4.03 28.74 -14.47
C SER A 662 -3.49 27.37 -14.79
N LYS A 663 -4.38 26.43 -15.05
CA LYS A 663 -3.98 25.08 -15.42
C LYS A 663 -4.34 24.91 -16.89
N ILE A 664 -4.80 26.00 -17.51
CA ILE A 664 -5.17 26.04 -18.91
C ILE A 664 -3.87 26.22 -19.71
N ALA A 665 -3.67 25.36 -20.71
CA ALA A 665 -2.46 25.37 -21.53
C ALA A 665 -1.91 26.71 -22.01
N VAL A 666 -2.74 27.47 -22.72
CA VAL A 666 -2.33 28.77 -23.26
C VAL A 666 -1.90 29.74 -22.16
N PHE A 667 -2.65 29.80 -21.07
CA PHE A 667 -2.32 30.71 -19.98
C PHE A 667 -1.08 30.24 -19.21
N ASP A 668 -0.91 28.92 -19.05
CA ASP A 668 0.27 28.39 -18.36
C ASP A 668 1.53 28.70 -19.17
N LYS A 669 1.40 28.63 -20.49
CA LYS A 669 2.50 28.94 -21.40
C LYS A 669 2.86 30.42 -21.27
N MET A 670 1.84 31.27 -21.19
CA MET A 670 2.03 32.71 -21.02
C MET A 670 2.71 33.02 -19.69
N TRP A 671 2.29 32.34 -18.62
CA TRP A 671 2.88 32.54 -17.30
C TRP A 671 4.34 32.13 -17.27
N THR A 672 4.63 30.96 -17.84
CA THR A 672 6.00 30.41 -17.91
C THR A 672 6.92 31.47 -18.51
N TYR A 673 6.46 32.11 -19.57
CA TYR A 673 7.22 33.16 -20.23
C TYR A 673 7.32 34.41 -19.34
N MET A 674 6.18 34.97 -18.96
CA MET A 674 6.16 36.18 -18.16
C MET A 674 6.99 36.16 -16.90
N ARG A 675 6.88 35.08 -16.12
CA ARG A 675 7.62 34.99 -14.87
C ARG A 675 9.14 34.93 -15.05
N SER A 676 9.62 34.55 -16.24
CA SER A 676 11.05 34.48 -16.47
C SER A 676 11.62 35.53 -17.43
N ALA A 677 10.75 36.31 -18.04
CA ALA A 677 11.18 37.37 -18.96
C ALA A 677 12.07 38.41 -18.26
N GLU A 678 13.13 38.81 -18.95
CA GLU A 678 14.06 39.81 -18.46
C GLU A 678 14.35 40.73 -19.64
N PRO A 679 14.24 42.06 -19.44
CA PRO A 679 13.83 42.68 -18.18
C PRO A 679 12.38 42.35 -17.84
N SER A 680 11.99 42.61 -16.59
CA SER A 680 10.63 42.32 -16.12
C SER A 680 9.54 42.88 -17.00
N VAL A 681 8.52 42.07 -17.21
CA VAL A 681 7.37 42.48 -18.00
C VAL A 681 6.27 42.96 -17.08
N PHE A 682 6.51 42.92 -15.77
CA PHE A 682 5.49 43.37 -14.79
C PHE A 682 5.67 44.86 -14.49
N VAL A 683 4.57 45.52 -14.13
CA VAL A 683 4.58 46.95 -13.86
C VAL A 683 3.97 47.26 -12.50
N ARG A 684 4.38 48.38 -11.89
CA ARG A 684 3.91 48.79 -10.56
C ARG A 684 2.48 49.33 -10.54
N THR A 685 2.10 50.03 -11.60
CA THR A 685 0.75 50.61 -11.68
C THR A 685 0.21 50.45 -13.08
N THR A 686 -1.11 50.56 -13.20
CA THR A 686 -1.77 50.45 -14.50
C THR A 686 -1.21 51.50 -15.45
N ALA A 687 -1.06 52.74 -14.98
CA ALA A 687 -0.55 53.83 -15.82
C ALA A 687 0.81 53.47 -16.42
N GLU A 688 1.63 52.78 -15.65
CA GLU A 688 2.95 52.34 -16.09
C GLU A 688 2.82 51.34 -17.24
N GLY A 689 1.87 50.42 -17.13
CA GLY A 689 1.64 49.43 -18.17
C GLY A 689 1.18 50.10 -19.45
N VAL A 690 0.27 51.05 -19.30
CA VAL A 690 -0.28 51.80 -20.42
C VAL A 690 0.84 52.58 -21.14
N ALA A 691 1.70 53.24 -20.38
CA ALA A 691 2.80 54.01 -20.99
C ALA A 691 3.79 53.09 -21.72
N ARG A 692 4.06 51.92 -21.14
CA ARG A 692 4.95 50.97 -21.76
C ARG A 692 4.37 50.50 -23.10
N VAL A 693 3.07 50.26 -23.14
CA VAL A 693 2.42 49.86 -24.38
C VAL A 693 2.60 51.01 -25.39
N ARG A 694 2.26 52.22 -24.95
CA ARG A 694 2.35 53.40 -25.81
C ARG A 694 3.72 53.75 -26.36
N LYS A 695 4.78 53.48 -25.61
CA LYS A 695 6.13 53.82 -26.05
C LYS A 695 6.91 52.66 -26.71
N SER A 696 6.33 51.46 -26.71
CA SER A 696 7.05 50.30 -27.24
C SER A 696 6.95 49.94 -28.72
N LYS A 697 6.31 50.81 -29.51
CA LYS A 697 6.18 50.62 -30.95
C LYS A 697 5.53 49.28 -31.33
N GLY A 698 4.63 48.80 -30.48
CA GLY A 698 3.95 47.54 -30.74
C GLY A 698 4.69 46.32 -30.23
N LYS A 699 5.81 46.51 -29.54
CA LYS A 699 6.62 45.42 -29.01
C LYS A 699 6.24 44.99 -27.58
N TYR A 700 5.23 45.65 -27.01
CA TYR A 700 4.73 45.32 -25.67
C TYR A 700 3.21 45.39 -25.62
N ALA A 701 2.59 44.29 -25.19
CA ALA A 701 1.14 44.20 -25.05
C ALA A 701 0.93 44.09 -23.54
N TYR A 702 -0.21 44.58 -23.06
CA TYR A 702 -0.45 44.58 -21.62
C TYR A 702 -1.72 43.84 -21.26
N LEU A 703 -1.64 42.96 -20.27
CA LEU A 703 -2.80 42.20 -19.80
C LEU A 703 -3.39 42.93 -18.58
N LEU A 704 -4.64 43.35 -18.69
CA LEU A 704 -5.31 44.09 -17.62
C LEU A 704 -6.81 43.89 -17.68
N GLU A 705 -7.51 44.32 -16.65
CA GLU A 705 -8.95 44.14 -16.61
C GLU A 705 -9.65 44.96 -17.69
N SER A 706 -10.64 44.35 -18.32
CA SER A 706 -11.41 44.94 -19.42
C SER A 706 -11.88 46.37 -19.13
N THR A 707 -12.28 46.61 -17.89
CA THR A 707 -12.72 47.93 -17.44
C THR A 707 -11.64 49.00 -17.67
N MET A 708 -10.42 48.76 -17.18
CA MET A 708 -9.33 49.73 -17.39
C MET A 708 -9.01 49.84 -18.87
N ASN A 709 -9.00 48.70 -19.57
CA ASN A 709 -8.70 48.66 -21.00
C ASN A 709 -9.66 49.56 -21.80
N GLU A 710 -10.96 49.36 -21.57
CA GLU A 710 -12.04 50.13 -22.21
C GLU A 710 -11.93 51.63 -21.94
N TYR A 711 -11.52 51.96 -20.73
CA TYR A 711 -11.36 53.35 -20.36
C TYR A 711 -10.24 54.01 -21.15
N ILE A 712 -9.07 53.37 -21.13
CA ILE A 712 -7.87 53.89 -21.83
C ILE A 712 -8.09 53.99 -23.35
N GLU A 713 -8.91 53.09 -23.89
CA GLU A 713 -9.21 53.08 -25.32
C GLU A 713 -9.95 54.39 -25.69
N GLN A 714 -10.58 55.03 -24.72
CA GLN A 714 -11.31 56.28 -24.98
C GLN A 714 -10.52 57.50 -24.55
N ARG A 715 -9.22 57.34 -24.34
CA ARG A 715 -8.36 58.44 -23.90
C ARG A 715 -7.30 58.81 -24.94
N LYS A 716 -7.04 60.11 -25.10
CA LYS A 716 -6.00 60.56 -26.03
C LYS A 716 -4.66 60.03 -25.53
N PRO A 717 -3.71 59.74 -26.46
CA PRO A 717 -3.79 59.87 -27.92
C PRO A 717 -4.56 58.85 -28.75
N CYS A 718 -5.46 58.08 -28.13
CA CYS A 718 -6.28 57.09 -28.85
C CYS A 718 -5.42 56.13 -29.66
N ASP A 719 -4.31 55.70 -29.07
CA ASP A 719 -3.39 54.80 -29.74
C ASP A 719 -3.41 53.38 -29.20
N THR A 720 -4.33 53.08 -28.29
CA THR A 720 -4.41 51.72 -27.75
C THR A 720 -5.76 51.13 -28.09
N MET A 721 -5.85 49.82 -27.95
CA MET A 721 -7.04 49.11 -28.27
C MET A 721 -7.12 47.79 -27.53
N LYS A 722 -8.35 47.44 -27.18
CA LYS A 722 -8.66 46.20 -26.50
C LYS A 722 -8.86 45.13 -27.61
N VAL A 723 -8.13 44.01 -27.59
CA VAL A 723 -8.29 42.95 -28.62
C VAL A 723 -8.68 41.59 -28.03
N GLY A 724 -9.56 40.89 -28.75
CA GLY A 724 -10.03 39.60 -28.31
C GLY A 724 -11.10 39.64 -27.23
N GLY A 725 -11.56 38.47 -26.81
CA GLY A 725 -12.58 38.43 -25.78
C GLY A 725 -11.90 38.43 -24.43
N ASN A 726 -12.71 38.47 -23.38
CA ASN A 726 -12.15 38.44 -22.04
C ASN A 726 -11.70 37.02 -21.72
N LEU A 727 -10.61 36.90 -20.96
CA LEU A 727 -10.02 35.62 -20.59
C LEU A 727 -10.82 34.92 -19.47
N ASP A 728 -11.52 35.71 -18.67
CA ASP A 728 -12.33 35.17 -17.57
C ASP A 728 -13.48 36.13 -17.28
N SER A 729 -14.27 35.80 -16.26
CA SER A 729 -15.43 36.61 -15.85
C SER A 729 -15.41 36.73 -14.34
N LYS A 730 -15.46 37.95 -13.84
CA LYS A 730 -15.46 38.17 -12.39
C LYS A 730 -16.03 39.54 -12.07
N GLY A 731 -15.86 39.98 -10.83
CA GLY A 731 -16.41 41.27 -10.47
C GLY A 731 -15.64 41.98 -9.39
N TYR A 732 -15.91 43.29 -9.27
CA TYR A 732 -15.30 44.14 -8.25
C TYR A 732 -16.33 44.21 -7.14
N GLY A 733 -15.87 44.19 -5.91
CA GLY A 733 -16.80 44.29 -4.79
C GLY A 733 -16.32 45.30 -3.77
N ILE A 734 -17.26 45.83 -2.98
CA ILE A 734 -16.93 46.76 -1.89
C ILE A 734 -16.50 45.83 -0.76
N ALA A 735 -15.32 46.06 -0.21
CA ALA A 735 -14.78 45.19 0.83
C ALA A 735 -14.79 45.81 2.22
N THR A 736 -15.02 44.95 3.21
CA THR A 736 -15.04 45.36 4.62
C THR A 736 -14.31 44.29 5.41
N PRO A 737 -13.79 44.64 6.61
CA PRO A 737 -13.08 43.67 7.45
C PRO A 737 -14.05 42.53 7.80
N LYS A 738 -13.50 41.32 7.88
CA LYS A 738 -14.30 40.16 8.18
C LYS A 738 -15.11 40.41 9.46
N GLY A 739 -16.43 40.24 9.35
CA GLY A 739 -17.31 40.44 10.47
C GLY A 739 -17.65 41.89 10.79
N SER A 740 -17.43 42.80 9.84
CA SER A 740 -17.74 44.21 10.04
C SER A 740 -19.26 44.47 10.16
N SER A 741 -19.58 45.51 10.93
CA SER A 741 -20.95 45.94 11.15
C SER A 741 -21.58 46.48 9.85
N LEU A 742 -20.72 47.04 8.98
CA LEU A 742 -21.15 47.64 7.71
C LEU A 742 -21.52 46.70 6.55
N GLY A 743 -20.94 45.51 6.52
CA GLY A 743 -21.17 44.56 5.45
C GLY A 743 -22.58 44.41 4.88
N ASN A 744 -23.54 44.06 5.74
CA ASN A 744 -24.92 43.86 5.31
C ASN A 744 -25.52 45.04 4.56
N ALA A 745 -25.42 46.23 5.16
CA ALA A 745 -25.99 47.43 4.56
C ALA A 745 -25.28 47.82 3.27
N VAL A 746 -23.96 47.69 3.26
CA VAL A 746 -23.19 48.01 2.08
C VAL A 746 -23.62 47.11 0.92
N ASN A 747 -23.82 45.83 1.21
CA ASN A 747 -24.22 44.89 0.18
C ASN A 747 -25.61 45.23 -0.37
N LEU A 748 -26.53 45.56 0.53
CA LEU A 748 -27.87 45.93 0.11
C LEU A 748 -27.87 47.20 -0.73
N ALA A 749 -26.98 48.12 -0.38
CA ALA A 749 -26.84 49.39 -1.10
C ALA A 749 -26.35 49.15 -2.52
N VAL A 750 -25.35 48.28 -2.68
CA VAL A 750 -24.80 47.94 -3.99
C VAL A 750 -25.91 47.34 -4.88
N LEU A 751 -26.70 46.43 -4.30
CA LEU A 751 -27.79 45.79 -5.05
C LEU A 751 -28.85 46.80 -5.45
N LYS A 752 -29.19 47.70 -4.53
CA LYS A 752 -30.17 48.75 -4.78
C LYS A 752 -29.69 49.71 -5.89
N LEU A 753 -28.45 50.19 -5.78
CA LEU A 753 -27.90 51.11 -6.76
C LEU A 753 -27.76 50.48 -8.15
N ASN A 754 -27.52 49.16 -8.20
CA ASN A 754 -27.41 48.49 -9.49
C ASN A 754 -28.79 48.38 -10.12
N GLU A 755 -29.78 47.96 -9.32
CA GLU A 755 -31.14 47.80 -9.81
C GLU A 755 -31.77 49.11 -10.26
N GLN A 756 -31.35 50.21 -9.65
CA GLN A 756 -31.89 51.49 -10.03
C GLN A 756 -31.22 52.06 -11.26
N GLY A 757 -30.09 51.48 -11.64
CA GLY A 757 -29.38 51.95 -12.83
C GLY A 757 -28.24 52.92 -12.59
N LEU A 758 -28.00 53.28 -11.33
CA LEU A 758 -26.92 54.21 -11.00
C LEU A 758 -25.53 53.72 -11.43
N LEU A 759 -25.25 52.45 -11.22
CA LEU A 759 -23.93 51.91 -11.57
C LEU A 759 -23.65 52.04 -13.08
N ASP A 760 -24.65 51.74 -13.90
CA ASP A 760 -24.50 51.86 -15.36
C ASP A 760 -24.29 53.33 -15.74
N LYS A 761 -25.06 54.20 -15.08
CA LYS A 761 -24.99 55.64 -15.28
C LYS A 761 -23.58 56.15 -14.98
N LEU A 762 -23.00 55.70 -13.87
CA LEU A 762 -21.66 56.10 -13.46
C LEU A 762 -20.58 55.59 -14.40
N LYS A 763 -20.75 54.38 -14.91
CA LYS A 763 -19.75 53.86 -15.84
C LYS A 763 -19.79 54.69 -17.13
N ASN A 764 -21.00 54.98 -17.61
CA ASN A 764 -21.15 55.80 -18.81
C ASN A 764 -20.54 57.17 -18.63
N LYS A 765 -20.81 57.78 -17.47
CA LYS A 765 -20.29 59.09 -17.12
C LYS A 765 -18.75 59.17 -17.17
N TRP A 766 -18.09 58.19 -16.54
CA TRP A 766 -16.63 58.18 -16.47
C TRP A 766 -15.85 57.50 -17.59
N TRP A 767 -16.52 56.66 -18.38
CA TRP A 767 -15.88 55.95 -19.47
C TRP A 767 -16.17 56.54 -20.85
N TYR A 768 -17.46 56.76 -21.11
CA TYR A 768 -17.90 57.22 -22.43
C TYR A 768 -18.41 58.64 -22.65
N ASP A 769 -19.14 59.20 -21.68
CA ASP A 769 -19.65 60.56 -21.82
C ASP A 769 -18.50 61.55 -21.97
N LYS A 770 -17.40 61.29 -21.26
CA LYS A 770 -16.24 62.15 -21.33
C LYS A 770 -15.12 61.58 -22.20
N GLY A 771 -15.45 60.61 -23.06
CA GLY A 771 -14.48 59.98 -23.94
C GLY A 771 -13.81 61.00 -24.85
N GLU A 772 -12.51 60.82 -25.13
CA GLU A 772 -11.74 61.76 -25.96
C GLU A 772 -11.42 61.30 -27.39
N CYS A 773 -11.95 60.13 -27.78
CA CYS A 773 -11.67 59.55 -29.09
C CYS A 773 -12.88 59.44 -30.03
N ASN B 4 50.13 -6.10 49.00
CA ASN B 4 49.43 -4.88 48.61
C ASN B 4 47.94 -5.12 48.46
N SER B 5 47.17 -4.72 49.47
CA SER B 5 45.73 -4.92 49.46
C SER B 5 44.99 -3.58 49.34
N ILE B 6 44.39 -3.36 48.18
CA ILE B 6 43.64 -2.12 47.93
C ILE B 6 42.14 -2.35 48.05
N GLN B 7 41.55 -1.84 49.12
CA GLN B 7 40.13 -2.01 49.37
C GLN B 7 39.30 -0.99 48.58
N ILE B 8 38.29 -1.49 47.86
CA ILE B 8 37.41 -0.62 47.11
C ILE B 8 35.94 -0.97 47.38
N GLY B 9 35.05 -0.02 47.10
CA GLY B 9 33.63 -0.22 47.32
C GLY B 9 32.90 -0.61 46.06
N GLY B 10 31.83 -1.38 46.21
CA GLY B 10 31.04 -1.83 45.09
C GLY B 10 29.55 -1.69 45.34
N LEU B 11 28.93 -0.70 44.69
CA LEU B 11 27.50 -0.46 44.85
C LEU B 11 26.72 -1.01 43.65
N PHE B 12 26.22 -2.23 43.79
CA PHE B 12 25.47 -2.88 42.72
C PHE B 12 23.98 -2.94 43.04
N PRO B 13 23.15 -2.33 42.18
CA PRO B 13 21.70 -2.35 42.33
C PRO B 13 21.16 -3.78 42.22
N ARG B 14 20.23 -4.14 43.09
CA ARG B 14 19.64 -5.47 43.08
C ARG B 14 19.08 -5.79 41.69
N GLY B 15 19.64 -6.82 41.06
CA GLY B 15 19.22 -7.22 39.73
C GLY B 15 20.33 -7.13 38.72
N ALA B 16 21.43 -6.48 39.11
CA ALA B 16 22.60 -6.34 38.23
C ALA B 16 23.43 -7.61 38.23
N ASP B 17 22.83 -8.71 37.78
CA ASP B 17 23.50 -10.00 37.76
C ASP B 17 24.67 -10.03 36.77
N GLN B 18 24.36 -9.76 35.50
CA GLN B 18 25.39 -9.79 34.46
C GLN B 18 26.45 -8.74 34.71
N GLU B 19 26.05 -7.60 35.27
CA GLU B 19 26.97 -6.53 35.59
C GLU B 19 27.99 -7.00 36.63
N TYR B 20 27.50 -7.67 37.66
CA TYR B 20 28.37 -8.17 38.72
C TYR B 20 29.21 -9.34 38.21
N SER B 21 28.62 -10.19 37.38
CA SER B 21 29.33 -11.30 36.78
C SER B 21 30.51 -10.78 35.97
N ALA B 22 30.27 -9.72 35.21
CA ALA B 22 31.33 -9.08 34.43
C ALA B 22 32.34 -8.42 35.36
N PHE B 23 31.85 -7.95 36.51
CA PHE B 23 32.71 -7.33 37.50
C PHE B 23 33.67 -8.36 38.09
N ARG B 24 33.17 -9.58 38.27
CA ARG B 24 33.99 -10.67 38.81
C ARG B 24 35.04 -11.11 37.80
N VAL B 25 34.62 -11.32 36.56
CA VAL B 25 35.52 -11.74 35.50
C VAL B 25 36.66 -10.75 35.33
N GLY B 26 36.36 -9.47 35.51
CA GLY B 26 37.37 -8.43 35.43
C GLY B 26 38.39 -8.55 36.54
N MET B 27 37.92 -8.88 37.74
CA MET B 27 38.79 -9.07 38.89
C MET B 27 39.80 -10.18 38.62
N VAL B 28 39.37 -11.19 37.86
CA VAL B 28 40.22 -12.34 37.56
C VAL B 28 41.18 -12.05 36.42
N GLN B 29 40.69 -11.41 35.37
CA GLN B 29 41.50 -11.13 34.19
C GLN B 29 42.57 -10.07 34.45
N PHE B 30 42.30 -9.18 35.41
CA PHE B 30 43.23 -8.09 35.70
C PHE B 30 43.83 -8.22 37.10
N SER B 31 43.98 -9.45 37.58
CA SER B 31 44.60 -9.71 38.87
C SER B 31 46.10 -9.92 38.73
N THR B 32 46.88 -9.15 39.48
CA THR B 32 48.33 -9.25 39.41
C THR B 32 48.94 -9.50 40.80
N SER B 33 50.21 -9.90 40.82
CA SER B 33 50.90 -10.18 42.07
C SER B 33 51.35 -8.90 42.75
N GLU B 34 51.51 -7.83 41.97
CA GLU B 34 51.94 -6.54 42.49
C GLU B 34 50.95 -6.01 43.54
N PHE B 35 49.67 -6.24 43.29
CA PHE B 35 48.62 -5.80 44.21
C PHE B 35 47.28 -6.45 43.87
N ARG B 36 46.45 -6.64 44.89
CA ARG B 36 45.14 -7.25 44.70
C ARG B 36 44.03 -6.31 45.17
N LEU B 37 42.92 -6.29 44.43
CA LEU B 37 41.79 -5.43 44.77
C LEU B 37 40.78 -6.18 45.63
N THR B 38 40.36 -5.57 46.73
CA THR B 38 39.41 -6.18 47.64
C THR B 38 38.06 -5.48 47.58
N PRO B 39 37.13 -6.02 46.77
CA PRO B 39 35.80 -5.44 46.58
C PRO B 39 34.88 -5.71 47.76
N HIS B 40 34.28 -4.65 48.31
CA HIS B 40 33.27 -4.80 49.35
C HIS B 40 31.90 -4.51 48.75
N ILE B 41 31.18 -5.56 48.39
CA ILE B 41 29.93 -5.43 47.66
C ILE B 41 28.75 -5.06 48.56
N ASP B 42 27.95 -4.11 48.10
CA ASP B 42 26.74 -3.70 48.82
C ASP B 42 25.56 -3.62 47.86
N ASN B 43 24.64 -4.57 47.98
CA ASN B 43 23.46 -4.60 47.12
C ASN B 43 22.29 -3.81 47.72
N LEU B 44 22.10 -2.60 47.20
CA LEU B 44 21.01 -1.74 47.68
C LEU B 44 20.17 -1.20 46.53
N GLU B 45 18.97 -0.74 46.85
CA GLU B 45 18.09 -0.13 45.86
C GLU B 45 18.69 1.20 45.41
N VAL B 46 19.32 1.19 44.25
CA VAL B 46 20.04 2.36 43.73
C VAL B 46 19.16 3.61 43.68
N ALA B 47 17.86 3.41 43.48
CA ALA B 47 16.92 4.53 43.39
C ALA B 47 16.81 5.29 44.71
N ASN B 48 16.73 4.55 45.82
CA ASN B 48 16.60 5.16 47.13
C ASN B 48 17.83 6.00 47.51
N SER B 49 17.64 7.30 47.60
CA SER B 49 18.73 8.23 47.91
C SER B 49 19.29 7.98 49.31
N PHE B 50 18.41 7.72 50.26
CA PHE B 50 18.84 7.47 51.63
C PHE B 50 19.77 6.27 51.72
N ALA B 51 19.33 5.14 51.16
CA ALA B 51 20.12 3.92 51.18
C ALA B 51 21.50 4.14 50.55
N VAL B 52 21.53 4.85 49.44
CA VAL B 52 22.77 5.15 48.75
C VAL B 52 23.72 5.95 49.64
N THR B 53 23.16 6.82 50.46
CA THR B 53 23.94 7.64 51.38
C THR B 53 24.62 6.76 52.43
N ASN B 54 23.88 5.80 52.96
CA ASN B 54 24.43 4.87 53.94
C ASN B 54 25.51 3.98 53.33
N ALA B 55 25.22 3.41 52.17
CA ALA B 55 26.17 2.53 51.48
C ALA B 55 27.47 3.26 51.17
N PHE B 56 27.38 4.57 50.96
CA PHE B 56 28.56 5.38 50.67
C PHE B 56 29.37 5.65 51.95
N CYS B 57 28.68 6.06 53.00
CA CYS B 57 29.33 6.36 54.27
C CYS B 57 29.86 5.09 54.91
N SER B 58 29.20 3.97 54.64
CA SER B 58 29.62 2.67 55.15
C SER B 58 30.93 2.25 54.51
N GLN B 59 31.00 2.36 53.19
CA GLN B 59 32.20 2.03 52.45
C GLN B 59 33.31 3.04 52.73
N PHE B 60 32.91 4.22 53.18
CA PHE B 60 33.87 5.28 53.50
C PHE B 60 34.49 5.07 54.87
N SER B 61 33.69 4.59 55.81
CA SER B 61 34.18 4.29 57.16
C SER B 61 35.09 3.07 57.12
N ARG B 62 34.79 2.15 56.21
CA ARG B 62 35.61 0.96 56.03
C ARG B 62 36.95 1.33 55.40
N GLY B 63 37.09 2.61 55.05
CA GLY B 63 38.33 3.12 54.50
C GLY B 63 38.68 2.56 53.14
N VAL B 64 37.92 2.95 52.12
CA VAL B 64 38.19 2.53 50.75
C VAL B 64 38.96 3.60 50.01
N TYR B 65 39.64 3.21 48.93
CA TYR B 65 40.43 4.14 48.13
C TYR B 65 39.63 4.65 46.93
N ALA B 66 38.65 3.86 46.52
CA ALA B 66 37.79 4.21 45.39
C ALA B 66 36.49 3.43 45.43
N ILE B 67 35.45 3.96 44.79
CA ILE B 67 34.14 3.31 44.80
C ILE B 67 33.60 3.11 43.38
N PHE B 68 33.20 1.89 43.07
CA PHE B 68 32.56 1.59 41.80
C PHE B 68 31.10 1.19 42.04
N GLY B 69 30.18 1.88 41.37
CA GLY B 69 28.78 1.57 41.52
C GLY B 69 27.90 2.19 40.45
N PHE B 70 26.62 2.32 40.74
CA PHE B 70 25.66 2.91 39.81
C PHE B 70 24.79 3.92 40.54
N TYR B 71 24.16 4.81 39.78
CA TYR B 71 23.21 5.76 40.35
C TYR B 71 22.02 5.99 39.43
N ASP B 72 20.91 6.45 40.02
CA ASP B 72 19.70 6.73 39.27
C ASP B 72 19.54 8.24 39.09
N LYS B 73 18.53 8.63 38.33
CA LYS B 73 18.25 10.06 38.11
C LYS B 73 17.93 10.76 39.42
N LYS B 74 17.70 9.98 40.47
CA LYS B 74 17.33 10.52 41.77
C LYS B 74 18.51 10.54 42.74
N SER B 75 19.32 9.50 42.72
CA SER B 75 20.43 9.37 43.66
C SER B 75 21.74 9.92 43.12
N VAL B 76 21.75 10.26 41.83
CA VAL B 76 22.96 10.75 41.17
C VAL B 76 23.55 11.97 41.89
N ASN B 77 22.69 12.86 42.32
CA ASN B 77 23.13 14.08 43.01
C ASN B 77 23.82 13.79 44.34
N THR B 78 23.37 12.73 45.02
CA THR B 78 23.97 12.33 46.29
C THR B 78 25.41 11.91 46.07
N ILE B 79 25.63 11.04 45.09
CA ILE B 79 26.97 10.54 44.79
C ILE B 79 27.92 11.67 44.38
N THR B 80 27.54 12.41 43.34
CA THR B 80 28.37 13.49 42.83
C THR B 80 28.74 14.49 43.92
N SER B 81 27.83 14.69 44.87
CA SER B 81 28.05 15.66 45.94
C SER B 81 29.03 15.16 46.99
N PHE B 82 28.74 13.99 47.55
CA PHE B 82 29.60 13.40 48.57
C PHE B 82 31.01 13.12 48.05
N CYS B 83 31.09 12.51 46.88
CA CYS B 83 32.37 12.18 46.27
C CYS B 83 33.20 13.44 46.02
N GLY B 84 32.52 14.56 45.82
CA GLY B 84 33.19 15.82 45.57
C GLY B 84 33.67 16.47 46.86
N THR B 85 32.89 16.27 47.93
CA THR B 85 33.23 16.85 49.23
C THR B 85 34.30 16.03 49.94
N LEU B 86 34.15 14.71 49.90
CA LEU B 86 35.08 13.81 50.59
C LEU B 86 36.23 13.40 49.68
N HIS B 87 36.31 14.00 48.50
CA HIS B 87 37.39 13.73 47.56
C HIS B 87 37.52 12.24 47.25
N VAL B 88 36.40 11.53 47.30
CA VAL B 88 36.38 10.11 46.98
C VAL B 88 36.08 9.90 45.50
N SER B 89 36.85 9.03 44.85
CA SER B 89 36.66 8.74 43.44
C SER B 89 35.53 7.73 43.23
N PHE B 90 34.67 8.02 42.26
CA PHE B 90 33.52 7.16 41.98
C PHE B 90 33.46 6.77 40.50
N ILE B 91 33.72 5.50 40.21
CA ILE B 91 33.65 4.99 38.85
C ILE B 91 32.29 4.34 38.59
N THR B 92 31.64 4.74 37.51
CA THR B 92 30.30 4.24 37.21
C THR B 92 30.05 4.10 35.71
N PRO B 93 29.38 3.01 35.31
CA PRO B 93 28.98 2.77 33.93
C PRO B 93 27.67 3.49 33.60
N SER B 94 27.00 4.00 34.63
CA SER B 94 25.72 4.67 34.45
C SER B 94 25.82 5.89 33.53
N PHE B 95 24.68 6.51 33.26
CA PHE B 95 24.62 7.67 32.37
C PHE B 95 25.53 8.79 32.86
N PRO B 96 26.16 9.51 31.92
CA PRO B 96 27.06 10.62 32.23
C PRO B 96 26.33 11.72 33.00
N THR B 97 27.03 12.39 33.90
CA THR B 97 26.46 13.48 34.68
C THR B 97 26.24 14.72 33.83
N ASP B 98 25.13 15.40 34.04
CA ASP B 98 24.82 16.61 33.29
C ASP B 98 25.59 17.81 33.84
N GLY B 99 26.89 17.85 33.56
CA GLY B 99 27.74 18.93 34.03
C GLY B 99 29.17 18.50 34.23
N THR B 100 29.88 19.21 35.10
CA THR B 100 31.28 18.91 35.38
C THR B 100 31.49 18.59 36.86
N HIS B 101 31.18 17.36 37.24
CA HIS B 101 31.33 16.93 38.64
C HIS B 101 32.64 16.18 38.85
N PRO B 102 33.55 16.77 39.64
CA PRO B 102 34.87 16.18 39.93
C PRO B 102 34.76 14.89 40.72
N PHE B 103 35.83 14.10 40.72
CA PHE B 103 35.87 12.84 41.46
C PHE B 103 34.81 11.84 40.99
N VAL B 104 34.51 11.88 39.70
CA VAL B 104 33.56 10.94 39.11
C VAL B 104 34.07 10.45 37.75
N ILE B 105 34.24 9.15 37.64
CA ILE B 105 34.69 8.55 36.38
C ILE B 105 33.53 7.82 35.70
N GLN B 106 33.20 8.27 34.49
CA GLN B 106 32.04 7.76 33.77
C GLN B 106 32.45 6.87 32.60
N MET B 107 32.02 5.61 32.64
CA MET B 107 32.38 4.63 31.61
C MET B 107 31.54 4.80 30.35
N ARG B 108 30.33 5.34 30.50
CA ARG B 108 29.43 5.49 29.37
C ARG B 108 29.71 6.79 28.61
N PRO B 109 30.03 6.67 27.32
CA PRO B 109 30.26 7.82 26.44
C PRO B 109 28.95 8.56 26.16
N ASP B 110 29.06 9.84 25.82
CA ASP B 110 27.87 10.65 25.54
C ASP B 110 27.28 10.30 24.18
N LEU B 111 26.04 9.84 24.18
CA LEU B 111 25.36 9.44 22.95
C LEU B 111 24.69 10.63 22.27
N LYS B 112 24.47 11.69 23.04
CA LYS B 112 23.80 12.89 22.54
C LYS B 112 24.33 13.32 21.17
N GLY B 113 25.65 13.30 21.01
CA GLY B 113 26.27 13.69 19.76
C GLY B 113 25.97 12.74 18.62
N ALA B 114 26.16 11.45 18.88
CA ALA B 114 25.95 10.43 17.85
C ALA B 114 24.51 10.40 17.36
N LEU B 115 23.57 10.70 18.25
CA LEU B 115 22.16 10.69 17.90
C LEU B 115 21.84 11.82 16.92
N LEU B 116 22.21 13.04 17.30
CA LEU B 116 21.95 14.22 16.48
C LEU B 116 22.53 14.07 15.08
N SER B 117 23.71 13.45 15.00
CA SER B 117 24.37 13.25 13.72
C SER B 117 23.59 12.27 12.84
N LEU B 118 23.05 11.23 13.47
CA LEU B 118 22.29 10.22 12.74
C LEU B 118 21.01 10.80 12.17
N ILE B 119 20.38 11.69 12.92
CA ILE B 119 19.14 12.32 12.47
C ILE B 119 19.36 13.10 11.18
N GLU B 120 20.45 13.85 11.12
CA GLU B 120 20.79 14.63 9.93
C GLU B 120 21.14 13.73 8.76
N TYR B 121 21.76 12.59 9.06
CA TYR B 121 22.13 11.63 8.02
C TYR B 121 20.91 11.14 7.26
N TYR B 122 19.88 10.72 7.99
CA TYR B 122 18.64 10.28 7.38
C TYR B 122 17.81 11.48 6.92
N GLN B 123 18.29 12.68 7.22
CA GLN B 123 17.61 13.90 6.82
C GLN B 123 16.18 13.95 7.34
N TRP B 124 16.05 13.89 8.66
CA TRP B 124 14.74 13.94 9.31
C TRP B 124 14.37 15.37 9.67
N ASP B 125 13.12 15.74 9.41
CA ASP B 125 12.63 17.08 9.72
C ASP B 125 11.43 17.01 10.67
N LYS B 126 10.73 15.88 10.65
CA LYS B 126 9.59 15.65 11.53
C LYS B 126 9.60 14.23 12.04
N PHE B 127 9.77 14.08 13.35
CA PHE B 127 9.84 12.75 13.96
C PHE B 127 9.28 12.74 15.38
N ALA B 128 8.89 11.57 15.85
CA ALA B 128 8.40 11.40 17.21
C ALA B 128 9.55 10.96 18.12
N TYR B 129 9.59 11.52 19.32
CA TYR B 129 10.66 11.22 20.26
C TYR B 129 10.12 10.66 21.57
N LEU B 130 10.00 9.34 21.65
CA LEU B 130 9.54 8.68 22.86
C LEU B 130 10.71 8.51 23.82
N TYR B 131 10.64 9.19 24.96
CA TYR B 131 11.75 9.19 25.91
C TYR B 131 11.38 8.59 27.27
N ASP B 132 12.40 8.25 28.04
CA ASP B 132 12.22 7.73 29.39
C ASP B 132 13.05 8.57 30.35
N SER B 133 12.40 9.08 31.39
CA SER B 133 13.04 10.01 32.32
C SER B 133 14.02 9.32 33.27
N ASP B 134 14.33 8.06 32.99
CA ASP B 134 15.22 7.29 33.85
C ASP B 134 16.67 7.75 33.79
N ARG B 135 17.14 8.06 32.58
CA ARG B 135 18.53 8.46 32.37
C ARG B 135 18.66 9.98 32.20
N GLY B 136 17.69 10.71 32.75
CA GLY B 136 17.71 12.16 32.66
C GLY B 136 17.29 12.68 31.29
N LEU B 137 16.68 13.87 31.27
CA LEU B 137 16.24 14.48 30.03
C LEU B 137 17.37 15.22 29.33
N SER B 138 18.59 14.73 29.54
CA SER B 138 19.77 15.34 28.93
C SER B 138 19.72 15.25 27.41
N THR B 139 19.32 14.09 26.90
CA THR B 139 19.22 13.88 25.46
C THR B 139 17.95 14.52 24.89
N LEU B 140 16.91 14.60 25.72
CA LEU B 140 15.66 15.24 25.31
C LEU B 140 15.89 16.73 25.04
N GLN B 141 16.59 17.39 25.95
CA GLN B 141 16.94 18.79 25.78
C GLN B 141 17.80 18.97 24.54
N ALA B 142 18.64 17.97 24.28
CA ALA B 142 19.54 18.02 23.12
C ALA B 142 18.76 18.12 21.81
N VAL B 143 17.80 17.22 21.62
CA VAL B 143 17.02 17.20 20.39
C VAL B 143 16.05 18.38 20.31
N LEU B 144 15.57 18.85 21.46
CA LEU B 144 14.66 19.97 21.50
C LEU B 144 15.36 21.28 21.14
N ASP B 145 16.56 21.46 21.70
CA ASP B 145 17.35 22.65 21.42
C ASP B 145 17.79 22.68 19.96
N SER B 146 18.17 21.51 19.45
CA SER B 146 18.59 21.39 18.06
C SER B 146 17.40 21.53 17.11
N ALA B 147 16.21 21.24 17.62
CA ALA B 147 15.00 21.36 16.84
C ALA B 147 14.71 22.82 16.51
N ALA B 148 15.25 23.71 17.33
CA ALA B 148 15.09 25.14 17.10
C ALA B 148 16.02 25.62 15.99
N GLU B 149 17.27 25.16 16.04
CA GLU B 149 18.27 25.54 15.04
C GLU B 149 18.03 24.84 13.71
N LYS B 150 18.04 23.51 13.73
CA LYS B 150 17.86 22.72 12.53
C LYS B 150 16.41 22.74 12.04
N LYS B 151 15.55 23.39 12.81
CA LYS B 151 14.13 23.51 12.46
C LYS B 151 13.46 22.16 12.29
N TRP B 152 13.24 21.47 13.41
CA TRP B 152 12.54 20.18 13.38
C TRP B 152 11.20 20.28 14.08
N GLN B 153 10.26 19.41 13.68
CA GLN B 153 8.97 19.31 14.35
C GLN B 153 8.93 18.05 15.20
N VAL B 154 9.54 18.13 16.39
CA VAL B 154 9.65 16.98 17.27
C VAL B 154 8.40 16.80 18.13
N THR B 155 7.94 15.55 18.22
CA THR B 155 6.79 15.23 19.06
C THR B 155 7.26 14.40 20.25
N ALA B 156 7.73 15.09 21.29
CA ALA B 156 8.26 14.43 22.48
C ALA B 156 7.13 13.88 23.36
N ILE B 157 7.27 12.62 23.74
CA ILE B 157 6.26 11.98 24.59
C ILE B 157 6.91 11.12 25.67
N ASN B 158 6.64 11.45 26.92
CA ASN B 158 7.19 10.70 28.05
C ASN B 158 6.54 9.33 28.18
N VAL B 159 7.21 8.30 27.65
CA VAL B 159 6.70 6.95 27.68
C VAL B 159 7.13 6.23 28.96
N GLY B 160 7.55 7.02 29.96
CA GLY B 160 8.07 6.45 31.19
C GLY B 160 7.04 6.26 32.28
N ASN B 161 6.25 7.30 32.55
CA ASN B 161 5.29 7.26 33.64
C ASN B 161 4.08 6.36 33.37
N ILE B 162 4.21 5.48 32.38
CA ILE B 162 3.14 4.57 32.03
C ILE B 162 3.04 3.42 33.03
N ASN B 163 1.95 3.41 33.80
CA ASN B 163 1.72 2.34 34.77
C ASN B 163 1.58 0.98 34.09
N ASN B 164 2.42 0.03 34.48
CA ASN B 164 2.54 -1.25 33.77
C ASN B 164 1.44 -2.29 34.00
N ASP B 165 0.58 -2.08 35.01
CA ASP B 165 -0.51 -3.00 35.38
C ASP B 165 -1.82 -2.67 34.66
N LYS B 166 -1.71 -2.20 33.42
CA LYS B 166 -2.86 -1.73 32.62
C LYS B 166 -2.32 -0.89 31.47
N LYS B 167 -1.06 -1.11 31.10
CA LYS B 167 -0.43 -0.30 30.06
C LYS B 167 -0.75 -0.80 28.65
N ASP B 168 -1.96 -0.52 28.17
CA ASP B 168 -2.38 -0.98 26.85
C ASP B 168 -3.30 0.07 26.22
N GLU B 169 -4.25 0.56 27.02
CA GLU B 169 -5.12 1.64 26.59
C GLU B 169 -4.31 2.93 26.52
N THR B 170 -3.07 2.86 27.00
CA THR B 170 -2.17 4.01 26.96
C THR B 170 -1.36 4.01 25.66
N TYR B 171 -0.92 2.83 25.24
CA TYR B 171 -0.19 2.69 23.99
C TYR B 171 -1.09 2.93 22.79
N ARG B 172 -2.34 2.45 22.89
CA ARG B 172 -3.32 2.66 21.85
C ARG B 172 -3.62 4.14 21.70
N SER B 173 -3.62 4.85 22.83
CA SER B 173 -3.86 6.29 22.84
C SER B 173 -2.56 7.05 22.54
N LEU B 174 -1.44 6.31 22.54
CA LEU B 174 -0.14 6.90 22.25
C LEU B 174 0.07 7.00 20.75
N PHE B 175 -0.18 5.91 20.04
CA PHE B 175 -0.05 5.89 18.59
C PHE B 175 -1.25 6.50 17.90
N GLN B 176 -2.23 6.92 18.70
CA GLN B 176 -3.39 7.64 18.19
C GLN B 176 -3.01 9.09 17.96
N ASP B 177 -2.13 9.61 18.81
CA ASP B 177 -1.61 10.96 18.66
C ASP B 177 -0.50 10.98 17.62
N LEU B 178 0.17 9.84 17.48
CA LEU B 178 1.24 9.70 16.49
C LEU B 178 0.66 9.38 15.11
N GLU B 179 -0.65 9.54 14.99
CA GLU B 179 -1.34 9.30 13.72
C GLU B 179 -2.01 10.58 13.22
N LEU B 180 -2.19 11.53 14.13
CA LEU B 180 -2.76 12.83 13.76
C LEU B 180 -1.84 13.51 12.75
N LYS B 181 -0.54 13.35 12.94
CA LYS B 181 0.45 13.89 12.02
C LYS B 181 1.07 12.78 11.18
N LYS B 182 0.48 11.60 11.25
CA LYS B 182 0.96 10.44 10.50
C LYS B 182 2.45 10.21 10.70
N GLU B 183 2.88 10.22 11.96
CA GLU B 183 4.28 10.01 12.29
C GLU B 183 4.74 8.61 11.87
N ARG B 184 5.77 8.56 11.05
CA ARG B 184 6.31 7.30 10.56
C ARG B 184 7.76 7.11 11.02
N ARG B 185 8.32 8.14 11.66
CA ARG B 185 9.69 8.09 12.13
C ARG B 185 9.77 8.32 13.64
N VAL B 186 10.10 7.26 14.37
CA VAL B 186 10.11 7.31 15.83
C VAL B 186 11.50 7.07 16.40
N ILE B 187 11.85 7.81 17.45
CA ILE B 187 13.11 7.61 18.14
C ILE B 187 12.86 7.09 19.55
N LEU B 188 13.30 5.87 19.82
CA LEU B 188 13.10 5.26 21.13
C LEU B 188 14.29 5.48 22.06
N ASP B 189 14.14 6.43 22.98
CA ASP B 189 15.18 6.71 23.97
C ASP B 189 14.81 6.06 25.30
N CYS B 190 15.05 4.76 25.39
CA CYS B 190 14.68 4.00 26.58
C CYS B 190 15.74 2.97 26.97
N GLU B 191 15.50 2.27 28.06
CA GLU B 191 16.38 1.19 28.49
C GLU B 191 16.12 -0.06 27.66
N ARG B 192 16.99 -1.05 27.80
CA ARG B 192 16.86 -2.28 27.03
C ARG B 192 15.53 -2.97 27.28
N ASP B 193 14.90 -2.67 28.41
CA ASP B 193 13.64 -3.28 28.78
C ASP B 193 12.44 -2.54 28.19
N LYS B 194 12.37 -1.24 28.46
CA LYS B 194 11.29 -0.41 27.96
C LYS B 194 11.21 -0.42 26.44
N VAL B 195 12.33 -0.76 25.81
CA VAL B 195 12.40 -0.85 24.35
C VAL B 195 11.66 -2.07 23.84
N ASN B 196 11.93 -3.22 24.45
CA ASN B 196 11.25 -4.45 24.07
C ASN B 196 9.74 -4.37 24.24
N ASP B 197 9.30 -3.67 25.28
CA ASP B 197 7.88 -3.47 25.52
C ASP B 197 7.26 -2.69 24.36
N ILE B 198 7.93 -1.61 23.96
CA ILE B 198 7.46 -0.79 22.84
C ILE B 198 7.51 -1.58 21.54
N VAL B 199 8.62 -2.23 21.28
CA VAL B 199 8.79 -3.04 20.07
C VAL B 199 7.68 -4.07 19.95
N ASP B 200 7.33 -4.71 21.06
CA ASP B 200 6.27 -5.71 21.08
C ASP B 200 4.92 -5.08 20.73
N GLN B 201 4.64 -3.92 21.32
CA GLN B 201 3.41 -3.20 21.04
C GLN B 201 3.35 -2.77 19.57
N VAL B 202 4.50 -2.32 19.06
CA VAL B 202 4.60 -1.88 17.67
C VAL B 202 4.21 -3.00 16.71
N ILE B 203 4.68 -4.21 16.98
CA ILE B 203 4.36 -5.36 16.15
C ILE B 203 2.89 -5.72 16.24
N THR B 204 2.33 -5.61 17.44
CA THR B 204 0.94 -5.94 17.67
C THR B 204 0.01 -5.06 16.84
N ILE B 205 0.23 -3.75 16.89
CA ILE B 205 -0.58 -2.81 16.14
C ILE B 205 -0.17 -2.79 14.67
N GLY B 206 0.93 -3.46 14.35
CA GLY B 206 1.37 -3.60 12.97
C GLY B 206 2.11 -2.40 12.42
N LYS B 207 2.63 -1.56 13.30
CA LYS B 207 3.39 -0.39 12.86
C LYS B 207 4.88 -0.71 12.72
N HIS B 208 5.17 -1.93 12.28
CA HIS B 208 6.55 -2.36 12.09
C HIS B 208 6.78 -2.77 10.64
N VAL B 209 5.85 -2.41 9.77
CA VAL B 209 5.94 -2.73 8.35
C VAL B 209 6.68 -1.63 7.60
N LYS B 210 6.92 -1.86 6.31
CA LYS B 210 7.62 -0.89 5.48
C LYS B 210 6.94 0.48 5.54
N GLY B 211 7.74 1.51 5.76
CA GLY B 211 7.21 2.86 5.86
C GLY B 211 7.59 3.51 7.17
N TYR B 212 7.79 2.69 8.19
CA TYR B 212 8.19 3.18 9.51
C TYR B 212 9.69 3.08 9.69
N HIS B 213 10.24 3.99 10.48
CA HIS B 213 11.68 4.02 10.76
C HIS B 213 11.93 4.30 12.23
N TYR B 214 12.51 3.32 12.92
CA TYR B 214 12.78 3.45 14.35
C TYR B 214 14.27 3.61 14.63
N ILE B 215 14.59 4.40 15.66
CA ILE B 215 15.97 4.59 16.09
C ILE B 215 16.10 4.33 17.57
N ILE B 216 16.81 3.25 17.93
CA ILE B 216 17.01 2.90 19.32
C ILE B 216 18.12 3.75 19.91
N ALA B 217 17.75 4.73 20.74
CA ALA B 217 18.71 5.67 21.30
C ALA B 217 19.42 5.13 22.53
N ASN B 218 20.22 4.09 22.34
CA ASN B 218 21.06 3.55 23.40
C ASN B 218 22.33 2.93 22.84
N LEU B 219 23.29 2.64 23.72
CA LEU B 219 24.57 2.08 23.30
C LEU B 219 24.51 0.56 23.15
N GLY B 220 23.32 0.00 23.31
CA GLY B 220 23.14 -1.44 23.18
C GLY B 220 22.09 -1.81 22.15
N PHE B 221 22.44 -1.66 20.88
CA PHE B 221 21.51 -1.95 19.79
C PHE B 221 21.27 -3.45 19.65
N THR B 222 22.32 -4.23 19.80
CA THR B 222 22.23 -5.69 19.66
C THR B 222 21.94 -6.35 21.00
N ASP B 223 21.79 -5.54 22.04
CA ASP B 223 21.53 -6.07 23.37
C ASP B 223 20.09 -6.57 23.52
N GLY B 224 19.20 -6.01 22.72
CA GLY B 224 17.80 -6.39 22.75
C GLY B 224 17.43 -7.36 21.65
N ASP B 225 16.24 -7.94 21.74
CA ASP B 225 15.75 -8.86 20.73
C ASP B 225 15.25 -8.09 19.51
N LEU B 226 15.87 -8.35 18.36
CA LEU B 226 15.51 -7.67 17.12
C LEU B 226 14.87 -8.61 16.11
N LEU B 227 14.98 -9.91 16.37
CA LEU B 227 14.43 -10.93 15.48
C LEU B 227 12.94 -10.73 15.22
N LYS B 228 12.28 -9.99 16.10
CA LYS B 228 10.84 -9.77 15.99
C LYS B 228 10.49 -8.68 14.97
N ILE B 229 11.14 -7.52 15.09
CA ILE B 229 10.92 -6.43 14.15
C ILE B 229 11.98 -6.43 13.04
N GLN B 230 12.54 -7.61 12.77
CA GLN B 230 13.59 -7.75 11.78
C GLN B 230 13.01 -8.02 10.39
N PHE B 231 11.94 -8.81 10.34
CA PHE B 231 11.32 -9.18 9.08
C PHE B 231 10.04 -8.40 8.83
N GLY B 232 9.73 -7.48 9.73
CA GLY B 232 8.52 -6.67 9.61
C GLY B 232 8.52 -5.80 8.37
N GLY B 233 9.66 -5.18 8.07
CA GLY B 233 9.77 -4.31 6.92
C GLY B 233 10.26 -2.92 7.29
N ALA B 234 9.85 -2.45 8.46
CA ALA B 234 10.26 -1.14 8.94
C ALA B 234 11.75 -1.11 9.24
N GLU B 235 12.42 -0.05 8.78
CA GLU B 235 13.85 0.08 9.01
C GLU B 235 14.15 0.45 10.46
N VAL B 236 15.09 -0.25 11.06
CA VAL B 236 15.49 0.01 12.44
C VAL B 236 16.97 0.31 12.53
N SER B 237 17.29 1.44 13.16
CA SER B 237 18.69 1.83 13.35
C SER B 237 18.99 2.00 14.83
N GLY B 238 20.27 2.05 15.17
CA GLY B 238 20.68 2.20 16.55
C GLY B 238 22.17 2.41 16.71
N PHE B 239 22.66 2.20 17.93
CA PHE B 239 24.07 2.42 18.24
C PHE B 239 24.67 1.24 19.00
N GLN B 240 25.90 0.87 18.66
CA GLN B 240 26.58 -0.21 19.32
C GLN B 240 27.96 0.23 19.81
N ILE B 241 28.22 0.03 21.10
CA ILE B 241 29.49 0.44 21.69
C ILE B 241 30.44 -0.74 21.82
N VAL B 242 29.87 -1.94 21.93
CA VAL B 242 30.66 -3.16 22.02
C VAL B 242 30.83 -3.81 20.65
N ASP B 243 31.92 -3.50 19.99
CA ASP B 243 32.18 -4.05 18.66
C ASP B 243 32.63 -5.49 18.75
N TYR B 244 31.75 -6.41 18.34
CA TYR B 244 32.05 -7.84 18.41
C TYR B 244 32.98 -8.26 17.27
N ASP B 245 33.44 -7.29 16.48
CA ASP B 245 34.36 -7.57 15.39
C ASP B 245 35.81 -7.36 15.81
N ASP B 246 36.01 -6.75 16.97
CA ASP B 246 37.34 -6.59 17.52
C ASP B 246 37.86 -7.92 18.06
N SER B 247 39.09 -8.27 17.69
CA SER B 247 39.71 -9.50 18.17
C SER B 247 39.77 -9.49 19.69
N LEU B 248 39.82 -8.30 20.27
CA LEU B 248 39.84 -8.14 21.72
C LEU B 248 38.52 -8.60 22.33
N VAL B 249 37.42 -8.09 21.78
CA VAL B 249 36.09 -8.45 22.25
C VAL B 249 35.76 -9.89 21.87
N SER B 250 36.16 -10.28 20.66
CA SER B 250 35.91 -11.63 20.17
C SER B 250 36.53 -12.67 21.09
N LYS B 251 37.71 -12.35 21.62
CA LYS B 251 38.40 -13.26 22.54
C LYS B 251 37.69 -13.31 23.89
N PHE B 252 37.15 -12.17 24.31
CA PHE B 252 36.42 -12.09 25.57
C PHE B 252 35.19 -12.99 25.54
N ILE B 253 34.44 -12.92 24.45
CA ILE B 253 33.23 -13.73 24.28
C ILE B 253 33.56 -15.22 24.27
N GLU B 254 34.69 -15.57 23.67
CA GLU B 254 35.12 -16.96 23.60
C GLU B 254 35.17 -17.60 24.99
N ARG B 255 35.54 -16.81 25.99
CA ARG B 255 35.62 -17.30 27.36
C ARG B 255 34.34 -17.00 28.13
N TRP B 256 33.68 -15.90 27.77
CA TRP B 256 32.46 -15.49 28.44
C TRP B 256 31.31 -16.45 28.13
N SER B 257 31.14 -16.78 26.87
CA SER B 257 30.05 -17.63 26.42
C SER B 257 30.13 -19.05 27.00
N THR B 258 31.31 -19.41 27.50
CA THR B 258 31.53 -20.76 28.02
C THR B 258 31.37 -20.83 29.53
N LEU B 259 31.53 -19.70 30.20
CA LEU B 259 31.43 -19.64 31.66
C LEU B 259 30.14 -20.29 32.16
N GLU B 260 30.22 -20.92 33.33
CA GLU B 260 29.06 -21.56 33.93
C GLU B 260 28.02 -20.54 34.35
N GLU B 261 26.80 -20.70 33.87
CA GLU B 261 25.72 -19.76 34.15
C GLU B 261 25.26 -19.85 35.61
N LYS B 262 25.66 -20.94 36.27
CA LYS B 262 25.30 -21.14 37.68
C LYS B 262 26.07 -20.17 38.57
N GLU B 263 27.39 -20.16 38.43
CA GLU B 263 28.25 -19.28 39.22
C GLU B 263 28.22 -17.85 38.68
N TYR B 264 28.14 -17.74 37.35
CA TYR B 264 28.08 -16.44 36.69
C TYR B 264 26.72 -16.24 36.02
N PRO B 265 25.76 -15.68 36.76
CA PRO B 265 24.39 -15.45 36.28
C PRO B 265 24.36 -14.65 34.97
N GLY B 266 23.54 -15.09 34.03
CA GLY B 266 23.39 -14.41 32.75
C GLY B 266 24.71 -14.13 32.07
N ALA B 267 25.57 -15.13 32.01
CA ALA B 267 26.90 -14.97 31.42
C ALA B 267 27.19 -16.05 30.39
N HIS B 268 26.20 -16.89 30.10
CA HIS B 268 26.39 -17.98 29.14
C HIS B 268 25.79 -17.63 27.79
N THR B 269 26.16 -16.46 27.27
CA THR B 269 25.66 -15.99 25.98
C THR B 269 26.80 -15.49 25.09
N ALA B 270 26.51 -15.29 23.81
CA ALA B 270 27.52 -14.83 22.87
C ALA B 270 27.59 -13.30 22.84
N THR B 271 26.65 -12.66 23.53
CA THR B 271 26.61 -11.20 23.59
C THR B 271 26.67 -10.70 25.03
N ILE B 272 26.76 -9.39 25.19
CA ILE B 272 26.83 -8.79 26.52
C ILE B 272 26.29 -7.37 26.52
N LYS B 273 25.47 -7.05 27.52
CA LYS B 273 24.91 -5.71 27.66
C LYS B 273 26.01 -4.68 27.81
N TYR B 274 25.83 -3.52 27.19
CA TYR B 274 26.85 -2.48 27.22
C TYR B 274 27.15 -2.02 28.64
N THR B 275 26.15 -2.10 29.51
CA THR B 275 26.33 -1.75 30.92
C THR B 275 27.31 -2.72 31.59
N SER B 276 27.18 -4.00 31.25
CA SER B 276 28.06 -5.03 31.80
C SER B 276 29.47 -4.90 31.22
N ALA B 277 29.54 -4.62 29.93
CA ALA B 277 30.83 -4.48 29.24
C ALA B 277 31.62 -3.32 29.83
N LEU B 278 30.93 -2.25 30.20
CA LEU B 278 31.57 -1.10 30.81
C LEU B 278 32.07 -1.42 32.21
N THR B 279 31.33 -2.28 32.91
CA THR B 279 31.74 -2.73 34.24
C THR B 279 33.07 -3.46 34.17
N TYR B 280 33.20 -4.34 33.19
CA TYR B 280 34.44 -5.08 32.97
C TYR B 280 35.59 -4.12 32.64
N ASP B 281 35.30 -3.14 31.80
CA ASP B 281 36.31 -2.15 31.42
C ASP B 281 36.63 -1.23 32.59
N ALA B 282 35.70 -1.12 33.53
CA ALA B 282 35.91 -0.29 34.71
C ALA B 282 37.00 -0.90 35.59
N VAL B 283 36.97 -2.21 35.76
CA VAL B 283 37.97 -2.92 36.55
C VAL B 283 39.36 -2.67 35.98
N GLN B 284 39.47 -2.72 34.66
CA GLN B 284 40.75 -2.52 33.99
C GLN B 284 41.28 -1.10 34.23
N VAL B 285 40.38 -0.14 34.26
CA VAL B 285 40.76 1.25 34.48
C VAL B 285 41.27 1.45 35.90
N MET B 286 40.60 0.83 36.86
CA MET B 286 40.98 0.94 38.26
C MET B 286 42.31 0.25 38.53
N THR B 287 42.57 -0.82 37.79
CA THR B 287 43.82 -1.56 37.93
C THR B 287 44.99 -0.73 37.39
N GLU B 288 44.85 -0.23 36.17
CA GLU B 288 45.89 0.57 35.54
C GLU B 288 46.15 1.86 36.33
N ALA B 289 45.12 2.33 37.03
CA ALA B 289 45.23 3.56 37.81
C ALA B 289 46.06 3.33 39.07
N PHE B 290 45.73 2.29 39.81
CA PHE B 290 46.44 1.96 41.04
C PHE B 290 47.86 1.46 40.71
N ARG B 291 48.06 1.03 39.48
CA ARG B 291 49.37 0.56 39.04
C ARG B 291 50.28 1.73 38.68
N ASN B 292 49.70 2.77 38.10
CA ASN B 292 50.45 3.96 37.74
C ASN B 292 50.84 4.78 38.97
N LEU B 293 50.25 4.43 40.11
CA LEU B 293 50.58 5.10 41.37
C LEU B 293 51.75 4.41 42.06
N ARG B 294 51.86 3.10 41.87
CA ARG B 294 52.96 2.33 42.44
C ARG B 294 54.26 2.62 41.68
N LYS B 295 54.16 2.69 40.36
CA LYS B 295 55.32 2.95 39.51
C LYS B 295 55.72 4.43 39.57
N GLN B 296 54.83 5.26 40.10
CA GLN B 296 55.10 6.69 40.22
C GLN B 296 55.63 7.04 41.61
N ARG B 297 55.80 6.02 42.44
CA ARG B 297 56.30 6.19 43.80
C ARG B 297 55.44 7.17 44.60
N ILE B 298 54.13 6.93 44.59
CA ILE B 298 53.20 7.79 45.32
C ILE B 298 52.51 7.03 46.45
N GLU B 299 52.80 7.43 47.68
CA GLU B 299 52.19 6.81 48.85
C GLU B 299 50.82 7.41 49.13
N ILE B 300 49.81 6.54 49.23
CA ILE B 300 48.44 6.99 49.45
C ILE B 300 47.75 6.18 50.55
N SER B 301 48.49 5.27 51.18
CA SER B 301 47.96 4.49 52.30
C SER B 301 47.42 5.42 53.39
N ARG B 302 46.17 5.20 53.77
CA ARG B 302 45.52 6.01 54.79
C ARG B 302 46.23 5.89 56.14
N ARG B 303 46.29 7.00 56.88
CA ARG B 303 46.93 7.02 58.18
C ARG B 303 46.07 6.34 59.24
N GLY B 304 44.77 6.26 58.97
CA GLY B 304 43.83 5.63 59.89
C GLY B 304 42.41 5.72 59.40
N ASN B 305 41.46 5.42 60.29
CA ASN B 305 40.05 5.49 59.95
C ASN B 305 39.67 6.87 59.42
N ALA B 306 38.77 6.90 58.44
CA ALA B 306 38.39 8.16 57.80
C ALA B 306 37.39 8.93 58.64
N GLY B 307 36.65 8.22 59.49
CA GLY B 307 35.66 8.83 60.36
C GLY B 307 34.30 8.93 59.71
N ASP B 308 33.36 9.54 60.41
CA ASP B 308 32.00 9.71 59.89
C ASP B 308 31.99 10.74 58.76
N CYS B 309 31.29 10.41 57.68
CA CYS B 309 31.22 11.28 56.51
C CYS B 309 30.50 12.59 56.81
N LEU B 310 29.63 12.57 57.82
CA LEU B 310 28.89 13.76 58.20
C LEU B 310 29.72 14.67 59.10
N ALA B 311 30.99 14.32 59.29
CA ALA B 311 31.89 15.09 60.13
C ALA B 311 31.88 16.57 59.73
N ASN B 312 31.70 17.44 60.73
CA ASN B 312 31.64 18.87 60.48
C ASN B 312 32.60 19.63 61.40
N PRO B 313 33.52 20.41 60.81
CA PRO B 313 33.67 20.59 59.37
C PRO B 313 34.21 19.34 58.67
N ALA B 314 33.78 19.12 57.43
CA ALA B 314 34.24 17.98 56.66
C ALA B 314 35.59 18.27 55.99
N VAL B 315 36.60 17.50 56.36
CA VAL B 315 37.93 17.69 55.79
C VAL B 315 38.28 16.60 54.79
N PRO B 316 38.52 17.00 53.54
CA PRO B 316 38.88 16.08 52.44
C PRO B 316 40.33 15.61 52.59
N TRP B 317 40.54 14.29 52.54
CA TRP B 317 41.88 13.73 52.63
C TRP B 317 42.65 13.96 51.33
N GLY B 318 43.77 14.66 51.43
CA GLY B 318 44.53 15.07 50.25
C GLY B 318 44.94 13.94 49.33
N GLN B 319 45.00 12.72 49.85
CA GLN B 319 45.39 11.57 49.06
C GLN B 319 44.38 11.26 47.96
N GLY B 320 43.18 11.84 48.08
CA GLY B 320 42.13 11.63 47.11
C GLY B 320 42.35 12.37 45.82
N VAL B 321 43.00 13.53 45.91
CA VAL B 321 43.28 14.35 44.74
C VAL B 321 44.17 13.60 43.75
N GLU B 322 45.07 12.78 44.27
CA GLU B 322 45.98 12.00 43.44
C GLU B 322 45.29 10.81 42.80
N ILE B 323 44.35 10.20 43.54
CA ILE B 323 43.61 9.06 43.02
C ILE B 323 42.77 9.46 41.83
N GLU B 324 42.30 10.71 41.82
CA GLU B 324 41.53 11.24 40.71
C GLU B 324 42.41 11.45 39.48
N ARG B 325 43.54 12.10 39.68
CA ARG B 325 44.47 12.37 38.59
C ARG B 325 45.03 11.07 38.00
N ALA B 326 44.84 9.97 38.72
CA ALA B 326 45.29 8.66 38.26
C ALA B 326 44.27 8.04 37.32
N LEU B 327 43.04 7.90 37.81
CA LEU B 327 41.96 7.32 37.03
C LEU B 327 41.72 8.10 35.74
N LYS B 328 41.73 9.43 35.85
CA LYS B 328 41.48 10.30 34.70
C LYS B 328 42.63 10.26 33.70
N GLN B 329 43.80 9.80 34.15
CA GLN B 329 44.97 9.74 33.29
C GLN B 329 45.06 8.39 32.58
N VAL B 330 44.28 7.42 33.06
CA VAL B 330 44.29 6.08 32.50
C VAL B 330 43.89 6.09 31.02
N GLN B 331 44.51 5.21 30.24
CA GLN B 331 44.17 5.07 28.83
C GLN B 331 44.54 3.69 28.31
N VAL B 332 43.58 2.77 28.35
CA VAL B 332 43.78 1.41 27.89
C VAL B 332 42.74 1.02 26.86
N GLU B 333 42.82 -0.22 26.37
CA GLU B 333 41.88 -0.72 25.38
C GLU B 333 40.94 -1.73 26.02
N GLY B 334 39.63 -1.51 25.87
CA GLY B 334 38.64 -2.38 26.47
C GLY B 334 37.56 -2.80 25.49
N LEU B 335 36.51 -3.42 26.02
CA LEU B 335 35.40 -3.90 25.21
C LEU B 335 34.69 -2.74 24.50
N SER B 336 34.68 -1.59 25.14
CA SER B 336 34.00 -0.41 24.59
C SER B 336 34.97 0.50 23.84
N GLY B 337 35.86 -0.11 23.06
CA GLY B 337 36.81 0.63 22.26
C GLY B 337 37.87 1.33 23.09
N ASN B 338 38.53 2.32 22.49
CA ASN B 338 39.58 3.07 23.17
C ASN B 338 39.02 3.89 24.34
N ILE B 339 39.58 3.66 25.53
CA ILE B 339 39.13 4.35 26.72
C ILE B 339 40.05 5.51 27.10
N LYS B 340 39.51 6.72 27.07
CA LYS B 340 40.26 7.90 27.47
C LYS B 340 39.34 8.88 28.20
N PHE B 341 39.94 9.74 29.02
CA PHE B 341 39.16 10.69 29.82
C PHE B 341 39.70 12.11 29.74
N ASP B 342 38.88 13.07 30.10
CA ASP B 342 39.31 14.46 30.21
C ASP B 342 39.44 14.85 31.68
N GLN B 343 39.68 16.12 31.93
CA GLN B 343 39.90 16.61 33.29
C GLN B 343 38.67 16.40 34.18
N ASN B 344 37.51 16.25 33.56
CA ASN B 344 36.25 16.11 34.30
C ASN B 344 35.90 14.66 34.61
N GLY B 345 36.00 13.80 33.61
CA GLY B 345 35.70 12.39 33.78
C GLY B 345 34.92 11.82 32.61
N LYS B 346 34.42 12.70 31.75
CA LYS B 346 33.70 12.28 30.56
C LYS B 346 34.66 11.66 29.56
N ARG B 347 34.25 10.52 28.97
CA ARG B 347 35.09 9.82 28.02
C ARG B 347 35.29 10.61 26.74
N ILE B 348 36.48 10.48 26.15
CA ILE B 348 36.81 11.16 24.91
C ILE B 348 37.53 10.22 23.95
N ASN B 349 37.68 10.66 22.70
CA ASN B 349 38.34 9.86 21.68
C ASN B 349 37.78 8.44 21.61
N TYR B 350 36.45 8.34 21.65
CA TYR B 350 35.78 7.05 21.59
C TYR B 350 35.09 6.84 20.24
N THR B 351 34.54 5.65 20.04
CA THR B 351 33.89 5.32 18.78
C THR B 351 32.58 4.57 19.00
N ILE B 352 31.51 5.08 18.39
CA ILE B 352 30.21 4.44 18.49
C ILE B 352 29.73 3.99 17.10
N ASN B 353 29.63 2.68 16.92
CA ASN B 353 29.21 2.12 15.64
C ASN B 353 27.72 2.31 15.37
N ILE B 354 27.40 2.85 14.20
CA ILE B 354 26.00 3.00 13.79
C ILE B 354 25.50 1.71 13.17
N MET B 355 24.37 1.21 13.66
CA MET B 355 23.86 -0.08 13.23
C MET B 355 22.52 0.03 12.51
N GLU B 356 22.32 -0.85 11.52
CA GLU B 356 21.03 -0.98 10.85
C GLU B 356 20.61 -2.43 10.84
N LEU B 357 19.31 -2.67 10.99
CA LEU B 357 18.78 -4.03 11.02
C LEU B 357 18.28 -4.48 9.65
N LYS B 358 19.01 -5.41 9.04
CA LYS B 358 18.63 -5.94 7.73
C LYS B 358 17.94 -7.29 7.88
N THR B 359 17.74 -7.97 6.75
CA THR B 359 17.08 -9.27 6.75
C THR B 359 17.96 -10.35 7.38
N ASN B 360 19.25 -10.30 7.08
CA ASN B 360 20.19 -11.28 7.62
C ASN B 360 20.61 -10.97 9.05
N GLY B 361 20.16 -9.83 9.57
CA GLY B 361 20.48 -9.42 10.92
C GLY B 361 21.14 -8.07 10.97
N PRO B 362 21.52 -7.61 12.17
CA PRO B 362 22.19 -6.33 12.39
C PRO B 362 23.45 -6.20 11.54
N ARG B 363 23.80 -4.98 11.16
CA ARG B 363 24.97 -4.73 10.33
C ARG B 363 25.49 -3.32 10.50
N LYS B 364 26.78 -3.19 10.80
CA LYS B 364 27.40 -1.89 10.97
C LYS B 364 27.53 -1.15 9.64
N ILE B 365 26.95 0.04 9.57
CA ILE B 365 26.99 0.84 8.35
C ILE B 365 27.99 1.99 8.48
N GLY B 366 28.61 2.09 9.65
CA GLY B 366 29.57 3.15 9.90
C GLY B 366 29.80 3.38 11.38
N TYR B 367 30.54 4.43 11.71
CA TYR B 367 30.82 4.75 13.11
C TYR B 367 30.69 6.25 13.35
N TRP B 368 30.81 6.65 14.62
CA TRP B 368 30.71 8.06 14.98
C TRP B 368 31.85 8.46 15.92
N SER B 369 32.66 9.42 15.47
CA SER B 369 33.75 9.94 16.28
C SER B 369 33.41 11.34 16.78
N GLU B 370 33.85 11.66 17.98
CA GLU B 370 33.59 12.97 18.56
C GLU B 370 34.26 14.08 17.77
N VAL B 371 35.17 13.69 16.88
CA VAL B 371 35.95 14.65 16.10
C VAL B 371 35.67 14.54 14.60
N ASP B 372 35.14 13.40 14.18
CA ASP B 372 34.89 13.16 12.76
C ASP B 372 33.40 13.00 12.46
N LYS B 373 32.57 13.17 13.49
CA LYS B 373 31.13 12.96 13.34
C LYS B 373 30.85 11.56 12.79
N MET B 374 29.88 11.45 11.89
CA MET B 374 29.52 10.17 11.30
C MET B 374 30.36 9.86 10.07
N VAL B 375 30.84 8.62 9.98
CA VAL B 375 31.63 8.18 8.83
C VAL B 375 31.20 6.78 8.41
N LEU B 376 30.70 6.66 7.18
CA LEU B 376 30.16 5.39 6.68
C LEU B 376 31.23 4.36 6.35
N THR B 377 30.95 3.10 6.65
CA THR B 377 31.84 2.00 6.30
C THR B 377 31.31 1.26 5.08
N GLU B 378 32.02 1.38 3.97
CA GLU B 378 31.52 0.91 2.68
C GLU B 378 31.56 -0.62 2.51
N ASP B 379 30.39 -1.23 2.56
CA ASP B 379 30.21 -2.63 2.19
C ASP B 379 29.06 -2.73 1.20
N LYS B 393 25.63 -6.68 -22.39
CA LYS B 393 24.48 -6.21 -21.54
C LYS B 393 23.86 -4.97 -22.15
N THR B 394 24.54 -3.83 -22.02
CA THR B 394 24.04 -2.58 -22.58
C THR B 394 24.19 -2.61 -24.10
N VAL B 395 23.06 -2.42 -24.76
CA VAL B 395 23.00 -2.44 -26.22
C VAL B 395 23.60 -1.15 -26.81
N VAL B 396 24.60 -1.31 -27.67
CA VAL B 396 25.23 -0.17 -28.31
C VAL B 396 24.45 0.15 -29.58
N VAL B 397 23.88 1.35 -29.61
CA VAL B 397 23.08 1.80 -30.75
C VAL B 397 23.88 2.72 -31.65
N THR B 398 23.99 2.35 -32.92
CA THR B 398 24.68 3.23 -33.86
C THR B 398 23.61 4.06 -34.55
N THR B 399 23.86 5.36 -34.66
CA THR B 399 22.92 6.24 -35.31
C THR B 399 23.68 7.34 -36.05
N ILE B 400 22.97 8.28 -36.66
CA ILE B 400 23.61 9.34 -37.43
C ILE B 400 23.04 10.74 -37.13
N LEU B 401 23.93 11.73 -37.10
CA LEU B 401 23.49 13.11 -36.85
C LEU B 401 22.86 13.59 -38.14
N GLU B 402 21.54 13.43 -38.21
CA GLU B 402 20.76 13.79 -39.38
C GLU B 402 19.48 14.39 -38.84
N SER B 403 19.20 15.66 -39.14
CA SER B 403 17.98 16.27 -38.59
C SER B 403 16.73 15.83 -39.35
N PRO B 404 15.60 15.63 -38.64
CA PRO B 404 15.38 15.80 -37.20
C PRO B 404 15.47 14.48 -36.42
N TYR B 405 16.13 13.49 -37.01
CA TYR B 405 16.22 12.15 -36.39
C TYR B 405 17.09 12.15 -35.13
N VAL B 406 18.28 12.73 -35.24
CA VAL B 406 19.21 12.85 -34.12
C VAL B 406 19.97 14.17 -34.25
N MET B 407 19.90 14.97 -33.20
CA MET B 407 20.54 16.27 -33.16
C MET B 407 21.17 16.51 -31.79
N MET B 408 22.19 17.36 -31.74
CA MET B 408 22.81 17.68 -30.47
C MET B 408 21.90 18.65 -29.73
N LYS B 409 21.60 18.35 -28.47
CA LYS B 409 20.78 19.26 -27.66
C LYS B 409 21.57 20.56 -27.47
N LYS B 410 20.86 21.68 -27.41
CA LYS B 410 21.50 22.98 -27.26
C LYS B 410 22.51 23.03 -26.13
N ASN B 411 22.21 22.36 -25.02
CA ASN B 411 23.09 22.33 -23.86
C ASN B 411 23.75 20.96 -23.65
N HIS B 412 24.06 20.27 -24.76
CA HIS B 412 24.64 18.94 -24.66
C HIS B 412 25.93 18.82 -23.86
N GLU B 413 26.78 19.84 -23.90
CA GLU B 413 28.05 19.82 -23.17
C GLU B 413 27.83 19.71 -21.65
N MET B 414 26.64 20.06 -21.19
CA MET B 414 26.28 19.98 -19.78
C MET B 414 25.54 18.71 -19.42
N LEU B 415 25.26 17.86 -20.41
CA LEU B 415 24.52 16.61 -20.20
C LEU B 415 25.40 15.37 -20.43
N GLU B 416 24.94 14.21 -19.97
CA GLU B 416 25.71 12.97 -20.11
C GLU B 416 24.98 11.93 -20.93
N GLY B 417 25.77 11.07 -21.59
CA GLY B 417 25.27 9.97 -22.39
C GLY B 417 24.14 10.22 -23.37
N ASN B 418 23.08 9.43 -23.22
CA ASN B 418 21.92 9.51 -24.10
C ASN B 418 21.19 10.85 -24.02
N GLU B 419 21.37 11.55 -22.90
CA GLU B 419 20.73 12.85 -22.69
C GLU B 419 21.31 13.99 -23.52
N ARG B 420 22.42 13.75 -24.21
CA ARG B 420 23.04 14.77 -25.04
C ARG B 420 22.31 14.97 -26.36
N TYR B 421 21.48 14.01 -26.74
CA TYR B 421 20.81 14.06 -28.04
C TYR B 421 19.31 14.16 -27.96
N GLU B 422 18.71 14.59 -29.06
CA GLU B 422 17.25 14.68 -29.15
C GLU B 422 16.84 14.45 -30.61
N GLY B 423 15.59 14.04 -30.82
CA GLY B 423 15.13 13.81 -32.17
C GLY B 423 14.14 12.67 -32.29
N TYR B 424 13.60 12.48 -33.49
CA TYR B 424 12.65 11.41 -33.74
C TYR B 424 13.27 10.04 -33.36
N CYS B 425 14.49 9.76 -33.83
CA CYS B 425 15.16 8.49 -33.54
C CYS B 425 15.60 8.33 -32.10
N VAL B 426 15.82 9.46 -31.42
CA VAL B 426 16.20 9.45 -30.01
C VAL B 426 14.94 8.99 -29.24
N ASP B 427 13.79 9.57 -29.62
CA ASP B 427 12.51 9.21 -29.00
C ASP B 427 12.16 7.76 -29.32
N LEU B 428 12.42 7.35 -30.57
CA LEU B 428 12.13 5.98 -30.98
C LEU B 428 13.01 4.95 -30.26
N ALA B 429 14.31 5.27 -30.10
CA ALA B 429 15.27 4.39 -29.43
C ALA B 429 14.83 4.11 -28.00
N ALA B 430 14.40 5.16 -27.30
CA ALA B 430 13.96 5.00 -25.92
C ALA B 430 12.77 4.06 -25.85
N GLU B 431 11.84 4.19 -26.80
CA GLU B 431 10.67 3.34 -26.84
C GLU B 431 10.97 1.89 -27.23
N ILE B 432 11.79 1.70 -28.26
CA ILE B 432 12.17 0.35 -28.69
C ILE B 432 12.86 -0.34 -27.51
N ALA B 433 13.74 0.39 -26.82
CA ALA B 433 14.45 -0.17 -25.67
C ALA B 433 13.50 -0.58 -24.53
N LYS B 434 12.50 0.26 -24.21
CA LYS B 434 11.53 -0.07 -23.15
C LYS B 434 10.72 -1.32 -23.50
N HIS B 435 10.24 -1.36 -24.72
CA HIS B 435 9.42 -2.48 -25.19
C HIS B 435 10.18 -3.77 -25.41
N CYS B 436 11.49 -3.69 -25.58
CA CYS B 436 12.29 -4.88 -25.78
C CYS B 436 13.00 -5.26 -24.50
N GLY B 437 12.92 -4.38 -23.51
CA GLY B 437 13.54 -4.62 -22.22
C GLY B 437 15.06 -4.57 -22.17
N PHE B 438 15.68 -3.58 -22.81
CA PHE B 438 17.13 -3.49 -22.75
C PHE B 438 17.65 -2.09 -22.48
N LYS B 439 18.86 -2.03 -21.93
CA LYS B 439 19.52 -0.76 -21.65
C LYS B 439 20.35 -0.52 -22.90
N TYR B 440 20.58 0.74 -23.22
CA TYR B 440 21.32 1.07 -24.44
C TYR B 440 22.16 2.29 -24.30
N LYS B 441 23.05 2.45 -25.27
CA LYS B 441 23.96 3.57 -25.34
C LYS B 441 23.96 4.08 -26.79
N LEU B 442 23.52 5.31 -26.99
CA LEU B 442 23.53 5.93 -28.32
C LEU B 442 24.96 6.34 -28.69
N THR B 443 25.36 6.03 -29.92
CA THR B 443 26.68 6.40 -30.41
C THR B 443 26.51 6.86 -31.86
N ILE B 444 27.17 7.96 -32.21
CA ILE B 444 27.09 8.48 -33.57
C ILE B 444 28.10 7.76 -34.42
N VAL B 445 27.65 7.21 -35.54
CA VAL B 445 28.53 6.49 -36.46
C VAL B 445 29.79 7.33 -36.78
N GLY B 446 30.96 6.73 -36.54
CA GLY B 446 32.23 7.39 -36.73
C GLY B 446 32.53 8.06 -38.05
N ASP B 447 32.19 7.43 -39.17
CA ASP B 447 32.47 8.02 -40.46
C ASP B 447 31.32 8.89 -40.98
N GLY B 448 30.26 9.00 -40.18
CA GLY B 448 29.11 9.80 -40.57
C GLY B 448 28.36 9.38 -41.82
N LYS B 449 28.49 8.10 -42.19
CA LYS B 449 27.82 7.57 -43.40
C LYS B 449 26.71 6.57 -43.07
N TYR B 450 25.83 6.34 -44.05
CA TYR B 450 24.73 5.40 -43.87
C TYR B 450 25.19 3.95 -44.03
N GLY B 451 25.88 3.66 -45.13
CA GLY B 451 26.37 2.32 -45.33
C GLY B 451 26.38 1.83 -46.76
N ALA B 452 27.57 1.57 -47.26
CA ALA B 452 27.75 1.09 -48.63
C ALA B 452 28.97 0.17 -48.65
N ARG B 453 28.97 -0.78 -49.57
CA ARG B 453 30.07 -1.70 -49.69
C ARG B 453 31.03 -1.19 -50.75
N ASP B 454 32.29 -0.98 -50.37
CA ASP B 454 33.32 -0.50 -51.31
C ASP B 454 33.55 -1.57 -52.37
N ALA B 455 33.31 -1.20 -53.63
CA ALA B 455 33.56 -2.10 -54.76
C ALA B 455 35.09 -2.05 -54.90
N ASP B 456 35.75 -3.08 -54.41
CA ASP B 456 37.21 -3.10 -54.46
C ASP B 456 37.70 -3.73 -53.17
N THR B 457 37.63 -2.99 -52.06
CA THR B 457 38.06 -3.52 -50.75
C THR B 457 36.96 -4.39 -50.14
N LYS B 458 35.75 -4.30 -50.71
CA LYS B 458 34.57 -5.04 -50.27
C LYS B 458 34.13 -4.78 -48.83
N ILE B 459 34.72 -3.76 -48.22
CA ILE B 459 34.41 -3.38 -46.85
C ILE B 459 33.17 -2.48 -46.78
N TRP B 460 32.32 -2.75 -45.80
CA TRP B 460 31.11 -1.98 -45.56
C TRP B 460 31.43 -0.80 -44.64
N ASN B 461 30.98 0.39 -45.03
CA ASN B 461 31.19 1.56 -44.21
C ASN B 461 29.87 1.99 -43.53
N GLY B 462 29.90 3.13 -42.85
CA GLY B 462 28.72 3.68 -42.20
C GLY B 462 28.10 2.84 -41.11
N MET B 463 26.81 3.05 -40.87
CA MET B 463 26.08 2.31 -39.84
C MET B 463 26.01 0.82 -40.17
N VAL B 464 25.86 0.49 -41.44
CA VAL B 464 25.81 -0.89 -41.86
C VAL B 464 27.11 -1.58 -41.47
N GLY B 465 28.24 -0.91 -41.72
CA GLY B 465 29.54 -1.47 -41.36
C GLY B 465 29.66 -1.71 -39.86
N GLU B 466 29.19 -0.77 -39.05
CA GLU B 466 29.27 -0.93 -37.60
C GLU B 466 28.55 -2.19 -37.15
N LEU B 467 27.46 -2.55 -37.82
CA LEU B 467 26.69 -3.73 -37.47
C LEU B 467 27.39 -4.98 -37.98
N VAL B 468 27.86 -4.90 -39.23
CA VAL B 468 28.54 -6.02 -39.90
C VAL B 468 29.80 -6.48 -39.19
N TYR B 469 30.58 -5.51 -38.71
CA TYR B 469 31.83 -5.82 -38.01
C TYR B 469 31.67 -5.91 -36.49
N GLY B 470 30.43 -5.87 -36.03
CA GLY B 470 30.14 -5.99 -34.61
C GLY B 470 30.50 -4.85 -33.68
N LYS B 471 30.62 -3.64 -34.22
CA LYS B 471 30.94 -2.47 -33.41
C LYS B 471 29.67 -1.94 -32.74
N ALA B 472 28.52 -2.27 -33.31
CA ALA B 472 27.23 -1.86 -32.76
C ALA B 472 26.27 -3.04 -32.80
N ASP B 473 25.29 -3.03 -31.88
CA ASP B 473 24.31 -4.09 -31.75
C ASP B 473 23.01 -3.82 -32.48
N ILE B 474 22.76 -2.56 -32.82
CA ILE B 474 21.52 -2.18 -33.49
C ILE B 474 21.71 -0.77 -34.03
N ALA B 475 21.00 -0.46 -35.12
CA ALA B 475 21.03 0.87 -35.72
C ALA B 475 19.60 1.35 -35.74
N ILE B 476 19.39 2.51 -35.13
CA ILE B 476 18.07 3.15 -35.04
C ILE B 476 18.33 4.52 -35.69
N ALA B 477 18.04 4.59 -36.99
CA ALA B 477 18.30 5.74 -37.82
C ALA B 477 17.45 5.69 -39.09
N PRO B 478 17.48 6.76 -39.92
CA PRO B 478 16.70 6.77 -41.16
C PRO B 478 17.48 5.94 -42.20
N LEU B 479 17.68 4.66 -41.87
CA LEU B 479 18.42 3.70 -42.70
C LEU B 479 17.45 2.95 -43.60
N THR B 480 17.62 3.14 -44.90
CA THR B 480 16.76 2.54 -45.90
C THR B 480 16.95 1.03 -46.08
N ILE B 481 15.83 0.32 -46.07
CA ILE B 481 15.80 -1.13 -46.27
C ILE B 481 16.08 -1.35 -47.75
N THR B 482 17.22 -1.96 -48.07
CA THR B 482 17.56 -2.23 -49.46
C THR B 482 17.99 -3.69 -49.60
N LEU B 483 17.89 -4.23 -50.81
CA LEU B 483 18.28 -5.62 -51.05
C LEU B 483 19.74 -5.89 -50.66
N VAL B 484 20.68 -5.07 -51.12
CA VAL B 484 22.08 -5.30 -50.80
C VAL B 484 22.40 -5.26 -49.31
N ARG B 485 21.63 -4.48 -48.56
CA ARG B 485 21.86 -4.41 -47.13
C ARG B 485 21.21 -5.59 -46.42
N GLU B 486 20.03 -5.97 -46.88
CA GLU B 486 19.31 -7.07 -46.28
C GLU B 486 20.09 -8.38 -46.43
N GLU B 487 20.99 -8.43 -47.40
CA GLU B 487 21.79 -9.63 -47.61
C GLU B 487 22.83 -9.80 -46.52
N VAL B 488 23.22 -8.71 -45.86
CA VAL B 488 24.24 -8.76 -44.81
C VAL B 488 23.78 -8.40 -43.39
N ILE B 489 22.62 -7.76 -43.28
CA ILE B 489 22.05 -7.38 -41.98
C ILE B 489 20.54 -7.61 -41.99
N ASP B 490 19.94 -7.65 -40.80
CA ASP B 490 18.50 -7.84 -40.65
C ASP B 490 17.83 -6.49 -40.41
N PHE B 491 16.63 -6.33 -40.96
CA PHE B 491 15.84 -5.10 -40.80
C PHE B 491 14.47 -5.47 -40.26
N SER B 492 13.94 -4.60 -39.41
CA SER B 492 12.59 -4.79 -38.90
C SER B 492 11.71 -4.33 -40.06
N LYS B 493 10.40 -4.51 -39.92
CA LYS B 493 9.46 -4.02 -40.92
C LYS B 493 9.65 -2.49 -40.87
N PRO B 494 9.22 -1.74 -41.89
CA PRO B 494 9.40 -0.28 -41.86
C PRO B 494 8.76 0.53 -40.72
N PHE B 495 9.49 1.49 -40.17
CA PHE B 495 8.92 2.37 -39.15
C PHE B 495 8.55 3.71 -39.80
N MET B 496 8.93 3.88 -41.07
CA MET B 496 8.64 5.08 -41.83
C MET B 496 8.63 4.71 -43.31
N SER B 497 7.60 5.17 -44.03
CA SER B 497 7.47 4.92 -45.47
C SER B 497 7.92 6.18 -46.18
N LEU B 498 8.61 6.02 -47.30
CA LEU B 498 9.13 7.17 -48.02
C LEU B 498 9.53 6.87 -49.47
N GLY B 499 10.08 7.89 -50.13
CA GLY B 499 10.54 7.73 -51.49
C GLY B 499 11.47 8.86 -51.88
N ILE B 500 12.27 8.67 -52.93
CA ILE B 500 13.17 9.70 -53.41
C ILE B 500 12.31 10.84 -53.97
N SER B 501 12.77 12.07 -53.74
CA SER B 501 12.04 13.26 -54.18
C SER B 501 13.01 14.35 -54.59
N ILE B 502 12.47 15.42 -55.16
CA ILE B 502 13.26 16.56 -55.61
C ILE B 502 13.07 17.77 -54.72
N MET B 503 14.19 18.35 -54.28
CA MET B 503 14.18 19.57 -53.48
C MET B 503 14.71 20.70 -54.33
N ILE B 504 13.93 21.77 -54.45
CA ILE B 504 14.35 22.94 -55.21
C ILE B 504 14.29 24.19 -54.35
N LYS B 505 15.08 25.18 -54.75
CA LYS B 505 15.08 26.51 -54.16
C LYS B 505 13.78 27.09 -54.76
N LYS B 506 12.94 27.72 -53.93
CA LYS B 506 11.67 28.27 -54.45
C LYS B 506 11.83 29.11 -55.71
N PRO B 632 12.40 26.66 -62.01
CA PRO B 632 11.49 26.15 -63.05
C PRO B 632 11.65 24.64 -63.33
N ILE B 633 11.38 23.84 -62.29
CA ILE B 633 11.50 22.38 -62.36
C ILE B 633 10.29 21.80 -61.63
N GLU B 634 9.60 20.88 -62.28
CA GLU B 634 8.43 20.25 -61.68
C GLU B 634 8.57 18.74 -61.56
N SER B 635 9.61 18.15 -62.13
CA SER B 635 9.77 16.70 -62.10
C SER B 635 11.16 16.21 -62.45
N ALA B 636 11.36 14.90 -62.34
CA ALA B 636 12.63 14.28 -62.68
C ALA B 636 12.82 14.36 -64.19
N GLU B 637 11.72 14.24 -64.94
CA GLU B 637 11.75 14.34 -66.40
C GLU B 637 12.27 15.73 -66.75
N ASP B 638 11.78 16.75 -66.02
CA ASP B 638 12.23 18.13 -66.24
C ASP B 638 13.73 18.26 -66.05
N LEU B 639 14.24 17.74 -64.94
CA LEU B 639 15.68 17.80 -64.66
C LEU B 639 16.49 17.13 -65.76
N SER B 640 16.03 15.96 -66.21
CA SER B 640 16.72 15.19 -67.25
C SER B 640 16.83 15.89 -68.60
N LYS B 641 15.76 16.58 -69.01
CA LYS B 641 15.72 17.28 -70.29
C LYS B 641 16.50 18.60 -70.34
N GLN B 642 17.08 19.01 -69.22
CA GLN B 642 17.79 20.29 -69.22
C GLN B 642 19.20 20.23 -68.65
N THR B 643 19.94 21.33 -68.73
CA THR B 643 21.30 21.34 -68.22
C THR B 643 21.70 22.58 -67.44
N GLU B 644 20.89 23.63 -67.46
CA GLU B 644 21.23 24.86 -66.74
C GLU B 644 21.25 24.61 -65.23
N ILE B 645 20.28 23.83 -64.76
CA ILE B 645 20.15 23.49 -63.34
C ILE B 645 20.85 22.17 -63.05
N ALA B 646 21.89 22.23 -62.23
CA ALA B 646 22.65 21.05 -61.83
C ALA B 646 21.85 20.31 -60.74
N TYR B 647 22.12 19.01 -60.59
CA TYR B 647 21.43 18.22 -59.58
C TYR B 647 22.23 17.00 -59.17
N GLY B 648 22.13 16.65 -57.89
CA GLY B 648 22.86 15.51 -57.37
C GLY B 648 22.20 14.84 -56.20
N THR B 649 22.93 13.93 -55.57
CA THR B 649 22.43 13.16 -54.43
C THR B 649 23.47 13.07 -53.31
N LEU B 650 23.09 12.42 -52.21
CA LEU B 650 24.02 12.20 -51.11
C LEU B 650 25.08 11.26 -51.74
N ASP B 651 26.35 11.59 -51.54
CA ASP B 651 27.50 10.86 -52.11
C ASP B 651 27.52 9.38 -51.83
N SER B 652 26.94 8.99 -50.71
CA SER B 652 26.91 7.60 -50.31
C SER B 652 25.54 7.33 -49.72
N GLY B 653 24.81 6.41 -50.34
CA GLY B 653 23.48 6.08 -49.85
C GLY B 653 22.60 5.39 -50.87
N SER B 654 21.39 5.08 -50.42
CA SER B 654 20.40 4.38 -51.25
C SER B 654 19.89 5.19 -52.42
N THR B 655 19.95 6.52 -52.31
CA THR B 655 19.49 7.38 -53.40
C THR B 655 20.47 7.26 -54.58
N LYS B 656 21.76 7.41 -54.30
CA LYS B 656 22.80 7.32 -55.32
C LYS B 656 22.73 5.95 -56.02
N GLU B 657 22.50 4.90 -55.23
CA GLU B 657 22.36 3.55 -55.77
C GLU B 657 21.11 3.40 -56.62
N PHE B 658 20.01 4.06 -56.24
CA PHE B 658 18.79 3.97 -57.02
C PHE B 658 19.08 4.40 -58.46
N PHE B 659 19.81 5.51 -58.60
CA PHE B 659 20.15 6.05 -59.91
C PHE B 659 21.18 5.24 -60.68
N ARG B 660 22.23 4.81 -59.99
CA ARG B 660 23.30 4.02 -60.59
C ARG B 660 22.82 2.69 -61.19
N ARG B 661 21.67 2.23 -60.74
CA ARG B 661 21.13 0.94 -61.18
C ARG B 661 19.80 1.00 -61.92
N SER B 662 19.15 2.16 -61.96
CA SER B 662 17.87 2.27 -62.66
C SER B 662 18.01 1.88 -64.13
N LYS B 663 17.01 1.18 -64.64
CA LYS B 663 17.01 0.78 -66.04
C LYS B 663 15.91 1.59 -66.71
N ILE B 664 15.32 2.51 -65.93
CA ILE B 664 14.26 3.40 -66.41
C ILE B 664 14.96 4.56 -67.14
N ALA B 665 14.49 4.85 -68.37
CA ALA B 665 15.09 5.88 -69.21
C ALA B 665 15.44 7.23 -68.59
N VAL B 666 14.45 7.88 -67.98
CA VAL B 666 14.65 9.18 -67.34
C VAL B 666 15.70 9.14 -66.23
N PHE B 667 15.65 8.12 -65.39
CA PHE B 667 16.62 8.00 -64.30
C PHE B 667 18.01 7.63 -64.81
N ASP B 668 18.08 6.80 -65.85
CA ASP B 668 19.39 6.42 -66.43
C ASP B 668 20.05 7.66 -67.04
N LYS B 669 19.24 8.51 -67.65
CA LYS B 669 19.72 9.75 -68.26
C LYS B 669 20.26 10.67 -67.16
N MET B 670 19.53 10.73 -66.05
CA MET B 670 19.93 11.55 -64.90
C MET B 670 21.25 11.03 -64.30
N TRP B 671 21.39 9.71 -64.20
CA TRP B 671 22.60 9.10 -63.65
C TRP B 671 23.80 9.38 -64.55
N THR B 672 23.62 9.21 -65.85
CA THR B 672 24.67 9.44 -66.86
C THR B 672 25.25 10.83 -66.65
N TYR B 673 24.36 11.80 -66.46
CA TYR B 673 24.77 13.18 -66.22
C TYR B 673 25.46 13.33 -64.85
N MET B 674 24.76 12.96 -63.78
CA MET B 674 25.31 13.11 -62.44
C MET B 674 26.66 12.49 -62.20
N ARG B 675 26.87 11.26 -62.66
CA ARG B 675 28.15 10.59 -62.45
C ARG B 675 29.33 11.25 -63.18
N SER B 676 29.05 12.04 -64.21
CA SER B 676 30.13 12.70 -64.95
C SER B 676 30.22 14.22 -64.76
N ALA B 677 29.24 14.81 -64.09
CA ALA B 677 29.23 16.24 -63.83
C ALA B 677 30.48 16.69 -63.04
N GLU B 678 31.04 17.81 -63.45
CA GLU B 678 32.20 18.40 -62.79
C GLU B 678 31.91 19.90 -62.71
N PRO B 679 32.06 20.51 -61.52
CA PRO B 679 32.46 19.83 -60.28
C PRO B 679 31.37 18.85 -59.82
N SER B 680 31.75 17.97 -58.88
CA SER B 680 30.82 16.95 -58.37
C SER B 680 29.50 17.51 -57.89
N VAL B 681 28.45 16.80 -58.24
CA VAL B 681 27.11 17.18 -57.83
C VAL B 681 26.72 16.41 -56.58
N PHE B 682 27.61 15.52 -56.11
CA PHE B 682 27.32 14.72 -54.90
C PHE B 682 27.79 15.47 -53.65
N VAL B 683 27.13 15.20 -52.52
CA VAL B 683 27.44 15.86 -51.26
C VAL B 683 27.68 14.84 -50.15
N ARG B 684 28.47 15.22 -49.14
CA ARG B 684 28.81 14.34 -48.02
C ARG B 684 27.69 14.12 -47.02
N THR B 685 26.88 15.15 -46.79
CA THR B 685 25.78 15.04 -45.85
C THR B 685 24.55 15.74 -46.40
N THR B 686 23.40 15.41 -45.85
CA THR B 686 22.14 16.02 -46.27
C THR B 686 22.22 17.54 -46.10
N ALA B 687 22.73 18.00 -44.96
CA ALA B 687 22.85 19.44 -44.67
C ALA B 687 23.63 20.15 -45.76
N GLU B 688 24.65 19.48 -46.29
CA GLU B 688 25.48 20.03 -47.35
C GLU B 688 24.66 20.22 -48.62
N GLY B 689 23.81 19.23 -48.93
CA GLY B 689 22.96 19.31 -50.11
C GLY B 689 21.96 20.45 -49.99
N VAL B 690 21.38 20.56 -48.80
CA VAL B 690 20.41 21.61 -48.51
C VAL B 690 21.05 23.00 -48.64
N ALA B 691 22.26 23.17 -48.11
CA ALA B 691 22.94 24.47 -48.21
C ALA B 691 23.29 24.81 -49.66
N ARG B 692 23.69 23.80 -50.44
CA ARG B 692 24.01 24.01 -51.83
C ARG B 692 22.76 24.48 -52.59
N VAL B 693 21.62 23.87 -52.29
CA VAL B 693 20.36 24.28 -52.93
C VAL B 693 20.11 25.74 -52.54
N ARG B 694 20.20 26.04 -51.25
CA ARG B 694 19.94 27.38 -50.74
C ARG B 694 20.85 28.50 -51.25
N LYS B 695 22.11 28.18 -51.53
CA LYS B 695 23.05 29.20 -52.00
C LYS B 695 23.23 29.27 -53.53
N SER B 696 22.61 28.35 -54.26
CA SER B 696 22.80 28.31 -55.71
C SER B 696 21.89 29.11 -56.63
N LYS B 697 21.03 29.95 -56.05
CA LYS B 697 20.14 30.81 -56.82
C LYS B 697 19.24 30.04 -57.81
N GLY B 698 18.88 28.82 -57.44
CA GLY B 698 18.04 28.00 -58.29
C GLY B 698 18.79 27.18 -59.34
N LYS B 699 20.12 27.23 -59.30
CA LYS B 699 20.96 26.50 -60.25
C LYS B 699 21.36 25.09 -59.77
N TYR B 700 20.87 24.70 -58.59
CA TYR B 700 21.14 23.37 -58.04
C TYR B 700 19.88 22.80 -57.38
N ALA B 701 19.47 21.62 -57.81
CA ALA B 701 18.32 20.91 -57.24
C ALA B 701 18.92 19.70 -56.55
N TYR B 702 18.28 19.22 -55.50
CA TYR B 702 18.84 18.11 -54.74
C TYR B 702 17.87 16.94 -54.66
N LEU B 703 18.38 15.74 -54.94
CA LEU B 703 17.57 14.52 -54.88
C LEU B 703 17.80 13.87 -53.51
N LEU B 704 16.73 13.73 -52.73
CA LEU B 704 16.82 13.16 -51.39
C LEU B 704 15.50 12.53 -50.99
N GLU B 705 15.50 11.78 -49.89
CA GLU B 705 14.29 11.12 -49.44
C GLU B 705 13.23 12.12 -49.01
N SER B 706 11.99 11.83 -49.40
CA SER B 706 10.82 12.67 -49.13
C SER B 706 10.74 13.14 -47.69
N THR B 707 11.09 12.25 -46.75
CA THR B 707 11.10 12.56 -45.32
C THR B 707 12.00 13.76 -45.00
N MET B 708 13.26 13.72 -45.44
CA MET B 708 14.17 14.84 -45.20
C MET B 708 13.67 16.09 -45.92
N ASN B 709 13.19 15.92 -47.15
CA ASN B 709 12.68 17.03 -47.96
C ASN B 709 11.55 17.77 -47.23
N GLU B 710 10.55 17.01 -46.77
CA GLU B 710 9.38 17.53 -46.04
C GLU B 710 9.80 18.26 -44.75
N TYR B 711 10.81 17.74 -44.09
CA TYR B 711 11.29 18.36 -42.87
C TYR B 711 11.89 19.74 -43.16
N ILE B 712 12.81 19.79 -44.13
CA ILE B 712 13.50 21.03 -44.51
C ILE B 712 12.53 22.10 -45.02
N GLU B 713 11.47 21.64 -45.67
CA GLU B 713 10.45 22.54 -46.21
C GLU B 713 9.77 23.32 -45.06
N GLN B 714 9.82 22.77 -43.84
CA GLN B 714 9.21 23.43 -42.68
C GLN B 714 10.24 24.14 -41.81
N ARG B 715 11.42 24.37 -42.37
CA ARG B 715 12.51 25.04 -41.64
C ARG B 715 12.89 26.39 -42.23
N LYS B 716 13.16 27.37 -41.37
CA LYS B 716 13.59 28.68 -41.85
C LYS B 716 14.93 28.52 -42.58
N PRO B 717 15.20 29.35 -43.60
CA PRO B 717 14.37 30.45 -44.13
C PRO B 717 13.17 30.15 -45.02
N CYS B 718 12.66 28.91 -45.00
CA CYS B 718 11.49 28.54 -45.80
C CYS B 718 11.67 28.86 -47.28
N ASP B 719 12.86 28.60 -47.78
CA ASP B 719 13.19 28.89 -49.17
C ASP B 719 13.30 27.65 -50.04
N THR B 720 12.99 26.48 -49.51
CA THR B 720 13.04 25.27 -50.31
C THR B 720 11.67 24.65 -50.40
N MET B 721 11.52 23.73 -51.35
CA MET B 721 10.27 23.09 -51.60
C MET B 721 10.46 21.75 -52.27
N LYS B 722 9.57 20.84 -51.91
CA LYS B 722 9.52 19.51 -52.46
C LYS B 722 8.65 19.59 -53.74
N VAL B 723 9.15 19.16 -54.91
CA VAL B 723 8.36 19.21 -56.16
C VAL B 723 8.19 17.85 -56.83
N GLY B 724 7.00 17.62 -57.37
CA GLY B 724 6.69 16.36 -58.01
C GLY B 724 6.36 15.23 -57.06
N GLY B 725 6.08 14.05 -57.62
CA GLY B 725 5.75 12.91 -56.78
C GLY B 725 7.04 12.21 -56.42
N ASN B 726 6.93 11.17 -55.60
CA ASN B 726 8.10 10.40 -55.22
C ASN B 726 8.49 9.50 -56.39
N LEU B 727 9.79 9.30 -56.56
CA LEU B 727 10.35 8.49 -57.63
C LEU B 727 10.20 6.99 -57.37
N ASP B 728 10.11 6.61 -56.09
CA ASP B 728 9.96 5.22 -55.70
C ASP B 728 9.25 5.15 -54.36
N SER B 729 9.09 3.94 -53.84
CA SER B 729 8.43 3.69 -52.56
C SER B 729 9.24 2.69 -51.77
N LYS B 730 9.60 3.04 -50.54
CA LYS B 730 10.40 2.15 -49.71
C LYS B 730 10.24 2.51 -48.24
N GLY B 731 11.09 1.96 -47.39
CA GLY B 731 10.96 2.26 -45.98
C GLY B 731 12.25 2.20 -45.22
N TYR B 732 12.23 2.79 -44.03
CA TYR B 732 13.37 2.79 -43.12
C TYR B 732 13.09 1.66 -42.14
N GLY B 733 14.14 0.94 -41.77
CA GLY B 733 13.96 -0.15 -40.82
C GLY B 733 15.02 -0.10 -39.74
N ILE B 734 14.70 -0.69 -38.59
CA ILE B 734 15.66 -0.79 -37.46
C ILE B 734 16.51 -2.00 -37.86
N ALA B 735 17.83 -1.81 -37.89
CA ALA B 735 18.74 -2.86 -38.32
C ALA B 735 19.53 -3.49 -37.18
N THR B 736 19.78 -4.80 -37.32
CA THR B 736 20.55 -5.56 -36.34
C THR B 736 21.46 -6.50 -37.12
N PRO B 737 22.57 -6.95 -36.48
CA PRO B 737 23.51 -7.86 -37.16
C PRO B 737 22.76 -9.15 -37.52
N LYS B 738 23.12 -9.72 -38.65
CA LYS B 738 22.49 -10.93 -39.14
C LYS B 738 22.51 -11.99 -38.03
N GLY B 739 21.32 -12.50 -37.70
CA GLY B 739 21.20 -13.51 -36.67
C GLY B 739 21.23 -13.00 -35.24
N SER B 740 21.02 -11.70 -35.04
CA SER B 740 21.01 -11.12 -33.70
C SER B 740 19.84 -11.61 -32.84
N SER B 741 20.08 -11.66 -31.54
CA SER B 741 19.10 -12.08 -30.55
C SER B 741 17.95 -11.06 -30.47
N LEU B 742 18.26 -9.79 -30.77
CA LEU B 742 17.29 -8.69 -30.70
C LEU B 742 16.27 -8.55 -31.83
N GLY B 743 16.61 -9.03 -33.02
CA GLY B 743 15.74 -8.91 -34.17
C GLY B 743 14.24 -9.12 -34.01
N ASN B 744 13.84 -10.29 -33.51
CA ASN B 744 12.44 -10.62 -33.33
C ASN B 744 11.67 -9.61 -32.49
N ALA B 745 12.20 -9.29 -31.31
CA ALA B 745 11.54 -8.36 -30.40
C ALA B 745 11.49 -6.95 -30.96
N VAL B 746 12.58 -6.53 -31.60
CA VAL B 746 12.63 -5.20 -32.18
C VAL B 746 11.57 -5.08 -33.27
N ASN B 747 11.41 -6.11 -34.08
CA ASN B 747 10.42 -6.09 -35.14
C ASN B 747 9.00 -6.01 -34.58
N LEU B 748 8.73 -6.79 -33.54
CA LEU B 748 7.43 -6.78 -32.90
C LEU B 748 7.13 -5.43 -32.27
N ALA B 749 8.16 -4.78 -31.74
CA ALA B 749 8.04 -3.47 -31.11
C ALA B 749 7.67 -2.41 -32.16
N VAL B 750 8.33 -2.45 -33.31
CA VAL B 750 8.06 -1.51 -34.39
C VAL B 750 6.59 -1.65 -34.84
N LEU B 751 6.14 -2.90 -35.00
CA LEU B 751 4.76 -3.15 -35.42
C LEU B 751 3.76 -2.66 -34.38
N LYS B 752 4.05 -2.91 -33.10
CA LYS B 752 3.20 -2.46 -32.00
C LYS B 752 3.14 -0.93 -31.93
N LEU B 753 4.29 -0.26 -31.99
CA LEU B 753 4.34 1.20 -31.92
C LEU B 753 3.64 1.86 -33.12
N ASN B 754 3.68 1.21 -34.28
CA ASN B 754 3.01 1.76 -35.46
C ASN B 754 1.50 1.64 -35.29
N GLU B 755 1.05 0.46 -34.87
CA GLU B 755 -0.37 0.19 -34.69
C GLU B 755 -0.99 1.05 -33.60
N GLN B 756 -0.20 1.44 -32.62
CA GLN B 756 -0.71 2.26 -31.55
C GLN B 756 -0.73 3.73 -31.92
N GLY B 757 -0.05 4.08 -33.01
CA GLY B 757 -0.03 5.46 -33.46
C GLY B 757 1.16 6.29 -33.02
N LEU B 758 2.07 5.71 -32.25
CA LEU B 758 3.25 6.42 -31.78
C LEU B 758 4.14 6.95 -32.91
N LEU B 759 4.36 6.15 -33.95
CA LEU B 759 5.21 6.57 -35.06
C LEU B 759 4.67 7.83 -35.76
N ASP B 760 3.36 7.87 -35.98
CA ASP B 760 2.73 9.04 -36.61
C ASP B 760 2.86 10.26 -35.70
N LYS B 761 2.67 10.02 -34.40
CA LYS B 761 2.76 11.04 -33.37
C LYS B 761 4.17 11.65 -33.38
N LEU B 762 5.20 10.81 -33.45
CA LEU B 762 6.59 11.25 -33.48
C LEU B 762 6.93 12.02 -34.74
N LYS B 763 6.39 11.61 -35.88
CA LYS B 763 6.68 12.33 -37.10
C LYS B 763 6.06 13.73 -37.01
N ASN B 764 4.82 13.80 -36.53
CA ASN B 764 4.15 15.08 -36.36
C ASN B 764 4.91 15.99 -35.43
N LYS B 765 5.36 15.43 -34.32
CA LYS B 765 6.14 16.16 -33.32
C LYS B 765 7.40 16.81 -33.87
N TRP B 766 8.19 16.03 -34.63
CA TRP B 766 9.45 16.50 -35.17
C TRP B 766 9.44 17.19 -36.54
N TRP B 767 8.36 17.00 -37.29
CA TRP B 767 8.25 17.60 -38.63
C TRP B 767 7.34 18.82 -38.68
N TYR B 768 6.14 18.67 -38.11
CA TYR B 768 5.13 19.71 -38.19
C TYR B 768 4.74 20.52 -36.95
N ASP B 769 4.70 19.90 -35.76
CA ASP B 769 4.34 20.62 -34.54
C ASP B 769 5.34 21.75 -34.28
N LYS B 770 6.60 21.49 -34.60
CA LYS B 770 7.64 22.48 -34.40
C LYS B 770 8.06 23.18 -35.69
N GLY B 771 7.22 23.09 -36.73
CA GLY B 771 7.50 23.71 -38.01
C GLY B 771 7.70 25.21 -37.89
N GLU B 772 8.62 25.78 -38.67
CA GLU B 772 8.93 27.22 -38.61
C GLU B 772 8.39 28.09 -39.76
N CYS B 773 7.61 27.48 -40.64
CA CYS B 773 7.09 28.16 -41.82
C CYS B 773 5.56 28.32 -41.88
N ASN C 4 15.63 -79.39 2.22
CA ASN C 4 15.44 -77.99 2.59
C ASN C 4 14.09 -77.46 2.12
N SER C 5 13.13 -77.40 3.03
CA SER C 5 11.79 -76.92 2.70
C SER C 5 11.49 -75.57 3.35
N ILE C 6 11.43 -74.53 2.52
CA ILE C 6 11.15 -73.18 3.00
C ILE C 6 9.70 -72.79 2.74
N GLN C 7 8.90 -72.74 3.80
CA GLN C 7 7.48 -72.41 3.68
C GLN C 7 7.28 -70.90 3.61
N ILE C 8 6.53 -70.45 2.60
CA ILE C 8 6.21 -69.03 2.45
C ILE C 8 4.72 -68.83 2.24
N GLY C 9 4.24 -67.62 2.50
CA GLY C 9 2.84 -67.29 2.34
C GLY C 9 2.55 -66.60 1.02
N GLY C 10 1.35 -66.79 0.50
CA GLY C 10 0.95 -66.19 -0.76
C GLY C 10 -0.45 -65.60 -0.69
N LEU C 11 -0.52 -64.28 -0.63
CA LEU C 11 -1.80 -63.59 -0.58
C LEU C 11 -2.21 -63.03 -1.93
N PHE C 12 -3.00 -63.79 -2.69
CA PHE C 12 -3.43 -63.38 -4.00
C PHE C 12 -4.90 -62.97 -4.02
N PRO C 13 -5.17 -61.72 -4.41
CA PRO C 13 -6.54 -61.21 -4.51
C PRO C 13 -7.33 -61.98 -5.58
N ARG C 14 -8.57 -62.32 -5.27
CA ARG C 14 -9.42 -63.04 -6.21
C ARG C 14 -9.49 -62.31 -7.55
N GLY C 15 -9.00 -62.96 -8.60
CA GLY C 15 -8.99 -62.36 -9.92
C GLY C 15 -7.58 -62.22 -10.48
N ALA C 16 -6.59 -62.41 -9.61
CA ALA C 16 -5.19 -62.32 -10.02
C ALA C 16 -4.74 -63.60 -10.70
N ASP C 17 -5.38 -63.91 -11.84
CA ASP C 17 -5.08 -65.14 -12.58
C ASP C 17 -3.68 -65.11 -13.18
N GLN C 18 -3.42 -64.11 -14.02
CA GLN C 18 -2.12 -64.00 -14.69
C GLN C 18 -1.00 -63.81 -13.67
N GLU C 19 -1.31 -63.10 -12.59
CA GLU C 19 -0.32 -62.88 -11.53
C GLU C 19 0.09 -64.19 -10.89
N TYR C 20 -0.90 -65.04 -10.60
CA TYR C 20 -0.62 -66.33 -10.00
C TYR C 20 0.04 -67.27 -11.00
N SER C 21 -0.39 -67.19 -12.26
CA SER C 21 0.20 -68.00 -13.32
C SER C 21 1.68 -67.67 -13.44
N ALA C 22 2.00 -66.38 -13.37
CA ALA C 22 3.39 -65.94 -13.41
C ALA C 22 4.11 -66.37 -12.14
N PHE C 23 3.37 -66.44 -11.04
CA PHE C 23 3.93 -66.88 -9.77
C PHE C 23 4.32 -68.35 -9.84
N ARG C 24 3.51 -69.13 -10.55
CA ARG C 24 3.78 -70.56 -10.71
C ARG C 24 5.00 -70.78 -11.61
N VAL C 25 5.02 -70.09 -12.75
CA VAL C 25 6.12 -70.22 -13.69
C VAL C 25 7.45 -69.88 -13.02
N GLY C 26 7.42 -68.90 -12.13
CA GLY C 26 8.60 -68.51 -11.38
C GLY C 26 9.08 -69.62 -10.47
N MET C 27 8.13 -70.31 -9.84
CA MET C 27 8.45 -71.43 -8.96
C MET C 27 9.19 -72.52 -9.72
N VAL C 28 8.84 -72.68 -10.99
CA VAL C 28 9.43 -73.71 -11.84
C VAL C 28 10.79 -73.30 -12.39
N GLN C 29 10.89 -72.05 -12.84
CA GLN C 29 12.12 -71.55 -13.45
C GLN C 29 13.24 -71.36 -12.43
N PHE C 30 12.86 -71.11 -11.18
CA PHE C 30 13.85 -70.86 -10.12
C PHE C 30 13.84 -71.94 -9.06
N SER C 31 13.51 -73.16 -9.46
CA SER C 31 13.52 -74.30 -8.55
C SER C 31 14.87 -75.01 -8.59
N THR C 32 15.48 -75.19 -7.41
CA THR C 32 16.78 -75.82 -7.31
C THR C 32 16.75 -76.99 -6.34
N SER C 33 17.79 -77.83 -6.39
CA SER C 33 17.89 -79.00 -5.52
C SER C 33 18.35 -78.60 -4.12
N GLU C 34 19.03 -77.47 -4.02
CA GLU C 34 19.54 -76.99 -2.75
C GLU C 34 18.39 -76.74 -1.76
N PHE C 35 17.28 -76.24 -2.27
CA PHE C 35 16.10 -75.97 -1.45
C PHE C 35 14.88 -75.71 -2.31
N ARG C 36 13.70 -76.05 -1.77
CA ARG C 36 12.44 -75.85 -2.48
C ARG C 36 11.50 -74.95 -1.69
N LEU C 37 10.80 -74.07 -2.39
CA LEU C 37 9.86 -73.16 -1.75
C LEU C 37 8.45 -73.75 -1.72
N THR C 38 7.81 -73.70 -0.56
CA THR C 38 6.48 -74.25 -0.38
C THR C 38 5.45 -73.13 -0.17
N PRO C 39 4.80 -72.71 -1.26
CA PRO C 39 3.80 -71.63 -1.24
C PRO C 39 2.47 -72.08 -0.63
N HIS C 40 1.99 -71.35 0.36
CA HIS C 40 0.67 -71.58 0.92
C HIS C 40 -0.27 -70.48 0.46
N ILE C 41 -1.05 -70.77 -0.59
CA ILE C 41 -1.86 -69.75 -1.24
C ILE C 41 -3.17 -69.48 -0.49
N ASP C 42 -3.49 -68.20 -0.34
CA ASP C 42 -4.73 -67.77 0.29
C ASP C 42 -5.42 -66.70 -0.56
N ASN C 43 -6.52 -67.09 -1.21
CA ASN C 43 -7.28 -66.16 -2.05
C ASN C 43 -8.34 -65.41 -1.26
N LEU C 44 -8.05 -64.16 -0.91
CA LEU C 44 -8.99 -63.34 -0.15
C LEU C 44 -9.18 -61.97 -0.80
N GLU C 45 -10.28 -61.31 -0.44
CA GLU C 45 -10.55 -59.96 -0.92
C GLU C 45 -9.52 -59.00 -0.34
N VAL C 46 -8.52 -58.65 -1.14
CA VAL C 46 -7.42 -57.81 -0.69
C VAL C 46 -7.89 -56.50 -0.06
N ALA C 47 -9.03 -55.99 -0.52
CA ALA C 47 -9.57 -54.73 -0.01
C ALA C 47 -9.97 -54.83 1.46
N ASN C 48 -10.63 -55.94 1.82
CA ASN C 48 -11.08 -56.15 3.18
C ASN C 48 -9.92 -56.23 4.17
N SER C 49 -9.81 -55.24 5.04
CA SER C 49 -8.73 -55.18 6.02
C SER C 49 -8.78 -56.35 7.00
N PHE C 50 -9.99 -56.69 7.43
CA PHE C 50 -10.18 -57.78 8.38
C PHE C 50 -9.66 -59.10 7.82
N ALA C 51 -10.12 -59.44 6.62
CA ALA C 51 -9.71 -60.69 5.97
C ALA C 51 -8.20 -60.76 5.83
N VAL C 52 -7.59 -59.65 5.44
CA VAL C 52 -6.14 -59.58 5.28
C VAL C 52 -5.43 -59.86 6.60
N THR C 53 -6.03 -59.42 7.70
CA THR C 53 -5.46 -59.65 9.02
C THR C 53 -5.45 -61.14 9.36
N ASN C 54 -6.55 -61.82 9.05
CA ASN C 54 -6.64 -63.26 9.28
C ASN C 54 -5.66 -64.04 8.41
N ALA C 55 -5.62 -63.70 7.12
CA ALA C 55 -4.73 -64.38 6.18
C ALA C 55 -3.27 -64.23 6.59
N PHE C 56 -2.96 -63.12 7.25
CA PHE C 56 -1.60 -62.86 7.71
C PHE C 56 -1.28 -63.68 8.96
N CYS C 57 -2.18 -63.64 9.93
CA CYS C 57 -2.00 -64.38 11.17
C CYS C 57 -2.07 -65.88 10.93
N SER C 58 -2.84 -66.28 9.92
CA SER C 58 -2.96 -67.69 9.56
C SER C 58 -1.64 -68.20 8.98
N GLN C 59 -1.06 -67.44 8.06
CA GLN C 59 0.21 -67.79 7.45
C GLN C 59 1.34 -67.65 8.47
N PHE C 60 1.11 -66.86 9.50
CA PHE C 60 2.10 -66.65 10.55
C PHE C 60 2.10 -67.80 11.55
N SER C 61 0.92 -68.32 11.85
CA SER C 61 0.80 -69.47 12.75
C SER C 61 1.33 -70.73 12.08
N ARG C 62 1.17 -70.79 10.76
CA ARG C 62 1.69 -71.92 9.98
C ARG C 62 3.21 -71.86 9.94
N GLY C 63 3.78 -70.79 10.49
CA GLY C 63 5.22 -70.63 10.58
C GLY C 63 5.90 -70.46 9.22
N VAL C 64 5.68 -69.31 8.60
CA VAL C 64 6.33 -69.01 7.33
C VAL C 64 7.56 -68.13 7.55
N TYR C 65 8.47 -68.13 6.59
CA TYR C 65 9.69 -67.34 6.68
C TYR C 65 9.54 -66.00 5.97
N ALA C 66 8.62 -65.95 5.02
CA ALA C 66 8.36 -64.73 4.27
C ALA C 66 6.98 -64.79 3.62
N ILE C 67 6.42 -63.63 3.31
CA ILE C 67 5.09 -63.55 2.72
C ILE C 67 5.08 -62.72 1.45
N PHE C 68 4.54 -63.29 0.37
CA PHE C 68 4.35 -62.55 -0.86
C PHE C 68 2.87 -62.37 -1.15
N GLY C 69 2.44 -61.12 -1.36
CA GLY C 69 1.05 -60.83 -1.63
C GLY C 69 0.81 -59.45 -2.18
N PHE C 70 -0.42 -58.97 -2.05
CA PHE C 70 -0.79 -57.66 -2.52
C PHE C 70 -1.60 -56.92 -1.45
N TYR C 71 -1.67 -55.61 -1.56
CA TYR C 71 -2.51 -54.82 -0.66
C TYR C 71 -3.19 -53.66 -1.37
N ASP C 72 -4.27 -53.18 -0.80
CA ASP C 72 -5.02 -52.06 -1.36
C ASP C 72 -4.74 -50.79 -0.56
N LYS C 73 -5.27 -49.67 -1.03
CA LYS C 73 -5.10 -48.40 -0.34
C LYS C 73 -5.69 -48.44 1.06
N LYS C 74 -6.47 -49.49 1.33
CA LYS C 74 -7.15 -49.64 2.61
C LYS C 74 -6.45 -50.62 3.54
N SER C 75 -5.97 -51.72 2.96
CA SER C 75 -5.36 -52.79 3.76
C SER C 75 -3.83 -52.63 3.87
N VAL C 76 -3.28 -51.70 3.12
CA VAL C 76 -1.83 -51.50 3.10
C VAL C 76 -1.27 -51.23 4.50
N ASN C 77 -1.99 -50.44 5.28
CA ASN C 77 -1.56 -50.10 6.62
C ASN C 77 -1.50 -51.31 7.55
N THR C 78 -2.41 -52.26 7.34
CA THR C 78 -2.43 -53.49 8.13
C THR C 78 -1.15 -54.29 7.91
N ILE C 79 -0.81 -54.49 6.65
CA ILE C 79 0.38 -55.25 6.29
C ILE C 79 1.66 -54.60 6.82
N THR C 80 1.87 -53.34 6.46
CA THR C 80 3.07 -52.61 6.86
C THR C 80 3.25 -52.61 8.39
N SER C 81 2.13 -52.60 9.10
CA SER C 81 2.16 -52.55 10.56
C SER C 81 2.54 -53.89 11.18
N PHE C 82 1.78 -54.93 10.82
CA PHE C 82 2.03 -56.27 11.35
C PHE C 82 3.43 -56.77 10.98
N CYS C 83 3.78 -56.63 9.70
CA CYS C 83 5.08 -57.09 9.23
C CYS C 83 6.22 -56.38 9.94
N GLY C 84 5.96 -55.16 10.40
CA GLY C 84 6.95 -54.38 11.12
C GLY C 84 7.06 -54.80 12.57
N THR C 85 5.92 -55.18 13.15
CA THR C 85 5.88 -55.60 14.55
C THR C 85 6.39 -57.03 14.72
N LEU C 86 5.95 -57.91 13.83
CA LEU C 86 6.31 -59.32 13.92
C LEU C 86 7.58 -59.63 13.13
N HIS C 87 8.24 -58.58 12.63
CA HIS C 87 9.49 -58.73 11.89
C HIS C 87 9.37 -59.72 10.73
N VAL C 88 8.16 -59.80 10.15
CA VAL C 88 7.92 -60.65 9.01
C VAL C 88 8.15 -59.90 7.71
N SER C 89 8.87 -60.51 6.78
CA SER C 89 9.15 -59.89 5.49
C SER C 89 7.97 -60.04 4.53
N PHE C 90 7.62 -58.95 3.85
CA PHE C 90 6.49 -58.96 2.93
C PHE C 90 6.88 -58.43 1.55
N ILE C 91 6.92 -59.32 0.57
CA ILE C 91 7.23 -58.93 -0.81
C ILE C 91 5.96 -58.70 -1.60
N THR C 92 5.87 -57.57 -2.27
CA THR C 92 4.66 -57.21 -3.01
C THR C 92 4.95 -56.40 -4.26
N PRO C 93 4.23 -56.72 -5.35
CA PRO C 93 4.32 -55.98 -6.62
C PRO C 93 3.44 -54.74 -6.59
N SER C 94 2.58 -54.63 -5.58
CA SER C 94 1.66 -53.50 -5.47
C SER C 94 2.38 -52.17 -5.39
N PHE C 95 1.60 -51.09 -5.36
CA PHE C 95 2.16 -49.74 -5.32
C PHE C 95 3.07 -49.55 -4.10
N PRO C 96 4.16 -48.79 -4.27
CA PRO C 96 5.10 -48.50 -3.19
C PRO C 96 4.44 -47.80 -2.02
N THR C 97 4.90 -48.09 -0.80
CA THR C 97 4.36 -47.47 0.39
C THR C 97 4.78 -46.01 0.50
N ASP C 98 3.87 -45.16 0.93
CA ASP C 98 4.16 -43.74 1.09
C ASP C 98 4.93 -43.47 2.38
N GLY C 99 6.21 -43.83 2.36
CA GLY C 99 7.06 -43.64 3.54
C GLY C 99 8.16 -44.68 3.62
N THR C 100 8.66 -44.91 4.83
CA THR C 100 9.74 -45.86 5.05
C THR C 100 9.31 -46.97 6.01
N HIS C 101 8.60 -47.97 5.48
CA HIS C 101 8.11 -49.07 6.29
C HIS C 101 9.02 -50.29 6.15
N PRO C 102 9.70 -50.66 7.25
CA PRO C 102 10.62 -51.79 7.29
C PRO C 102 9.92 -53.12 7.06
N PHE C 103 10.70 -54.14 6.71
CA PHE C 103 10.16 -55.49 6.47
C PHE C 103 9.14 -55.52 5.34
N VAL C 104 9.35 -54.68 4.34
CA VAL C 104 8.49 -54.66 3.16
C VAL C 104 9.32 -54.51 1.89
N ILE C 105 9.22 -55.48 0.99
CA ILE C 105 9.93 -55.43 -0.27
C ILE C 105 8.98 -55.11 -1.42
N GLN C 106 9.23 -54.00 -2.10
CA GLN C 106 8.33 -53.51 -3.13
C GLN C 106 8.91 -53.70 -4.54
N MET C 107 8.21 -54.48 -5.35
CA MET C 107 8.67 -54.79 -6.70
C MET C 107 8.43 -53.64 -7.68
N ARG C 108 7.42 -52.83 -7.40
CA ARG C 108 7.06 -51.73 -8.28
C ARG C 108 7.90 -50.49 -8.00
N PRO C 109 8.65 -50.02 -9.01
CA PRO C 109 9.46 -48.80 -8.92
C PRO C 109 8.56 -47.56 -8.85
N ASP C 110 9.08 -46.47 -8.28
CA ASP C 110 8.32 -45.24 -8.15
C ASP C 110 8.21 -44.53 -9.49
N LEU C 111 6.97 -44.35 -9.96
CA LEU C 111 6.73 -43.69 -11.25
C LEU C 111 6.67 -42.18 -11.10
N LYS C 112 6.43 -41.72 -9.87
CA LYS C 112 6.31 -40.29 -9.59
C LYS C 112 7.39 -39.47 -10.29
N GLY C 113 8.63 -39.95 -10.23
CA GLY C 113 9.74 -39.25 -10.84
C GLY C 113 9.67 -39.22 -12.35
N ALA C 114 9.43 -40.38 -12.95
CA ALA C 114 9.37 -40.49 -14.40
C ALA C 114 8.26 -39.64 -15.00
N LEU C 115 7.16 -39.52 -14.27
CA LEU C 115 6.02 -38.74 -14.74
C LEU C 115 6.37 -37.26 -14.81
N LEU C 116 6.84 -36.71 -13.69
CA LEU C 116 7.19 -35.31 -13.62
C LEU C 116 8.20 -34.92 -14.69
N SER C 117 9.14 -35.80 -14.97
CA SER C 117 10.16 -35.55 -15.98
C SER C 117 9.55 -35.48 -17.38
N LEU C 118 8.58 -36.35 -17.65
CA LEU C 118 7.92 -36.39 -18.94
C LEU C 118 7.12 -35.12 -19.19
N ILE C 119 6.49 -34.60 -18.15
CA ILE C 119 5.70 -33.38 -18.27
C ILE C 119 6.56 -32.22 -18.72
N GLU C 120 7.74 -32.08 -18.13
CA GLU C 120 8.66 -31.02 -18.49
C GLU C 120 9.19 -31.20 -19.91
N TYR C 121 9.37 -32.45 -20.32
CA TYR C 121 9.86 -32.75 -21.66
C TYR C 121 8.92 -32.20 -22.72
N TYR C 122 7.63 -32.47 -22.57
CA TYR C 122 6.63 -31.95 -23.49
C TYR C 122 6.34 -30.48 -23.21
N GLN C 123 6.95 -29.96 -22.15
CA GLN C 123 6.79 -28.56 -21.77
C GLN C 123 5.32 -28.20 -21.54
N TRP C 124 4.69 -28.91 -20.60
CA TRP C 124 3.30 -28.67 -20.26
C TRP C 124 3.18 -27.66 -19.13
N ASP C 125 2.25 -26.72 -19.28
CA ASP C 125 2.01 -25.71 -18.26
C ASP C 125 0.56 -25.76 -17.76
N LYS C 126 -0.32 -26.29 -18.59
CA LYS C 126 -1.72 -26.45 -18.22
C LYS C 126 -2.26 -27.78 -18.74
N PHE C 127 -2.62 -28.67 -17.81
CA PHE C 127 -3.10 -29.99 -18.18
C PHE C 127 -4.12 -30.52 -17.18
N ALA C 128 -4.93 -31.48 -17.64
CA ALA C 128 -5.91 -32.12 -16.76
C ALA C 128 -5.33 -33.41 -16.19
N TYR C 129 -5.59 -33.66 -14.92
CA TYR C 129 -5.05 -34.83 -14.25
C TYR C 129 -6.16 -35.72 -13.67
N LEU C 130 -6.61 -36.67 -14.48
CA LEU C 130 -7.63 -37.62 -14.04
C LEU C 130 -6.97 -38.75 -13.25
N TYR C 131 -7.29 -38.83 -11.96
CA TYR C 131 -6.65 -39.80 -11.08
C TYR C 131 -7.62 -40.81 -10.49
N ASP C 132 -7.07 -41.90 -9.97
CA ASP C 132 -7.86 -42.93 -9.30
C ASP C 132 -7.26 -43.17 -7.92
N SER C 133 -8.11 -43.07 -6.89
CA SER C 133 -7.65 -43.16 -5.51
C SER C 133 -7.28 -44.59 -5.08
N ASP C 134 -7.20 -45.49 -6.05
CA ASP C 134 -6.91 -46.89 -5.76
C ASP C 134 -5.47 -47.12 -5.32
N ARG C 135 -4.53 -46.44 -5.97
CA ARG C 135 -3.11 -46.61 -5.66
C ARG C 135 -2.58 -45.46 -4.82
N GLY C 136 -3.46 -44.81 -4.08
CA GLY C 136 -3.07 -43.70 -3.23
C GLY C 136 -2.82 -42.42 -3.98
N LEU C 137 -3.07 -41.29 -3.33
CA LEU C 137 -2.87 -39.99 -3.96
C LEU C 137 -1.41 -39.54 -3.86
N SER C 138 -0.50 -40.52 -3.84
CA SER C 138 0.92 -40.23 -3.74
C SER C 138 1.42 -39.47 -4.96
N THR C 139 0.96 -39.88 -6.15
CA THR C 139 1.35 -39.22 -7.38
C THR C 139 0.58 -37.92 -7.59
N LEU C 140 -0.64 -37.86 -7.06
CA LEU C 140 -1.46 -36.67 -7.14
C LEU C 140 -0.79 -35.52 -6.38
N GLN C 141 -0.35 -35.81 -5.17
CA GLN C 141 0.36 -34.83 -4.35
C GLN C 141 1.64 -34.40 -5.07
N ALA C 142 2.26 -35.34 -5.78
CA ALA C 142 3.50 -35.06 -6.49
C ALA C 142 3.31 -33.96 -7.53
N VAL C 143 2.30 -34.12 -8.39
CA VAL C 143 2.05 -33.14 -9.45
C VAL C 143 1.49 -31.84 -8.90
N LEU C 144 0.75 -31.91 -7.80
CA LEU C 144 0.18 -30.72 -7.19
C LEU C 144 1.27 -29.87 -6.53
N ASP C 145 2.18 -30.53 -5.82
CA ASP C 145 3.28 -29.84 -5.16
C ASP C 145 4.22 -29.23 -6.19
N SER C 146 4.46 -29.97 -7.27
CA SER C 146 5.33 -29.48 -8.35
C SER C 146 4.65 -28.38 -9.14
N ALA C 147 3.31 -28.37 -9.11
CA ALA C 147 2.54 -27.35 -9.80
C ALA C 147 2.76 -25.98 -9.17
N ALA C 148 3.16 -25.99 -7.89
CA ALA C 148 3.44 -24.76 -7.18
C ALA C 148 4.79 -24.20 -7.60
N GLU C 149 5.79 -25.08 -7.67
CA GLU C 149 7.15 -24.68 -8.05
C GLU C 149 7.26 -24.39 -9.54
N LYS C 150 6.93 -25.38 -10.36
CA LYS C 150 7.03 -25.24 -11.81
C LYS C 150 5.92 -24.36 -12.37
N LYS C 151 5.01 -23.93 -11.49
CA LYS C 151 3.91 -23.07 -11.89
C LYS C 151 3.03 -23.70 -12.97
N TRP C 152 2.25 -24.71 -12.59
CA TRP C 152 1.33 -25.35 -13.52
C TRP C 152 -0.12 -25.09 -13.12
N GLN C 153 -1.01 -25.12 -14.11
CA GLN C 153 -2.43 -25.01 -13.85
C GLN C 153 -3.09 -26.38 -14.00
N VAL C 154 -2.96 -27.21 -12.97
CA VAL C 154 -3.48 -28.57 -13.01
C VAL C 154 -4.95 -28.65 -12.65
N THR C 155 -5.70 -29.42 -13.44
CA THR C 155 -7.11 -29.63 -13.17
C THR C 155 -7.33 -31.07 -12.71
N ALA C 156 -7.13 -31.31 -11.42
CA ALA C 156 -7.26 -32.65 -10.85
C ALA C 156 -8.72 -33.06 -10.71
N ILE C 157 -9.05 -34.25 -11.19
CA ILE C 157 -10.41 -34.76 -11.11
C ILE C 157 -10.43 -36.24 -10.74
N ASN C 158 -11.05 -36.55 -9.60
CA ASN C 158 -11.16 -37.93 -9.15
C ASN C 158 -12.13 -38.74 -10.01
N VAL C 159 -11.57 -39.48 -10.97
CA VAL C 159 -12.38 -40.28 -11.87
C VAL C 159 -12.64 -41.68 -11.30
N GLY C 160 -12.42 -41.81 -10.00
CA GLY C 160 -12.55 -43.09 -9.33
C GLY C 160 -13.93 -43.39 -8.77
N ASN C 161 -14.48 -42.45 -8.01
CA ASN C 161 -15.77 -42.65 -7.35
C ASN C 161 -16.96 -42.66 -8.30
N ILE C 162 -16.69 -42.85 -9.59
CA ILE C 162 -17.74 -42.88 -10.59
C ILE C 162 -18.49 -44.21 -10.57
N ASN C 163 -19.75 -44.18 -10.14
CA ASN C 163 -20.57 -45.39 -10.12
C ASN C 163 -20.76 -45.97 -11.52
N ASN C 164 -20.38 -47.23 -11.70
CA ASN C 164 -20.33 -47.84 -13.03
C ASN C 164 -21.65 -48.27 -13.67
N ASP C 165 -22.74 -48.29 -12.90
CA ASP C 165 -24.09 -48.71 -13.35
C ASP C 165 -24.91 -47.53 -13.89
N LYS C 166 -24.25 -46.57 -14.51
CA LYS C 166 -24.86 -45.33 -14.99
C LYS C 166 -23.75 -44.31 -15.25
N LYS C 167 -22.54 -44.80 -15.49
CA LYS C 167 -21.39 -43.91 -15.67
C LYS C 167 -21.28 -43.39 -17.11
N ASP C 168 -22.12 -42.43 -17.47
CA ASP C 168 -22.13 -41.88 -18.82
C ASP C 168 -22.46 -40.40 -18.76
N GLU C 169 -23.50 -40.07 -17.99
CA GLU C 169 -23.86 -38.67 -17.75
C GLU C 169 -22.79 -38.03 -16.87
N THR C 170 -21.87 -38.85 -16.38
CA THR C 170 -20.78 -38.37 -15.55
C THR C 170 -19.58 -38.00 -16.42
N TYR C 171 -19.31 -38.83 -17.43
CA TYR C 171 -18.21 -38.57 -18.36
C TYR C 171 -18.54 -37.38 -19.25
N ARG C 172 -19.80 -37.27 -19.64
CA ARG C 172 -20.24 -36.14 -20.45
C ARG C 172 -20.11 -34.85 -19.67
N SER C 173 -20.35 -34.93 -18.36
CA SER C 173 -20.21 -33.78 -17.48
C SER C 173 -18.77 -33.61 -17.04
N LEU C 174 -17.95 -34.60 -17.34
CA LEU C 174 -16.52 -34.56 -17.00
C LEU C 174 -15.76 -33.76 -18.05
N PHE C 175 -15.99 -34.09 -19.33
CA PHE C 175 -15.33 -33.39 -20.41
C PHE C 175 -16.02 -32.06 -20.72
N GLN C 176 -17.09 -31.78 -19.98
CA GLN C 176 -17.77 -30.50 -20.08
C GLN C 176 -16.99 -29.45 -19.29
N ASP C 177 -16.39 -29.91 -18.19
CA ASP C 177 -15.54 -29.04 -17.37
C ASP C 177 -14.15 -28.94 -17.99
N LEU C 178 -13.77 -29.98 -18.72
CA LEU C 178 -12.49 -30.00 -19.41
C LEU C 178 -12.58 -29.26 -20.74
N GLU C 179 -13.67 -28.52 -20.92
CA GLU C 179 -13.87 -27.74 -22.13
C GLU C 179 -13.99 -26.26 -21.80
N LEU C 180 -14.26 -25.96 -20.53
CA LEU C 180 -14.32 -24.58 -20.07
C LEU C 180 -12.96 -23.91 -20.28
N LYS C 181 -11.90 -24.68 -20.05
CA LYS C 181 -10.54 -24.19 -20.26
C LYS C 181 -9.94 -24.83 -21.52
N LYS C 182 -10.78 -25.49 -22.30
CA LYS C 182 -10.35 -26.14 -23.54
C LYS C 182 -9.15 -27.04 -23.31
N GLU C 183 -9.22 -27.88 -22.29
CA GLU C 183 -8.13 -28.80 -21.97
C GLU C 183 -7.90 -29.79 -23.12
N ARG C 184 -6.68 -29.81 -23.63
CA ARG C 184 -6.32 -30.70 -24.72
C ARG C 184 -5.24 -31.69 -24.29
N ARG C 185 -4.73 -31.52 -23.07
CA ARG C 185 -3.67 -32.37 -22.55
C ARG C 185 -4.10 -33.04 -21.25
N VAL C 186 -4.34 -34.35 -21.31
CA VAL C 186 -4.85 -35.10 -20.17
C VAL C 186 -3.87 -36.16 -19.70
N ILE C 187 -3.77 -36.33 -18.38
CA ILE C 187 -2.93 -37.37 -17.79
C ILE C 187 -3.82 -38.40 -17.09
N LEU C 188 -3.81 -39.63 -17.59
CA LEU C 188 -4.63 -40.69 -17.02
C LEU C 188 -3.85 -41.52 -16.00
N ASP C 189 -4.08 -41.25 -14.72
CA ASP C 189 -3.45 -42.01 -13.65
C ASP C 189 -4.43 -43.04 -13.11
N CYS C 190 -4.56 -44.16 -13.82
CA CYS C 190 -5.52 -45.19 -13.44
C CYS C 190 -4.96 -46.59 -13.67
N GLU C 191 -5.75 -47.60 -13.30
CA GLU C 191 -5.37 -48.98 -13.53
C GLU C 191 -5.59 -49.35 -15.00
N ARG C 192 -5.10 -50.51 -15.39
CA ARG C 192 -5.22 -50.96 -16.78
C ARG C 192 -6.68 -51.05 -17.23
N ASP C 193 -7.59 -51.16 -16.25
CA ASP C 193 -9.02 -51.28 -16.54
C ASP C 193 -9.68 -49.92 -16.68
N LYS C 194 -9.53 -49.08 -15.67
CA LYS C 194 -10.14 -47.75 -15.68
C LYS C 194 -9.63 -46.92 -16.85
N VAL C 195 -8.48 -47.29 -17.39
CA VAL C 195 -7.91 -46.60 -18.54
C VAL C 195 -8.67 -46.92 -19.81
N ASN C 196 -8.95 -48.21 -20.04
CA ASN C 196 -9.70 -48.64 -21.21
C ASN C 196 -11.09 -48.02 -21.24
N ASP C 197 -11.70 -47.89 -20.07
CA ASP C 197 -13.02 -47.28 -19.96
C ASP C 197 -12.97 -45.83 -20.42
N ILE C 198 -11.96 -45.10 -19.97
CA ILE C 198 -11.77 -43.70 -20.35
C ILE C 198 -11.44 -43.59 -21.84
N VAL C 199 -10.50 -44.41 -22.29
CA VAL C 199 -10.09 -44.42 -23.70
C VAL C 199 -11.29 -44.65 -24.61
N ASP C 200 -12.17 -45.58 -24.21
CA ASP C 200 -13.37 -45.87 -24.98
C ASP C 200 -14.29 -44.66 -25.04
N GLN C 201 -14.49 -44.02 -23.90
CA GLN C 201 -15.32 -42.82 -23.83
C GLN C 201 -14.72 -41.70 -24.68
N VAL C 202 -13.40 -41.56 -24.62
CA VAL C 202 -12.69 -40.54 -25.39
C VAL C 202 -12.96 -40.68 -26.87
N ILE C 203 -12.93 -41.91 -27.37
CA ILE C 203 -13.17 -42.18 -28.78
C ILE C 203 -14.62 -41.89 -29.15
N THR C 204 -15.54 -42.21 -28.24
CA THR C 204 -16.96 -42.00 -28.47
C THR C 204 -17.27 -40.52 -28.68
N ILE C 205 -16.78 -39.69 -27.78
CA ILE C 205 -17.00 -38.25 -27.86
C ILE C 205 -16.09 -37.61 -28.91
N GLY C 206 -15.14 -38.40 -29.43
CA GLY C 206 -14.27 -37.95 -30.50
C GLY C 206 -13.12 -37.07 -30.06
N LYS C 207 -12.77 -37.15 -28.78
CA LYS C 207 -11.64 -36.37 -28.26
C LYS C 207 -10.34 -37.15 -28.36
N HIS C 208 -10.20 -37.92 -29.43
CA HIS C 208 -9.00 -38.72 -29.66
C HIS C 208 -8.35 -38.34 -30.98
N VAL C 209 -8.79 -37.22 -31.55
CA VAL C 209 -8.25 -36.74 -32.80
C VAL C 209 -7.06 -35.84 -32.58
N LYS C 210 -6.42 -35.41 -33.67
CA LYS C 210 -5.25 -34.54 -33.59
C LYS C 210 -5.55 -33.29 -32.77
N GLY C 211 -4.67 -32.98 -31.83
CA GLY C 211 -4.85 -31.82 -30.98
C GLY C 211 -4.83 -32.21 -29.52
N TYR C 212 -5.24 -33.44 -29.24
CA TYR C 212 -5.25 -33.95 -27.87
C TYR C 212 -3.98 -34.75 -27.57
N HIS C 213 -3.56 -34.73 -26.30
CA HIS C 213 -2.37 -35.45 -25.89
C HIS C 213 -2.62 -36.15 -24.56
N TYR C 214 -2.58 -37.47 -24.57
CA TYR C 214 -2.83 -38.25 -23.36
C TYR C 214 -1.57 -38.91 -22.84
N ILE C 215 -1.48 -39.01 -21.52
CA ILE C 215 -0.35 -39.67 -20.87
C ILE C 215 -0.84 -40.72 -19.88
N ILE C 216 -0.60 -41.99 -20.20
CA ILE C 216 -1.01 -43.09 -19.33
C ILE C 216 -0.02 -43.24 -18.18
N ALA C 217 -0.42 -42.80 -16.99
CA ALA C 217 0.46 -42.81 -15.83
C ALA C 217 0.51 -44.16 -15.14
N ASN C 218 1.05 -45.16 -15.83
CA ASN C 218 1.28 -46.48 -15.24
C ASN C 218 2.48 -47.16 -15.89
N LEU C 219 2.94 -48.25 -15.26
CA LEU C 219 4.11 -48.97 -15.75
C LEU C 219 3.75 -49.97 -16.84
N GLY C 220 2.49 -49.98 -17.25
CA GLY C 220 2.03 -50.90 -18.28
C GLY C 220 1.37 -50.18 -19.45
N PHE C 221 2.19 -49.53 -20.26
CA PHE C 221 1.68 -48.78 -21.42
C PHE C 221 1.16 -49.69 -22.50
N THR C 222 1.87 -50.80 -22.74
CA THR C 222 1.48 -51.74 -23.78
C THR C 222 0.57 -52.83 -23.23
N ASP C 223 0.25 -52.73 -21.94
CA ASP C 223 -0.60 -53.72 -21.29
C ASP C 223 -2.06 -53.57 -21.71
N GLY C 224 -2.44 -52.35 -22.09
CA GLY C 224 -3.80 -52.08 -22.50
C GLY C 224 -3.96 -52.04 -24.01
N ASP C 225 -5.20 -52.01 -24.47
CA ASP C 225 -5.49 -51.95 -25.90
C ASP C 225 -5.30 -50.53 -26.41
N LEU C 226 -4.39 -50.36 -27.36
CA LEU C 226 -4.10 -49.04 -27.92
C LEU C 226 -4.51 -48.94 -29.38
N LEU C 227 -4.83 -50.07 -29.98
CA LEU C 227 -5.23 -50.12 -31.38
C LEU C 227 -6.43 -49.21 -31.67
N LYS C 228 -7.17 -48.86 -30.63
CA LYS C 228 -8.37 -48.04 -30.78
C LYS C 228 -8.04 -46.54 -30.91
N ILE C 229 -7.23 -46.03 -29.99
CA ILE C 229 -6.81 -44.62 -30.05
C ILE C 229 -5.46 -44.49 -30.74
N GLN C 230 -5.14 -45.44 -31.61
CA GLN C 230 -3.86 -45.44 -32.31
C GLN C 230 -3.94 -44.66 -33.61
N PHE C 231 -5.07 -44.77 -34.30
CA PHE C 231 -5.24 -44.11 -35.59
C PHE C 231 -6.12 -42.87 -35.47
N GLY C 232 -6.51 -42.53 -34.24
CA GLY C 232 -7.35 -41.38 -33.98
C GLY C 232 -6.69 -40.07 -34.38
N GLY C 233 -5.41 -39.94 -34.04
CA GLY C 233 -4.66 -38.73 -34.36
C GLY C 233 -4.03 -38.10 -33.13
N ALA C 234 -4.73 -38.22 -32.00
CA ALA C 234 -4.22 -37.69 -30.74
C ALA C 234 -2.98 -38.44 -30.29
N GLU C 235 -1.96 -37.70 -29.88
CA GLU C 235 -0.72 -38.32 -29.40
C GLU C 235 -0.91 -38.94 -28.03
N VAL C 236 -0.44 -40.18 -27.88
CA VAL C 236 -0.54 -40.89 -26.62
C VAL C 236 0.83 -41.34 -26.13
N SER C 237 1.17 -40.98 -24.90
CA SER C 237 2.44 -41.37 -24.31
C SER C 237 2.21 -42.17 -23.04
N GLY C 238 3.25 -42.84 -22.56
CA GLY C 238 3.13 -43.65 -21.36
C GLY C 238 4.47 -44.20 -20.88
N PHE C 239 4.41 -45.21 -20.03
CA PHE C 239 5.62 -45.80 -19.45
C PHE C 239 5.58 -47.32 -19.54
N GLN C 240 6.73 -47.92 -19.86
CA GLN C 240 6.84 -49.37 -19.95
C GLN C 240 7.99 -49.86 -19.10
N ILE C 241 7.71 -50.81 -18.21
CA ILE C 241 8.73 -51.36 -17.32
C ILE C 241 9.24 -52.69 -17.84
N VAL C 242 8.41 -53.39 -18.60
CA VAL C 242 8.80 -54.67 -19.18
C VAL C 242 9.28 -54.48 -20.61
N ASP C 243 10.60 -54.35 -20.77
CA ASP C 243 11.19 -54.15 -22.09
C ASP C 243 11.21 -55.46 -22.88
N TYR C 244 10.35 -55.55 -23.89
CA TYR C 244 10.25 -56.75 -24.70
C TYR C 244 11.40 -56.84 -25.70
N ASP C 245 12.33 -55.90 -25.62
CA ASP C 245 13.49 -55.90 -26.50
C ASP C 245 14.69 -56.58 -25.84
N ASP C 246 14.59 -56.84 -24.54
CA ASP C 246 15.63 -57.56 -23.83
C ASP C 246 15.57 -59.04 -24.20
N SER C 247 16.73 -59.61 -24.52
CA SER C 247 16.81 -61.04 -24.84
C SER C 247 16.31 -61.88 -23.67
N LEU C 248 16.43 -61.33 -22.47
CA LEU C 248 15.95 -62.00 -21.27
C LEU C 248 14.43 -62.10 -21.29
N VAL C 249 13.77 -60.98 -21.53
CA VAL C 249 12.31 -60.95 -21.59
C VAL C 249 11.81 -61.66 -22.84
N SER C 250 12.52 -61.46 -23.95
CA SER C 250 12.15 -62.09 -25.21
C SER C 250 12.12 -63.61 -25.09
N LYS C 251 13.06 -64.15 -24.31
CA LYS C 251 13.12 -65.59 -24.10
C LYS C 251 11.97 -66.06 -23.20
N PHE C 252 11.60 -65.22 -22.24
CA PHE C 252 10.51 -65.54 -21.33
C PHE C 252 9.20 -65.67 -22.09
N ILE C 253 8.94 -64.71 -23.00
CA ILE C 253 7.73 -64.72 -23.80
C ILE C 253 7.66 -65.94 -24.72
N GLU C 254 8.82 -66.36 -25.23
CA GLU C 254 8.90 -67.52 -26.10
C GLU C 254 8.28 -68.74 -25.45
N ARG C 255 8.42 -68.86 -24.14
CA ARG C 255 7.88 -69.99 -23.39
C ARG C 255 6.51 -69.65 -22.79
N TRP C 256 6.32 -68.37 -22.46
CA TRP C 256 5.07 -67.91 -21.87
C TRP C 256 3.93 -67.98 -22.87
N SER C 257 4.17 -67.47 -24.07
CA SER C 257 3.13 -67.40 -25.10
C SER C 257 2.66 -68.79 -25.54
N THR C 258 3.44 -69.81 -25.24
CA THR C 258 3.13 -71.17 -25.67
C THR C 258 2.40 -71.97 -24.59
N LEU C 259 2.58 -71.56 -23.33
CA LEU C 259 1.97 -72.26 -22.20
C LEU C 259 0.47 -72.47 -22.41
N GLU C 260 -0.04 -73.59 -21.91
CA GLU C 260 -1.46 -73.91 -22.03
C GLU C 260 -2.31 -72.94 -21.20
N GLU C 261 -3.26 -72.28 -21.86
CA GLU C 261 -4.11 -71.30 -21.19
C GLU C 261 -5.08 -71.97 -20.22
N LYS C 262 -5.24 -73.28 -20.34
CA LYS C 262 -6.12 -74.03 -19.45
C LYS C 262 -5.52 -74.11 -18.05
N GLU C 263 -4.29 -74.58 -17.96
CA GLU C 263 -3.60 -74.71 -16.67
C GLU C 263 -3.08 -73.36 -16.20
N TYR C 264 -2.63 -72.54 -17.14
CA TYR C 264 -2.13 -71.20 -16.82
C TYR C 264 -3.05 -70.13 -17.40
N PRO C 265 -4.05 -69.72 -16.62
CA PRO C 265 -5.05 -68.72 -17.04
C PRO C 265 -4.40 -67.42 -17.52
N GLY C 266 -4.90 -66.90 -18.64
CA GLY C 266 -4.40 -65.66 -19.19
C GLY C 266 -2.89 -65.63 -19.35
N ALA C 267 -2.34 -66.70 -19.91
CA ALA C 267 -0.90 -66.81 -20.06
C ALA C 267 -0.50 -67.18 -21.49
N HIS C 268 -1.49 -67.22 -22.38
CA HIS C 268 -1.24 -67.59 -23.78
C HIS C 268 -1.18 -66.35 -24.67
N THR C 269 -0.39 -65.37 -24.27
CA THR C 269 -0.24 -64.13 -25.02
C THR C 269 1.23 -63.77 -25.21
N ALA C 270 1.49 -62.82 -26.11
CA ALA C 270 2.85 -62.38 -26.38
C ALA C 270 3.30 -61.28 -25.42
N THR C 271 2.35 -60.78 -24.63
CA THR C 271 2.65 -59.73 -23.67
C THR C 271 2.30 -60.16 -22.25
N ILE C 272 2.62 -59.32 -21.29
CA ILE C 272 2.35 -59.62 -19.88
C ILE C 272 2.19 -58.34 -19.05
N LYS C 273 1.17 -58.31 -18.21
CA LYS C 273 0.93 -57.18 -17.34
C LYS C 273 2.12 -56.96 -16.41
N TYR C 274 2.47 -55.69 -16.17
CA TYR C 274 3.62 -55.37 -15.34
C TYR C 274 3.48 -55.92 -13.94
N THR C 275 2.24 -56.03 -13.46
CA THR C 275 1.97 -56.60 -12.15
C THR C 275 2.37 -58.07 -12.11
N SER C 276 2.06 -58.78 -13.19
CA SER C 276 2.40 -60.20 -13.31
C SER C 276 3.90 -60.38 -13.47
N ALA C 277 4.53 -59.51 -14.27
CA ALA C 277 5.96 -59.57 -14.51
C ALA C 277 6.74 -59.37 -13.22
N LEU C 278 6.23 -58.50 -12.35
CA LEU C 278 6.87 -58.24 -11.07
C LEU C 278 6.71 -59.44 -10.14
N THR C 279 5.60 -60.14 -10.25
CA THR C 279 5.36 -61.34 -9.47
C THR C 279 6.41 -62.40 -9.79
N TYR C 280 6.68 -62.58 -11.08
CA TYR C 280 7.69 -63.51 -11.54
C TYR C 280 9.07 -63.12 -11.02
N ASP C 281 9.36 -61.82 -11.08
CA ASP C 281 10.64 -61.31 -10.60
C ASP C 281 10.73 -61.40 -9.08
N ALA C 282 9.56 -61.43 -8.42
CA ALA C 282 9.51 -61.55 -6.98
C ALA C 282 10.03 -62.91 -6.53
N VAL C 283 9.61 -63.95 -7.25
CA VAL C 283 10.05 -65.31 -6.95
C VAL C 283 11.57 -65.41 -7.02
N GLN C 284 12.15 -64.79 -8.05
CA GLN C 284 13.59 -64.81 -8.24
C GLN C 284 14.32 -64.12 -7.09
N VAL C 285 13.73 -63.05 -6.58
CA VAL C 285 14.33 -62.30 -5.47
C VAL C 285 14.30 -63.13 -4.20
N MET C 286 13.20 -63.82 -3.96
CA MET C 286 13.05 -64.65 -2.77
C MET C 286 13.99 -65.86 -2.82
N THR C 287 14.24 -66.36 -4.02
CA THR C 287 15.14 -67.49 -4.22
C THR C 287 16.59 -67.09 -3.93
N GLU C 288 17.02 -66.00 -4.55
CA GLU C 288 18.38 -65.52 -4.38
C GLU C 288 18.63 -65.09 -2.93
N ALA C 289 17.57 -64.69 -2.24
CA ALA C 289 17.67 -64.26 -0.86
C ALA C 289 17.90 -65.44 0.08
N PHE C 290 17.07 -66.46 -0.07
CA PHE C 290 17.19 -67.66 0.76
C PHE C 290 18.45 -68.45 0.40
N ARG C 291 18.99 -68.20 -0.78
CA ARG C 291 20.22 -68.85 -1.23
C ARG C 291 21.45 -68.18 -0.63
N ASN C 292 21.39 -66.85 -0.51
CA ASN C 292 22.49 -66.10 0.08
C ASN C 292 22.57 -66.31 1.60
N LEU C 293 21.55 -66.94 2.16
CA LEU C 293 21.53 -67.26 3.58
C LEU C 293 22.16 -68.63 3.84
N ARG C 294 22.02 -69.53 2.87
CA ARG C 294 22.61 -70.85 2.98
C ARG C 294 24.12 -70.77 2.78
N LYS C 295 24.54 -69.98 1.80
CA LYS C 295 25.95 -69.82 1.49
C LYS C 295 26.65 -68.93 2.53
N GLN C 296 25.86 -68.23 3.33
CA GLN C 296 26.40 -67.36 4.37
C GLN C 296 26.44 -68.06 5.72
N ARG C 297 26.04 -69.33 5.73
CA ARG C 297 26.04 -70.13 6.95
C ARG C 297 25.21 -69.48 8.05
N ILE C 298 23.98 -69.12 7.71
CA ILE C 298 23.07 -68.48 8.67
C ILE C 298 21.86 -69.36 8.94
N GLU C 299 21.76 -69.85 10.17
CA GLU C 299 20.64 -70.68 10.58
C GLU C 299 19.44 -69.81 10.98
N ILE C 300 18.29 -70.08 10.37
CA ILE C 300 17.09 -69.31 10.63
C ILE C 300 15.87 -70.20 10.85
N SER C 301 16.09 -71.51 10.86
CA SER C 301 15.01 -72.45 11.14
C SER C 301 14.34 -72.14 12.47
N ARG C 302 13.02 -71.98 12.45
CA ARG C 302 12.26 -71.66 13.65
C ARG C 302 12.38 -72.77 14.70
N ARG C 303 12.41 -72.37 15.97
CA ARG C 303 12.53 -73.32 17.07
C ARG C 303 11.19 -74.03 17.32
N GLY C 304 10.11 -73.40 16.88
CA GLY C 304 8.78 -73.98 17.04
C GLY C 304 7.69 -73.05 16.53
N ASN C 305 6.44 -73.35 16.87
CA ASN C 305 5.32 -72.53 16.46
C ASN C 305 5.51 -71.07 16.88
N ALA C 306 5.08 -70.15 16.02
CA ALA C 306 5.27 -68.72 16.28
C ALA C 306 4.24 -68.19 17.28
N GLY C 307 3.10 -68.86 17.36
CA GLY C 307 2.04 -68.46 18.27
C GLY C 307 1.08 -67.46 17.65
N ASP C 308 0.12 -67.01 18.43
CA ASP C 308 -0.86 -66.04 17.96
C ASP C 308 -0.21 -64.68 17.75
N CYS C 309 -0.53 -64.05 16.62
CA CYS C 309 0.06 -62.75 16.27
C CYS C 309 -0.39 -61.65 17.23
N LEU C 310 -1.54 -61.84 17.85
CA LEU C 310 -2.06 -60.86 18.80
C LEU C 310 -1.42 -61.02 20.17
N ALA C 311 -0.45 -61.91 20.27
CA ALA C 311 0.25 -62.17 21.53
C ALA C 311 0.73 -60.87 22.16
N ASN C 312 0.42 -60.68 23.44
CA ASN C 312 0.80 -59.47 24.16
C ASN C 312 1.51 -59.81 25.47
N PRO C 313 2.73 -59.30 25.65
CA PRO C 313 3.45 -58.46 24.68
C PRO C 313 3.88 -59.23 23.45
N ALA C 314 3.91 -58.54 22.30
CA ALA C 314 4.33 -59.17 21.05
C ALA C 314 5.85 -59.15 20.92
N VAL C 315 6.44 -60.34 20.85
CA VAL C 315 7.89 -60.46 20.73
C VAL C 315 8.32 -60.86 19.34
N PRO C 316 9.08 -60.00 18.67
CA PRO C 316 9.60 -60.24 17.31
C PRO C 316 10.72 -61.27 17.32
N TRP C 317 10.61 -62.30 16.48
CA TRP C 317 11.66 -63.32 16.39
C TRP C 317 12.87 -62.77 15.65
N GLY C 318 14.01 -62.77 16.33
CA GLY C 318 15.23 -62.17 15.81
C GLY C 318 15.66 -62.67 14.43
N GLN C 319 15.23 -63.87 14.08
CA GLN C 319 15.60 -64.46 12.80
C GLN C 319 15.02 -63.67 11.63
N GLY C 320 14.04 -62.82 11.92
CA GLY C 320 13.39 -62.01 10.89
C GLY C 320 14.26 -60.87 10.42
N VAL C 321 15.09 -60.34 11.31
CA VAL C 321 15.97 -59.23 10.98
C VAL C 321 16.95 -59.62 9.88
N GLU C 322 17.36 -60.87 9.88
CA GLU C 322 18.30 -61.38 8.89
C GLU C 322 17.63 -61.62 7.54
N ILE C 323 16.38 -62.07 7.59
CA ILE C 323 15.61 -62.33 6.37
C ILE C 323 15.40 -61.04 5.59
N GLU C 324 15.29 -59.93 6.32
CA GLU C 324 15.13 -58.62 5.70
C GLU C 324 16.41 -58.18 5.02
N ARG C 325 17.53 -58.28 5.74
CA ARG C 325 18.83 -57.88 5.22
C ARG C 325 19.23 -58.75 4.03
N ALA C 326 18.53 -59.87 3.85
CA ALA C 326 18.79 -60.76 2.73
C ALA C 326 18.06 -60.30 1.47
N LEU C 327 16.75 -60.15 1.59
CA LEU C 327 15.92 -59.70 0.47
C LEU C 327 16.38 -58.34 -0.04
N LYS C 328 16.67 -57.43 0.88
CA LYS C 328 17.08 -56.08 0.53
C LYS C 328 18.46 -56.05 -0.09
N GLN C 329 19.23 -57.10 0.12
CA GLN C 329 20.59 -57.19 -0.41
C GLN C 329 20.61 -57.84 -1.79
N VAL C 330 19.50 -58.48 -2.14
CA VAL C 330 19.39 -59.17 -3.43
C VAL C 330 19.58 -58.21 -4.60
N GLN C 331 20.22 -58.69 -5.66
CA GLN C 331 20.40 -57.89 -6.87
C GLN C 331 20.59 -58.79 -8.09
N VAL C 332 19.48 -59.08 -8.78
CA VAL C 332 19.51 -59.93 -9.97
C VAL C 332 18.86 -59.23 -11.15
N GLU C 333 18.83 -59.91 -12.28
CA GLU C 333 18.21 -59.35 -13.49
C GLU C 333 16.89 -60.04 -13.78
N GLY C 334 15.83 -59.25 -13.93
CA GLY C 334 14.51 -59.80 -14.17
C GLY C 334 13.80 -59.15 -15.34
N LEU C 335 12.51 -59.44 -15.47
CA LEU C 335 11.70 -58.89 -16.57
C LEU C 335 11.60 -57.37 -16.47
N SER C 336 11.63 -56.86 -15.23
CA SER C 336 11.51 -55.42 -15.00
C SER C 336 12.88 -54.76 -14.87
N GLY C 337 13.81 -55.16 -15.73
CA GLY C 337 15.14 -54.57 -15.72
C GLY C 337 15.96 -54.95 -14.50
N ASN C 338 17.00 -54.17 -14.24
CA ASN C 338 17.87 -54.42 -13.09
C ASN C 338 17.15 -54.22 -11.77
N ILE C 339 17.16 -55.25 -10.93
CA ILE C 339 16.47 -55.20 -9.64
C ILE C 339 17.44 -54.94 -8.50
N LYS C 340 17.25 -53.81 -7.81
CA LYS C 340 18.06 -53.45 -6.67
C LYS C 340 17.21 -52.74 -5.61
N PHE C 341 17.64 -52.80 -4.36
CA PHE C 341 16.88 -52.21 -3.27
C PHE C 341 17.75 -51.36 -2.35
N ASP C 342 17.10 -50.49 -1.58
CA ASP C 342 17.78 -49.71 -0.57
C ASP C 342 17.45 -50.27 0.82
N GLN C 343 17.88 -49.57 1.86
CA GLN C 343 17.69 -50.03 3.23
C GLN C 343 16.21 -50.14 3.61
N ASN C 344 15.36 -49.43 2.87
CA ASN C 344 13.93 -49.41 3.17
C ASN C 344 13.15 -50.50 2.43
N GLY C 345 13.40 -50.64 1.13
CA GLY C 345 12.72 -51.64 0.33
C GLY C 345 12.32 -51.10 -1.03
N LYS C 346 12.41 -49.79 -1.20
CA LYS C 346 12.09 -49.16 -2.47
C LYS C 346 13.17 -49.48 -3.50
N ARG C 347 12.75 -49.83 -4.71
CA ARG C 347 13.68 -50.20 -5.76
C ARG C 347 14.53 -49.01 -6.21
N ILE C 348 15.77 -49.28 -6.57
CA ILE C 348 16.69 -48.26 -7.03
C ILE C 348 17.47 -48.73 -8.25
N ASN C 349 18.17 -47.81 -8.90
CA ASN C 349 18.95 -48.11 -10.10
C ASN C 349 18.13 -48.88 -11.13
N TYR C 350 16.90 -48.43 -11.36
CA TYR C 350 16.01 -49.07 -12.32
C TYR C 350 15.84 -48.22 -13.56
N THR C 351 15.13 -48.76 -14.55
CA THR C 351 14.93 -48.05 -15.82
C THR C 351 13.49 -48.17 -16.30
N ILE C 352 12.89 -47.03 -16.60
CA ILE C 352 11.52 -47.00 -17.12
C ILE C 352 11.49 -46.40 -18.52
N ASN C 353 11.15 -47.22 -19.51
CA ASN C 353 11.11 -46.78 -20.89
C ASN C 353 9.92 -45.87 -21.19
N ILE C 354 10.20 -44.71 -21.78
CA ILE C 354 9.14 -43.79 -22.20
C ILE C 354 8.60 -44.21 -23.56
N MET C 355 7.28 -44.37 -23.66
CA MET C 355 6.67 -44.87 -24.89
C MET C 355 5.76 -43.84 -25.54
N GLU C 356 5.74 -43.88 -26.88
CA GLU C 356 4.80 -43.07 -27.66
C GLU C 356 4.06 -43.96 -28.65
N LEU C 357 2.79 -43.67 -28.88
CA LEU C 357 1.97 -44.47 -29.79
C LEU C 357 1.92 -43.86 -31.18
N LYS C 358 2.57 -44.51 -32.13
CA LYS C 358 2.59 -44.05 -33.51
C LYS C 358 1.60 -44.84 -34.36
N THR C 359 1.66 -44.64 -35.67
CA THR C 359 0.76 -45.33 -36.59
C THR C 359 1.06 -46.82 -36.67
N ASN C 360 2.35 -47.17 -36.68
CA ASN C 360 2.75 -48.57 -36.76
C ASN C 360 2.68 -49.28 -35.42
N GLY C 361 2.35 -48.53 -34.37
CA GLY C 361 2.24 -49.09 -33.04
C GLY C 361 3.14 -48.39 -32.05
N PRO C 362 3.15 -48.87 -30.79
CA PRO C 362 3.97 -48.31 -29.72
C PRO C 362 5.45 -48.29 -30.11
N ARG C 363 6.19 -47.33 -29.56
CA ARG C 363 7.61 -47.20 -29.88
C ARG C 363 8.35 -46.46 -28.77
N LYS C 364 9.45 -47.07 -28.29
CA LYS C 364 10.25 -46.46 -27.24
C LYS C 364 11.03 -45.27 -27.77
N ILE C 365 10.83 -44.11 -27.14
CA ILE C 365 11.50 -42.89 -27.57
C ILE C 365 12.62 -42.53 -26.59
N GLY C 366 12.77 -43.33 -25.54
CA GLY C 366 13.80 -43.09 -24.55
C GLY C 366 13.51 -43.81 -23.24
N TYR C 367 14.32 -43.53 -22.22
CA TYR C 367 14.14 -44.15 -20.92
C TYR C 367 14.28 -43.13 -19.80
N TRP C 368 14.02 -43.55 -18.57
CA TRP C 368 14.14 -42.68 -17.41
C TRP C 368 14.91 -43.36 -16.29
N SER C 369 16.03 -42.76 -15.91
CA SER C 369 16.84 -43.26 -14.81
C SER C 369 16.69 -42.36 -13.59
N GLU C 370 16.71 -42.95 -12.39
CA GLU C 370 16.58 -42.19 -11.16
C GLU C 370 17.75 -41.23 -10.98
N VAL C 371 18.80 -41.42 -11.77
CA VAL C 371 20.01 -40.62 -11.64
C VAL C 371 20.30 -39.79 -12.89
N ASP C 372 19.69 -40.17 -14.01
CA ASP C 372 19.93 -39.49 -15.27
C ASP C 372 18.67 -38.82 -15.82
N LYS C 373 17.58 -38.91 -15.05
CA LYS C 373 16.30 -38.37 -15.49
C LYS C 373 15.91 -38.99 -16.84
N MET C 374 15.34 -38.18 -17.73
CA MET C 374 14.94 -38.66 -19.04
C MET C 374 16.07 -38.58 -20.06
N VAL C 375 16.23 -39.64 -20.84
CA VAL C 375 17.26 -39.69 -21.88
C VAL C 375 16.69 -40.31 -23.15
N LEU C 376 16.67 -39.53 -24.23
CA LEU C 376 16.05 -39.97 -25.49
C LEU C 376 16.90 -40.99 -26.24
N THR C 377 16.22 -41.97 -26.85
CA THR C 377 16.89 -42.96 -27.69
C THR C 377 16.68 -42.63 -29.16
N GLU C 378 17.76 -42.24 -29.84
CA GLU C 378 17.67 -41.69 -31.19
C GLU C 378 17.41 -42.74 -32.27
N ASP C 379 16.19 -42.72 -32.79
CA ASP C 379 15.83 -43.49 -33.98
C ASP C 379 15.14 -42.54 -34.96
N LYS C 393 8.98 -29.69 -54.95
CA LYS C 393 7.50 -29.87 -55.10
C LYS C 393 6.75 -28.57 -55.47
N THR C 394 5.51 -28.73 -55.92
CA THR C 394 4.68 -27.59 -56.32
C THR C 394 4.16 -26.81 -55.11
N VAL C 395 4.44 -25.50 -55.11
CA VAL C 395 4.03 -24.61 -54.03
C VAL C 395 2.55 -24.24 -54.13
N VAL C 396 1.80 -24.49 -53.06
CA VAL C 396 0.38 -24.14 -53.01
C VAL C 396 0.27 -22.71 -52.51
N VAL C 397 -0.20 -21.83 -53.38
CA VAL C 397 -0.36 -20.42 -53.09
C VAL C 397 -1.81 -20.11 -52.72
N THR C 398 -2.03 -19.56 -51.55
CA THR C 398 -3.38 -19.17 -51.16
C THR C 398 -3.50 -17.69 -51.47
N THR C 399 -4.64 -17.33 -52.03
CA THR C 399 -4.86 -15.95 -52.38
C THR C 399 -6.35 -15.69 -52.28
N ILE C 400 -6.76 -14.48 -52.64
CA ILE C 400 -8.16 -14.10 -52.51
C ILE C 400 -8.68 -13.34 -53.73
N LEU C 401 -9.93 -13.61 -54.12
CA LEU C 401 -10.54 -12.92 -55.24
C LEU C 401 -10.86 -11.51 -54.77
N GLU C 402 -9.97 -10.58 -55.09
CA GLU C 402 -10.11 -9.20 -54.67
C GLU C 402 -9.55 -8.38 -55.82
N SER C 403 -10.35 -7.50 -56.41
CA SER C 403 -9.88 -6.70 -57.53
C SER C 403 -9.01 -5.55 -57.04
N PRO C 404 -7.95 -5.22 -57.79
CA PRO C 404 -7.49 -5.83 -59.03
C PRO C 404 -6.32 -6.79 -58.79
N TYR C 405 -6.28 -7.38 -57.59
CA TYR C 405 -5.20 -8.29 -57.22
C TYR C 405 -5.31 -9.65 -57.88
N VAL C 406 -6.48 -10.25 -57.72
CA VAL C 406 -6.78 -11.56 -58.32
C VAL C 406 -8.23 -11.51 -58.76
N MET C 407 -8.41 -11.64 -60.08
CA MET C 407 -9.73 -11.61 -60.70
C MET C 407 -9.79 -12.71 -61.75
N MET C 408 -10.98 -13.26 -61.98
CA MET C 408 -11.14 -14.28 -63.00
C MET C 408 -11.14 -13.59 -64.37
N LYS C 409 -10.34 -14.10 -65.31
CA LYS C 409 -10.28 -13.54 -66.67
C LYS C 409 -11.64 -13.61 -67.35
N LYS C 410 -11.80 -12.83 -68.42
CA LYS C 410 -13.06 -12.81 -69.15
C LYS C 410 -13.48 -14.17 -69.69
N ASN C 411 -12.57 -14.84 -70.39
CA ASN C 411 -12.83 -16.14 -71.00
C ASN C 411 -12.37 -17.32 -70.11
N HIS C 412 -12.39 -17.11 -68.80
CA HIS C 412 -11.94 -18.13 -67.86
C HIS C 412 -12.54 -19.53 -68.01
N GLU C 413 -13.77 -19.62 -68.54
CA GLU C 413 -14.42 -20.93 -68.72
C GLU C 413 -13.60 -21.93 -69.56
N MET C 414 -12.90 -21.44 -70.58
CA MET C 414 -12.09 -22.33 -71.40
C MET C 414 -10.64 -22.38 -70.97
N LEU C 415 -10.35 -21.92 -69.75
CA LEU C 415 -8.97 -21.90 -69.22
C LEU C 415 -8.78 -22.85 -68.04
N GLU C 416 -7.52 -23.20 -67.74
CA GLU C 416 -7.21 -24.11 -66.64
C GLU C 416 -6.08 -23.65 -65.71
N GLY C 417 -6.14 -24.12 -64.46
CA GLY C 417 -5.14 -23.79 -63.47
C GLY C 417 -4.90 -22.30 -63.29
N ASN C 418 -3.63 -21.91 -63.21
CA ASN C 418 -3.24 -20.52 -63.02
C ASN C 418 -3.71 -19.56 -64.12
N GLU C 419 -3.94 -20.09 -65.33
CA GLU C 419 -4.39 -19.29 -66.47
C GLU C 419 -5.78 -18.69 -66.32
N ARG C 420 -6.56 -19.20 -65.38
CA ARG C 420 -7.91 -18.70 -65.15
C ARG C 420 -7.93 -17.32 -64.51
N TYR C 421 -6.81 -16.92 -63.89
CA TYR C 421 -6.73 -15.66 -63.18
C TYR C 421 -5.79 -14.62 -63.71
N GLU C 422 -6.06 -13.37 -63.34
CA GLU C 422 -5.26 -12.22 -63.73
C GLU C 422 -5.31 -11.19 -62.62
N GLY C 423 -4.32 -10.31 -62.61
CA GLY C 423 -4.30 -9.27 -61.59
C GLY C 423 -2.90 -9.00 -61.09
N TYR C 424 -2.82 -8.02 -60.21
CA TYR C 424 -1.56 -7.60 -59.63
C TYR C 424 -0.82 -8.75 -58.98
N CYS C 425 -1.51 -9.49 -58.10
CA CYS C 425 -0.92 -10.62 -57.39
C CYS C 425 -0.65 -11.85 -58.25
N VAL C 426 -1.39 -11.97 -59.35
CA VAL C 426 -1.17 -13.07 -60.28
C VAL C 426 0.20 -12.82 -60.93
N ASP C 427 0.44 -11.57 -61.34
CA ASP C 427 1.73 -11.20 -61.96
C ASP C 427 2.84 -11.29 -60.91
N LEU C 428 2.56 -10.80 -59.70
CA LEU C 428 3.54 -10.86 -58.62
C LEU C 428 3.95 -12.32 -58.32
N ALA C 429 2.97 -13.22 -58.26
CA ALA C 429 3.23 -14.64 -57.99
C ALA C 429 4.19 -15.23 -59.05
N ALA C 430 3.96 -14.89 -60.32
CA ALA C 430 4.78 -15.36 -61.42
C ALA C 430 6.23 -14.85 -61.26
N GLU C 431 6.36 -13.58 -60.90
CA GLU C 431 7.68 -12.98 -60.68
C GLU C 431 8.41 -13.62 -59.51
N ILE C 432 7.71 -13.74 -58.38
CA ILE C 432 8.27 -14.35 -57.18
C ILE C 432 8.73 -15.77 -57.48
N ALA C 433 7.88 -16.54 -58.14
CA ALA C 433 8.18 -17.93 -58.49
C ALA C 433 9.37 -18.03 -59.44
N LYS C 434 9.49 -17.08 -60.37
CA LYS C 434 10.60 -17.10 -61.32
C LYS C 434 11.90 -16.84 -60.56
N HIS C 435 11.89 -15.81 -59.71
CA HIS C 435 13.05 -15.44 -58.94
C HIS C 435 13.46 -16.43 -57.87
N CYS C 436 12.49 -17.10 -57.26
CA CYS C 436 12.77 -18.08 -56.21
C CYS C 436 12.90 -19.50 -56.72
N GLY C 437 12.70 -19.68 -58.01
CA GLY C 437 12.81 -20.99 -58.63
C GLY C 437 11.83 -22.08 -58.25
N PHE C 438 10.54 -21.75 -58.15
CA PHE C 438 9.54 -22.76 -57.84
C PHE C 438 8.32 -22.73 -58.75
N LYS C 439 7.68 -23.89 -58.85
CA LYS C 439 6.47 -24.04 -59.64
C LYS C 439 5.36 -23.93 -58.61
N TYR C 440 4.20 -23.42 -59.01
CA TYR C 440 3.11 -23.22 -58.06
C TYR C 440 1.72 -23.37 -58.63
N LYS C 441 0.77 -23.43 -57.70
CA LYS C 441 -0.63 -23.56 -58.03
C LYS C 441 -1.41 -22.52 -57.22
N LEU C 442 -2.09 -21.61 -57.92
CA LEU C 442 -2.89 -20.59 -57.27
C LEU C 442 -4.21 -21.22 -56.81
N THR C 443 -4.52 -21.05 -55.53
CA THR C 443 -5.75 -21.56 -54.95
C THR C 443 -6.42 -20.42 -54.22
N ILE C 444 -7.75 -20.33 -54.36
CA ILE C 444 -8.48 -19.26 -53.69
C ILE C 444 -8.88 -19.74 -52.30
N VAL C 445 -8.53 -18.93 -51.30
CA VAL C 445 -8.82 -19.25 -49.90
C VAL C 445 -10.25 -19.76 -49.73
N GLY C 446 -10.36 -20.95 -49.13
CA GLY C 446 -11.65 -21.60 -48.93
C GLY C 446 -12.78 -20.82 -48.30
N ASP C 447 -12.49 -20.09 -47.23
CA ASP C 447 -13.54 -19.34 -46.57
C ASP C 447 -13.66 -17.88 -47.02
N GLY C 448 -12.87 -17.50 -48.04
CA GLY C 448 -12.91 -16.14 -48.56
C GLY C 448 -12.50 -14.99 -47.64
N LYS C 449 -11.76 -15.30 -46.58
CA LYS C 449 -11.31 -14.30 -45.62
C LYS C 449 -9.80 -14.06 -45.60
N TYR C 450 -9.42 -12.89 -45.08
CA TYR C 450 -8.01 -12.50 -44.99
C TYR C 450 -7.39 -13.28 -43.82
N GLY C 451 -7.99 -13.16 -42.65
CA GLY C 451 -7.50 -13.89 -41.51
C GLY C 451 -7.58 -13.21 -40.17
N ALA C 452 -8.35 -13.82 -39.26
CA ALA C 452 -8.48 -13.31 -37.92
C ALA C 452 -8.55 -14.52 -36.98
N ARG C 453 -8.26 -14.29 -35.70
CA ARG C 453 -8.28 -15.34 -34.72
C ARG C 453 -9.56 -15.27 -33.88
N ASP C 454 -10.28 -16.39 -33.81
CA ASP C 454 -11.51 -16.48 -33.04
C ASP C 454 -11.16 -16.35 -31.53
N ALA C 455 -11.72 -15.33 -30.88
CA ALA C 455 -11.47 -15.08 -29.46
C ALA C 455 -11.71 -16.29 -28.55
N ASP C 456 -12.67 -17.12 -28.93
CA ASP C 456 -13.04 -18.31 -28.15
C ASP C 456 -12.12 -19.51 -28.35
N THR C 457 -12.10 -20.01 -29.57
CA THR C 457 -11.32 -21.20 -29.94
C THR C 457 -9.85 -20.92 -30.20
N LYS C 458 -9.52 -19.67 -30.45
CA LYS C 458 -8.14 -19.27 -30.73
C LYS C 458 -7.71 -19.81 -32.10
N ILE C 459 -8.68 -20.27 -32.90
CA ILE C 459 -8.39 -20.80 -34.23
C ILE C 459 -8.37 -19.68 -35.28
N TRP C 460 -7.36 -19.72 -36.15
CA TRP C 460 -7.20 -18.75 -37.23
C TRP C 460 -7.96 -19.14 -38.50
N ASN C 461 -8.64 -18.16 -39.10
CA ASN C 461 -9.36 -18.38 -40.35
C ASN C 461 -8.65 -17.64 -41.49
N GLY C 462 -9.27 -17.69 -42.67
CA GLY C 462 -8.72 -17.01 -43.84
C GLY C 462 -7.41 -17.56 -44.34
N MET C 463 -6.70 -16.74 -45.12
CA MET C 463 -5.42 -17.14 -45.67
C MET C 463 -4.42 -17.41 -44.54
N VAL C 464 -4.52 -16.62 -43.47
CA VAL C 464 -3.62 -16.80 -42.33
C VAL C 464 -3.79 -18.21 -41.77
N GLY C 465 -5.05 -18.62 -41.55
CA GLY C 465 -5.34 -19.95 -41.05
C GLY C 465 -4.79 -21.04 -41.95
N GLU C 466 -4.94 -20.86 -43.27
CA GLU C 466 -4.44 -21.84 -44.22
C GLU C 466 -2.93 -22.04 -44.11
N LEU C 467 -2.21 -20.96 -43.79
CA LEU C 467 -0.76 -21.05 -43.62
C LEU C 467 -0.45 -21.70 -42.27
N VAL C 468 -1.16 -21.26 -41.23
CA VAL C 468 -0.97 -21.76 -39.87
C VAL C 468 -1.20 -23.25 -39.75
N TYR C 469 -2.23 -23.75 -40.42
CA TYR C 469 -2.54 -25.17 -40.35
C TYR C 469 -1.97 -25.98 -41.49
N GLY C 470 -1.09 -25.38 -42.28
CA GLY C 470 -0.43 -26.07 -43.38
C GLY C 470 -1.21 -26.44 -44.62
N LYS C 471 -2.34 -25.77 -44.87
CA LYS C 471 -3.14 -26.03 -46.07
C LYS C 471 -2.51 -25.37 -47.30
N ALA C 472 -1.77 -24.29 -47.08
CA ALA C 472 -1.10 -23.56 -48.16
C ALA C 472 0.33 -23.29 -47.73
N ASP C 473 1.22 -23.13 -48.71
CA ASP C 473 2.64 -22.89 -48.44
C ASP C 473 3.06 -21.43 -48.44
N ILE C 474 2.25 -20.59 -49.07
CA ILE C 474 2.58 -19.18 -49.15
C ILE C 474 1.31 -18.43 -49.52
N ALA C 475 1.19 -17.19 -49.05
CA ALA C 475 0.02 -16.38 -49.38
C ALA C 475 0.54 -15.18 -50.14
N ILE C 476 0.09 -15.04 -51.38
CA ILE C 476 0.48 -13.91 -52.23
C ILE C 476 -0.86 -13.20 -52.46
N ALA C 477 -1.09 -12.17 -51.65
CA ALA C 477 -2.35 -11.42 -51.68
C ALA C 477 -2.17 -10.07 -50.96
N PRO C 478 -3.20 -9.20 -50.99
CA PRO C 478 -3.11 -7.90 -50.30
C PRO C 478 -3.34 -8.14 -48.80
N LEU C 479 -2.42 -8.91 -48.22
CA LEU C 479 -2.45 -9.31 -46.80
C LEU C 479 -1.59 -8.35 -45.99
N THR C 480 -2.26 -7.63 -45.10
CA THR C 480 -1.63 -6.62 -44.28
C THR C 480 -0.75 -7.16 -43.16
N ILE C 481 0.46 -6.61 -43.10
CA ILE C 481 1.44 -6.98 -42.09
C ILE C 481 0.97 -6.38 -40.76
N THR C 482 0.70 -7.26 -39.79
CA THR C 482 0.23 -6.84 -38.47
C THR C 482 0.96 -7.61 -37.37
N LEU C 483 0.93 -7.05 -36.16
CA LEU C 483 1.56 -7.66 -34.99
C LEU C 483 0.95 -9.02 -34.65
N VAL C 484 -0.38 -9.13 -34.57
CA VAL C 484 -1.00 -10.42 -34.24
C VAL C 484 -0.67 -11.51 -35.25
N ARG C 485 -0.62 -11.15 -36.53
CA ARG C 485 -0.29 -12.12 -37.56
C ARG C 485 1.19 -12.47 -37.55
N GLU C 486 2.04 -11.46 -37.35
CA GLU C 486 3.49 -11.66 -37.33
C GLU C 486 3.88 -12.66 -36.22
N GLU C 487 3.02 -12.80 -35.22
CA GLU C 487 3.30 -13.74 -34.15
C GLU C 487 3.09 -15.22 -34.57
N VAL C 488 2.24 -15.45 -35.58
CA VAL C 488 1.98 -16.82 -36.04
C VAL C 488 2.49 -17.18 -37.45
N ILE C 489 2.77 -16.18 -38.27
CA ILE C 489 3.29 -16.42 -39.62
C ILE C 489 4.38 -15.41 -39.91
N ASP C 490 5.13 -15.65 -40.97
CA ASP C 490 6.20 -14.75 -41.39
C ASP C 490 5.73 -13.91 -42.55
N PHE C 491 6.21 -12.68 -42.62
CA PHE C 491 5.88 -11.74 -43.70
C PHE C 491 7.16 -11.23 -44.33
N SER C 492 7.15 -11.06 -45.64
CA SER C 492 8.30 -10.49 -46.35
C SER C 492 8.19 -8.99 -46.10
N LYS C 493 9.20 -8.24 -46.56
CA LYS C 493 9.16 -6.78 -46.46
C LYS C 493 7.96 -6.40 -47.34
N PRO C 494 7.34 -5.23 -47.11
CA PRO C 494 6.18 -4.88 -47.95
C PRO C 494 6.38 -4.70 -49.45
N PHE C 495 5.45 -5.24 -50.22
CA PHE C 495 5.49 -5.09 -51.67
C PHE C 495 4.57 -3.92 -52.07
N MET C 496 3.80 -3.42 -51.11
CA MET C 496 2.90 -2.30 -51.33
C MET C 496 2.62 -1.53 -50.03
N SER C 497 2.63 -0.21 -50.12
CA SER C 497 2.36 0.67 -48.98
C SER C 497 0.90 1.15 -49.06
N LEU C 498 0.25 1.29 -47.91
CA LEU C 498 -1.15 1.71 -47.90
C LEU C 498 -1.60 2.18 -46.52
N GLY C 499 -2.87 2.55 -46.44
CA GLY C 499 -3.44 2.99 -45.18
C GLY C 499 -4.95 2.91 -45.23
N ILE C 500 -5.61 2.87 -44.08
CA ILE C 500 -7.08 2.83 -44.03
C ILE C 500 -7.61 4.18 -44.56
N SER C 501 -8.71 4.14 -45.30
CA SER C 501 -9.29 5.34 -45.89
C SER C 501 -10.80 5.23 -45.90
N ILE C 502 -11.46 6.32 -46.28
CA ILE C 502 -12.92 6.37 -46.33
C ILE C 502 -13.44 6.44 -47.75
N MET C 503 -14.39 5.57 -48.06
CA MET C 503 -15.02 5.55 -49.36
C MET C 503 -16.45 6.07 -49.19
N ILE C 504 -16.80 7.09 -49.96
CA ILE C 504 -18.15 7.65 -49.91
C ILE C 504 -18.79 7.66 -51.28
N LYS C 505 -20.12 7.70 -51.30
CA LYS C 505 -20.83 7.83 -52.55
C LYS C 505 -20.64 9.33 -52.84
N LYS C 506 -20.43 9.67 -54.11
CA LYS C 506 -20.23 11.05 -54.48
C LYS C 506 -21.33 11.96 -53.96
N PRO C 632 -21.85 14.25 -47.52
CA PRO C 632 -21.34 15.30 -46.62
C PRO C 632 -20.31 14.83 -45.59
N ILE C 633 -19.26 14.16 -46.05
CA ILE C 633 -18.21 13.65 -45.17
C ILE C 633 -16.86 13.95 -45.78
N GLU C 634 -15.96 14.49 -44.97
CA GLU C 634 -14.63 14.80 -45.45
C GLU C 634 -13.53 14.11 -44.66
N SER C 635 -13.90 13.37 -43.61
CA SER C 635 -12.91 12.68 -42.77
C SER C 635 -13.50 11.78 -41.69
N ALA C 636 -12.62 11.05 -41.02
CA ALA C 636 -13.00 10.14 -39.95
C ALA C 636 -13.72 10.93 -38.88
N GLU C 637 -13.15 12.08 -38.54
CA GLU C 637 -13.75 12.94 -37.54
C GLU C 637 -15.20 13.29 -37.88
N ASP C 638 -15.48 13.52 -39.17
CA ASP C 638 -16.84 13.86 -39.60
C ASP C 638 -17.83 12.71 -39.37
N LEU C 639 -17.40 11.49 -39.69
CA LEU C 639 -18.24 10.30 -39.50
C LEU C 639 -18.64 10.16 -38.03
N SER C 640 -17.65 10.31 -37.14
CA SER C 640 -17.88 10.17 -35.71
C SER C 640 -18.78 11.26 -35.10
N LYS C 641 -18.77 12.45 -35.71
CA LYS C 641 -19.56 13.60 -35.23
C LYS C 641 -21.05 13.44 -35.45
N GLN C 642 -21.43 12.61 -36.42
CA GLN C 642 -22.82 12.41 -36.73
C GLN C 642 -23.15 10.92 -36.77
N THR C 643 -24.44 10.63 -37.01
CA THR C 643 -24.93 9.24 -37.09
C THR C 643 -25.99 8.98 -38.13
N GLU C 644 -26.29 9.98 -38.98
CA GLU C 644 -27.29 9.87 -40.08
C GLU C 644 -26.66 8.98 -41.23
N ILE C 645 -25.34 9.04 -41.30
CA ILE C 645 -24.60 8.25 -42.28
C ILE C 645 -23.91 7.09 -41.55
N ALA C 646 -24.37 5.88 -41.89
CA ALA C 646 -23.84 4.65 -41.33
C ALA C 646 -22.48 4.36 -41.96
N TYR C 647 -21.61 3.71 -41.22
CA TYR C 647 -20.28 3.36 -41.74
C TYR C 647 -19.75 2.09 -41.08
N GLY C 648 -19.06 1.26 -41.87
CA GLY C 648 -18.51 0.02 -41.34
C GLY C 648 -17.24 -0.43 -42.03
N THR C 649 -16.81 -1.64 -41.70
CA THR C 649 -15.58 -2.22 -42.27
C THR C 649 -15.82 -3.65 -42.73
N LEU C 650 -14.76 -4.27 -43.23
CA LEU C 650 -14.77 -5.65 -43.68
C LEU C 650 -14.66 -6.53 -42.44
N ASP C 651 -15.24 -7.73 -42.50
CA ASP C 651 -15.16 -8.70 -41.40
C ASP C 651 -13.84 -9.49 -41.53
N SER C 652 -13.35 -9.97 -40.40
CA SER C 652 -12.12 -10.78 -40.38
C SER C 652 -10.88 -10.19 -41.03
N GLY C 653 -10.74 -8.86 -40.96
CA GLY C 653 -9.58 -8.22 -41.55
C GLY C 653 -8.85 -7.30 -40.60
N SER C 654 -7.77 -6.68 -41.10
CA SER C 654 -6.95 -5.76 -40.30
C SER C 654 -7.64 -4.43 -40.01
N THR C 655 -8.51 -3.99 -40.91
CA THR C 655 -9.21 -2.72 -40.69
C THR C 655 -10.12 -2.80 -39.48
N LYS C 656 -10.88 -3.89 -39.37
CA LYS C 656 -11.78 -4.07 -38.23
C LYS C 656 -10.98 -4.11 -36.92
N GLU C 657 -9.83 -4.79 -36.94
CA GLU C 657 -8.97 -4.87 -35.76
C GLU C 657 -8.44 -3.49 -35.39
N PHE C 658 -8.08 -2.69 -36.40
CA PHE C 658 -7.57 -1.35 -36.16
C PHE C 658 -8.52 -0.55 -35.26
N PHE C 659 -9.80 -0.56 -35.58
CA PHE C 659 -10.78 0.18 -34.80
C PHE C 659 -11.08 -0.45 -33.44
N ARG C 660 -10.97 -1.77 -33.36
CA ARG C 660 -11.23 -2.47 -32.11
C ARG C 660 -10.11 -2.23 -31.12
N ARG C 661 -8.89 -2.08 -31.62
CA ARG C 661 -7.72 -1.88 -30.77
C ARG C 661 -7.23 -0.43 -30.68
N SER C 662 -8.03 0.53 -31.14
CA SER C 662 -7.62 1.94 -31.12
C SER C 662 -8.07 2.77 -29.92
N LYS C 663 -7.10 3.42 -29.29
CA LYS C 663 -7.35 4.27 -28.13
C LYS C 663 -7.50 5.71 -28.55
N ILE C 664 -7.19 6.00 -29.81
CA ILE C 664 -7.30 7.35 -30.34
C ILE C 664 -8.76 7.79 -30.40
N ALA C 665 -9.12 8.75 -29.55
CA ALA C 665 -10.47 9.29 -29.45
C ALA C 665 -11.51 9.09 -30.55
N VAL C 666 -11.24 9.65 -31.73
CA VAL C 666 -12.18 9.53 -32.86
C VAL C 666 -12.41 8.07 -33.26
N PHE C 667 -11.33 7.31 -33.42
CA PHE C 667 -11.40 5.90 -33.82
C PHE C 667 -12.09 5.03 -32.76
N ASP C 668 -11.84 5.33 -31.49
CA ASP C 668 -12.48 4.60 -30.40
C ASP C 668 -13.99 4.80 -30.45
N LYS C 669 -14.40 6.05 -30.69
CA LYS C 669 -15.80 6.46 -30.79
C LYS C 669 -16.50 5.81 -32.00
N MET C 670 -15.77 5.75 -33.11
CA MET C 670 -16.28 5.14 -34.33
C MET C 670 -16.51 3.65 -34.09
N TRP C 671 -15.57 3.02 -33.37
CA TRP C 671 -15.65 1.59 -33.06
C TRP C 671 -16.82 1.28 -32.13
N THR C 672 -17.01 2.13 -31.13
CA THR C 672 -18.10 1.92 -30.19
C THR C 672 -19.44 1.98 -30.92
N TYR C 673 -19.52 2.81 -31.95
CA TYR C 673 -20.73 2.92 -32.75
C TYR C 673 -20.85 1.69 -33.66
N MET C 674 -19.77 1.34 -34.37
CA MET C 674 -19.79 0.22 -35.30
C MET C 674 -20.08 -1.11 -34.64
N ARG C 675 -19.36 -1.39 -33.55
CA ARG C 675 -19.51 -2.65 -32.79
C ARG C 675 -20.95 -2.94 -32.38
N SER C 676 -21.65 -1.90 -31.95
CA SER C 676 -23.03 -2.01 -31.49
C SER C 676 -24.08 -1.70 -32.55
N ALA C 677 -23.65 -1.28 -33.74
CA ALA C 677 -24.55 -0.93 -34.83
C ALA C 677 -25.63 -1.94 -35.22
N GLU C 678 -26.85 -1.44 -35.44
CA GLU C 678 -27.96 -2.30 -35.81
C GLU C 678 -28.85 -1.60 -36.83
N PRO C 679 -29.01 -2.12 -38.06
CA PRO C 679 -28.39 -3.35 -38.60
C PRO C 679 -26.87 -3.28 -38.62
N SER C 680 -26.25 -4.44 -38.84
CA SER C 680 -24.79 -4.54 -38.90
C SER C 680 -24.21 -3.68 -40.02
N VAL C 681 -23.10 -2.99 -39.71
CA VAL C 681 -22.43 -2.14 -40.69
C VAL C 681 -21.20 -2.84 -41.28
N PHE C 682 -20.98 -4.10 -40.87
CA PHE C 682 -19.85 -4.90 -41.34
C PHE C 682 -20.25 -5.73 -42.56
N VAL C 683 -19.27 -6.00 -43.43
CA VAL C 683 -19.49 -6.73 -44.67
C VAL C 683 -18.54 -7.92 -44.82
N ARG C 684 -18.98 -8.94 -45.54
CA ARG C 684 -18.18 -10.15 -45.77
C ARG C 684 -17.07 -9.98 -46.78
N THR C 685 -17.31 -9.16 -47.79
CA THR C 685 -16.31 -8.93 -48.82
C THR C 685 -16.24 -7.44 -49.13
N THR C 686 -15.12 -7.02 -49.73
CA THR C 686 -14.95 -5.64 -50.12
C THR C 686 -16.05 -5.28 -51.12
N ALA C 687 -16.34 -6.20 -52.05
CA ALA C 687 -17.38 -5.98 -53.08
C ALA C 687 -18.71 -5.63 -52.44
N GLU C 688 -19.01 -6.30 -51.34
CA GLU C 688 -20.25 -6.08 -50.62
C GLU C 688 -20.26 -4.68 -49.98
N GLY C 689 -19.08 -4.26 -49.51
CA GLY C 689 -18.96 -2.95 -48.90
C GLY C 689 -19.16 -1.87 -49.94
N VAL C 690 -18.54 -2.03 -51.11
CA VAL C 690 -18.63 -1.08 -52.21
C VAL C 690 -20.06 -1.02 -52.74
N ALA C 691 -20.69 -2.18 -52.89
CA ALA C 691 -22.08 -2.23 -53.37
C ALA C 691 -23.03 -1.57 -52.39
N ARG C 692 -22.72 -1.66 -51.10
CA ARG C 692 -23.54 -1.05 -50.05
C ARG C 692 -23.47 0.48 -50.10
N VAL C 693 -22.27 1.00 -50.37
CA VAL C 693 -22.06 2.44 -50.50
C VAL C 693 -22.84 2.94 -51.74
N ARG C 694 -22.68 2.22 -52.86
CA ARG C 694 -23.32 2.57 -54.12
C ARG C 694 -24.85 2.58 -54.13
N LYS C 695 -25.46 1.69 -53.34
CA LYS C 695 -26.92 1.60 -53.31
C LYS C 695 -27.56 2.32 -52.12
N SER C 696 -26.75 2.87 -51.21
CA SER C 696 -27.24 3.54 -50.01
C SER C 696 -27.67 5.01 -50.13
N LYS C 697 -27.58 5.57 -51.33
CA LYS C 697 -27.96 6.97 -51.55
C LYS C 697 -27.14 7.89 -50.64
N GLY C 698 -25.89 7.52 -50.41
CA GLY C 698 -25.01 8.33 -49.58
C GLY C 698 -25.20 8.17 -48.09
N LYS C 699 -26.02 7.21 -47.68
CA LYS C 699 -26.28 6.98 -46.25
C LYS C 699 -25.34 5.96 -45.60
N TYR C 700 -24.36 5.47 -46.37
CA TYR C 700 -23.36 4.50 -45.88
C TYR C 700 -21.99 4.83 -46.47
N ALA C 701 -21.01 4.95 -45.59
CA ALA C 701 -19.64 5.21 -45.98
C ALA C 701 -18.91 3.92 -45.64
N TYR C 702 -17.83 3.62 -46.34
CA TYR C 702 -17.12 2.37 -46.10
C TYR C 702 -15.67 2.61 -45.80
N LEU C 703 -15.18 1.98 -44.73
CA LEU C 703 -13.78 2.09 -44.34
C LEU C 703 -13.01 0.91 -44.94
N LEU C 704 -12.02 1.23 -45.77
CA LEU C 704 -11.20 0.21 -46.43
C LEU C 704 -9.82 0.77 -46.77
N GLU C 705 -8.92 -0.12 -47.18
CA GLU C 705 -7.57 0.29 -47.52
C GLU C 705 -7.52 1.15 -48.78
N SER C 706 -6.70 2.20 -48.69
CA SER C 706 -6.51 3.18 -49.75
C SER C 706 -6.32 2.58 -51.14
N THR C 707 -5.63 1.43 -51.18
CA THR C 707 -5.37 0.69 -52.40
C THR C 707 -6.66 0.25 -53.09
N MET C 708 -7.54 -0.43 -52.37
CA MET C 708 -8.81 -0.87 -52.94
C MET C 708 -9.65 0.37 -53.28
N ASN C 709 -9.64 1.35 -52.36
CA ASN C 709 -10.40 2.58 -52.53
C ASN C 709 -10.08 3.35 -53.83
N GLU C 710 -8.80 3.62 -54.07
CA GLU C 710 -8.39 4.34 -55.27
C GLU C 710 -8.60 3.52 -56.56
N TYR C 711 -8.63 2.20 -56.44
CA TYR C 711 -8.88 1.36 -57.60
C TYR C 711 -10.34 1.50 -58.03
N ILE C 712 -11.23 1.37 -57.05
CA ILE C 712 -12.67 1.47 -57.26
C ILE C 712 -13.04 2.87 -57.74
N GLU C 713 -12.32 3.87 -57.25
CA GLU C 713 -12.55 5.26 -57.63
C GLU C 713 -12.38 5.47 -59.15
N GLN C 714 -11.53 4.64 -59.77
CA GLN C 714 -11.26 4.74 -61.20
C GLN C 714 -12.01 3.70 -62.03
N ARG C 715 -13.16 3.25 -61.53
CA ARG C 715 -13.95 2.27 -62.26
C ARG C 715 -15.43 2.63 -62.32
N LYS C 716 -16.05 2.35 -63.46
CA LYS C 716 -17.48 2.60 -63.65
C LYS C 716 -18.30 1.90 -62.60
N PRO C 717 -19.44 2.48 -62.21
CA PRO C 717 -20.01 3.75 -62.70
C PRO C 717 -19.39 5.08 -62.22
N CYS C 718 -18.14 5.05 -61.75
CA CYS C 718 -17.44 6.26 -61.30
C CYS C 718 -18.26 7.08 -60.30
N ASP C 719 -18.93 6.41 -59.38
CA ASP C 719 -19.79 7.08 -58.42
C ASP C 719 -19.30 7.09 -56.97
N THR C 720 -18.05 6.70 -56.75
CA THR C 720 -17.50 6.70 -55.41
C THR C 720 -16.19 7.46 -55.39
N MET C 721 -15.77 7.85 -54.20
CA MET C 721 -14.50 8.54 -54.07
C MET C 721 -13.91 8.42 -52.68
N LYS C 722 -12.59 8.52 -52.63
CA LYS C 722 -11.82 8.46 -51.40
C LYS C 722 -11.76 9.87 -50.83
N VAL C 723 -12.12 10.03 -49.56
CA VAL C 723 -12.07 11.35 -48.91
C VAL C 723 -11.16 11.37 -47.70
N GLY C 724 -10.46 12.48 -47.51
CA GLY C 724 -9.56 12.59 -46.38
C GLY C 724 -8.28 11.82 -46.60
N GLY C 725 -7.35 11.96 -45.67
CA GLY C 725 -6.09 11.26 -45.79
C GLY C 725 -6.18 9.88 -45.16
N ASN C 726 -5.15 9.08 -45.34
CA ASN C 726 -5.15 7.76 -44.73
C ASN C 726 -5.09 7.86 -43.20
N LEU C 727 -5.74 6.92 -42.53
CA LEU C 727 -5.78 6.89 -41.07
C LEU C 727 -4.52 6.31 -40.43
N ASP C 728 -3.77 5.54 -41.21
CA ASP C 728 -2.52 4.92 -40.78
C ASP C 728 -1.62 4.63 -41.99
N SER C 729 -0.42 4.09 -41.74
CA SER C 729 0.55 3.77 -42.80
C SER C 729 1.08 2.36 -42.54
N LYS C 730 0.79 1.45 -43.46
CA LYS C 730 1.24 0.08 -43.31
C LYS C 730 1.54 -0.52 -44.66
N GLY C 731 1.74 -1.84 -44.68
CA GLY C 731 2.06 -2.48 -45.93
C GLY C 731 1.54 -3.89 -46.06
N TYR C 732 1.53 -4.37 -47.28
CA TYR C 732 1.12 -5.74 -47.57
C TYR C 732 2.40 -6.56 -47.65
N GLY C 733 2.35 -7.80 -47.20
CA GLY C 733 3.52 -8.66 -47.30
C GLY C 733 3.14 -10.06 -47.78
N ILE C 734 4.10 -10.74 -48.42
CA ILE C 734 3.93 -12.12 -48.87
C ILE C 734 4.20 -12.91 -47.60
N ALA C 735 3.23 -13.76 -47.22
CA ALA C 735 3.33 -14.52 -45.98
C ALA C 735 3.63 -16.00 -46.17
N THR C 736 4.37 -16.55 -45.21
CA THR C 736 4.72 -17.96 -45.23
C THR C 736 4.60 -18.50 -43.82
N PRO C 737 4.40 -19.83 -43.68
CA PRO C 737 4.30 -20.39 -42.34
C PRO C 737 5.64 -20.24 -41.64
N LYS C 738 5.59 -20.12 -40.32
CA LYS C 738 6.78 -19.98 -39.50
C LYS C 738 7.75 -21.13 -39.81
N GLY C 739 9.00 -20.77 -40.06
CA GLY C 739 10.03 -21.77 -40.36
C GLY C 739 10.02 -22.28 -41.79
N SER C 740 9.28 -21.61 -42.66
CA SER C 740 9.21 -22.01 -44.06
C SER C 740 10.54 -21.87 -44.80
N SER C 741 10.85 -22.88 -45.62
CA SER C 741 12.08 -22.87 -46.40
C SER C 741 12.05 -21.75 -47.46
N LEU C 742 10.86 -21.24 -47.78
CA LEU C 742 10.68 -20.19 -48.79
C LEU C 742 10.84 -18.76 -48.26
N GLY C 743 10.61 -18.57 -46.95
CA GLY C 743 10.67 -17.25 -46.35
C GLY C 743 11.82 -16.34 -46.74
N ASN C 744 13.04 -16.82 -46.56
CA ASN C 744 14.20 -16.02 -46.89
C ASN C 744 14.26 -15.55 -48.34
N ALA C 745 14.06 -16.47 -49.27
CA ALA C 745 14.14 -16.16 -50.67
C ALA C 745 13.04 -15.23 -51.15
N VAL C 746 11.80 -15.44 -50.67
CA VAL C 746 10.68 -14.59 -51.10
C VAL C 746 10.88 -13.16 -50.62
N ASN C 747 11.47 -13.01 -49.44
CA ASN C 747 11.72 -11.69 -48.89
C ASN C 747 12.72 -10.93 -49.76
N LEU C 748 13.79 -11.61 -50.18
CA LEU C 748 14.80 -10.98 -51.01
C LEU C 748 14.26 -10.71 -52.41
N ALA C 749 13.34 -11.55 -52.86
CA ALA C 749 12.72 -11.40 -54.16
C ALA C 749 11.82 -10.16 -54.16
N VAL C 750 11.11 -9.92 -53.07
CA VAL C 750 10.26 -8.73 -52.97
C VAL C 750 11.14 -7.48 -53.04
N LEU C 751 12.28 -7.52 -52.35
CA LEU C 751 13.21 -6.38 -52.35
C LEU C 751 13.78 -6.12 -53.76
N LYS C 752 14.07 -7.19 -54.48
CA LYS C 752 14.60 -7.10 -55.85
C LYS C 752 13.58 -6.48 -56.80
N LEU C 753 12.34 -6.97 -56.73
CA LEU C 753 11.26 -6.47 -57.59
C LEU C 753 10.98 -4.99 -57.37
N ASN C 754 11.01 -4.56 -56.11
CA ASN C 754 10.76 -3.16 -55.81
C ASN C 754 11.84 -2.28 -56.41
N GLU C 755 13.08 -2.71 -56.24
CA GLU C 755 14.22 -1.96 -56.77
C GLU C 755 14.34 -1.95 -58.29
N GLN C 756 13.88 -3.02 -58.95
CA GLN C 756 13.91 -3.12 -60.42
C GLN C 756 12.85 -2.20 -60.99
N GLY C 757 11.92 -1.79 -60.15
CA GLY C 757 10.84 -0.91 -60.56
C GLY C 757 9.63 -1.71 -61.00
N LEU C 758 9.73 -3.04 -60.89
CA LEU C 758 8.64 -3.95 -61.28
C LEU C 758 7.34 -3.76 -60.50
N LEU C 759 7.46 -3.54 -59.19
CA LEU C 759 6.27 -3.34 -58.36
C LEU C 759 5.52 -2.09 -58.76
N ASP C 760 6.25 -1.02 -59.09
CA ASP C 760 5.59 0.22 -59.51
C ASP C 760 4.95 0.04 -60.87
N LYS C 761 5.59 -0.78 -61.70
CA LYS C 761 5.09 -1.07 -63.04
C LYS C 761 3.76 -1.80 -62.91
N LEU C 762 3.71 -2.87 -62.10
CA LEU C 762 2.47 -3.62 -61.92
C LEU C 762 1.38 -2.77 -61.32
N LYS C 763 1.75 -1.85 -60.42
CA LYS C 763 0.77 -0.97 -59.80
C LYS C 763 0.11 -0.06 -60.84
N ASN C 764 0.90 0.54 -61.73
CA ASN C 764 0.36 1.40 -62.77
C ASN C 764 -0.44 0.61 -63.75
N LYS C 765 -0.01 -0.61 -64.03
CA LYS C 765 -0.71 -1.49 -64.96
C LYS C 765 -2.12 -1.82 -64.51
N TRP C 766 -2.28 -2.20 -63.24
CA TRP C 766 -3.59 -2.58 -62.69
C TRP C 766 -4.47 -1.49 -62.09
N TRP C 767 -3.90 -0.32 -61.81
CA TRP C 767 -4.66 0.79 -61.27
C TRP C 767 -4.88 1.91 -62.30
N TYR C 768 -3.78 2.52 -62.76
CA TYR C 768 -3.84 3.62 -63.72
C TYR C 768 -4.26 3.26 -65.13
N ASP C 769 -3.45 2.44 -65.81
CA ASP C 769 -3.76 2.00 -67.17
C ASP C 769 -5.06 1.24 -67.01
N LYS C 770 -5.96 1.36 -67.98
CA LYS C 770 -7.24 0.67 -67.82
C LYS C 770 -8.15 1.34 -66.78
N GLY C 771 -7.76 2.50 -66.28
CA GLY C 771 -8.61 3.24 -65.35
C GLY C 771 -9.71 3.73 -66.27
N GLU C 772 -10.97 3.66 -65.85
CA GLU C 772 -12.07 4.07 -66.73
C GLU C 772 -12.93 5.29 -66.36
N CYS C 773 -12.33 6.27 -65.69
CA CYS C 773 -13.05 7.47 -65.28
C CYS C 773 -12.37 8.74 -65.76
N ASN D 4 -28.25 -53.59 35.98
CA ASN D 4 -27.99 -53.51 34.55
C ASN D 4 -26.61 -52.90 34.26
N SER D 5 -25.65 -53.76 33.97
CA SER D 5 -24.28 -53.31 33.69
C SER D 5 -23.92 -53.51 32.21
N ILE D 6 -23.82 -52.41 31.49
CA ILE D 6 -23.46 -52.45 30.07
C ILE D 6 -22.00 -52.09 29.85
N GLN D 7 -21.19 -53.09 29.52
CA GLN D 7 -19.76 -52.89 29.31
C GLN D 7 -19.48 -52.35 27.90
N ILE D 8 -18.72 -51.28 27.83
CA ILE D 8 -18.33 -50.69 26.55
C ILE D 8 -16.83 -50.43 26.48
N GLY D 9 -16.30 -50.31 25.28
CA GLY D 9 -14.88 -50.07 25.08
C GLY D 9 -14.58 -48.61 24.85
N GLY D 10 -13.38 -48.18 25.26
CA GLY D 10 -12.96 -46.81 25.09
C GLY D 10 -11.54 -46.70 24.57
N LEU D 11 -11.39 -46.34 23.31
CA LEU D 11 -10.08 -46.20 22.69
C LEU D 11 -9.67 -44.73 22.60
N PHE D 12 -8.92 -44.26 23.60
CA PHE D 12 -8.47 -42.88 23.63
C PHE D 12 -6.98 -42.76 23.32
N PRO D 13 -6.65 -42.01 22.27
CA PRO D 13 -5.26 -41.76 21.89
C PRO D 13 -4.52 -41.00 22.97
N ARG D 14 -3.29 -41.40 23.27
CA ARG D 14 -2.48 -40.74 24.28
C ARG D 14 -2.39 -39.24 24.01
N GLY D 15 -2.92 -38.43 24.93
CA GLY D 15 -2.91 -36.99 24.77
C GLY D 15 -4.30 -36.41 24.73
N ALA D 16 -5.30 -37.28 24.61
CA ALA D 16 -6.69 -36.85 24.58
C ALA D 16 -7.21 -36.59 25.99
N ASP D 17 -6.59 -35.62 26.67
CA ASP D 17 -6.95 -35.29 28.03
C ASP D 17 -8.36 -34.69 28.14
N GLN D 18 -8.57 -33.58 27.43
CA GLN D 18 -9.87 -32.91 27.47
C GLN D 18 -10.98 -33.80 26.92
N GLU D 19 -10.63 -34.61 25.92
CA GLU D 19 -11.59 -35.54 25.34
C GLU D 19 -12.06 -36.56 26.37
N TYR D 20 -11.12 -37.11 27.13
CA TYR D 20 -11.46 -38.08 28.17
C TYR D 20 -12.17 -37.40 29.33
N SER D 21 -11.73 -36.20 29.67
CA SER D 21 -12.38 -35.43 30.72
C SER D 21 -13.85 -35.20 30.39
N ALA D 22 -14.10 -34.86 29.12
CA ALA D 22 -15.46 -34.67 28.66
C ALA D 22 -16.20 -36.00 28.63
N PHE D 23 -15.45 -37.08 28.40
CA PHE D 23 -16.02 -38.41 28.39
C PHE D 23 -16.49 -38.80 29.79
N ARG D 24 -15.73 -38.38 30.80
CA ARG D 24 -16.06 -38.66 32.18
C ARG D 24 -17.29 -37.86 32.62
N VAL D 25 -17.29 -36.57 32.32
CA VAL D 25 -18.41 -35.70 32.66
C VAL D 25 -19.71 -36.22 32.08
N GLY D 26 -19.62 -36.78 30.87
CA GLY D 26 -20.78 -37.35 30.21
C GLY D 26 -21.31 -38.56 30.97
N MET D 27 -20.39 -39.37 31.47
CA MET D 27 -20.76 -40.57 32.24
C MET D 27 -21.55 -40.16 33.49
N VAL D 28 -21.22 -39.01 34.04
CA VAL D 28 -21.86 -38.51 35.25
C VAL D 28 -23.21 -37.86 34.96
N GLN D 29 -23.25 -37.04 33.91
CA GLN D 29 -24.46 -36.29 33.57
C GLN D 29 -25.55 -37.19 33.01
N PHE D 30 -25.16 -38.31 32.41
CA PHE D 30 -26.12 -39.22 31.81
C PHE D 30 -26.17 -40.57 32.51
N SER D 31 -25.90 -40.57 33.80
CA SER D 31 -25.96 -41.80 34.60
C SER D 31 -27.34 -41.96 35.22
N THR D 32 -27.94 -43.13 34.99
CA THR D 32 -29.28 -43.41 35.50
C THR D 32 -29.30 -44.69 36.32
N SER D 33 -30.39 -44.89 37.07
CA SER D 33 -30.54 -46.08 37.91
C SER D 33 -30.96 -47.29 37.09
N GLU D 34 -31.60 -47.02 35.94
CA GLU D 34 -32.06 -48.08 35.06
C GLU D 34 -30.90 -48.95 34.58
N PHE D 35 -29.77 -48.31 34.31
CA PHE D 35 -28.58 -49.03 33.86
C PHE D 35 -27.34 -48.15 33.94
N ARG D 36 -26.19 -48.78 34.15
CA ARG D 36 -24.93 -48.06 34.24
C ARG D 36 -23.94 -48.53 33.19
N LEU D 37 -23.19 -47.59 32.61
CA LEU D 37 -22.20 -47.93 31.58
C LEU D 37 -20.82 -48.15 32.20
N THR D 38 -20.18 -49.26 31.83
CA THR D 38 -18.88 -49.61 32.36
C THR D 38 -17.80 -49.47 31.29
N PRO D 39 -17.12 -48.30 31.25
CA PRO D 39 -16.08 -48.01 30.26
C PRO D 39 -14.77 -48.72 30.57
N HIS D 40 -14.25 -49.45 29.59
CA HIS D 40 -12.93 -50.07 29.71
C HIS D 40 -11.94 -49.30 28.84
N ILE D 41 -11.19 -48.40 29.47
CA ILE D 41 -10.32 -47.47 28.75
C ILE D 41 -9.00 -48.11 28.33
N ASP D 42 -8.62 -47.86 27.07
CA ASP D 42 -7.35 -48.34 26.54
C ASP D 42 -6.62 -47.21 25.82
N ASN D 43 -5.55 -46.72 26.44
CA ASN D 43 -4.76 -45.65 25.85
C ASN D 43 -3.64 -46.17 24.95
N LEU D 44 -3.88 -46.12 23.65
CA LEU D 44 -2.90 -46.59 22.67
C LEU D 44 -2.64 -45.54 21.59
N GLU D 45 -1.51 -45.69 20.90
CA GLU D 45 -1.18 -44.82 19.77
C GLU D 45 -2.15 -45.07 18.63
N VAL D 46 -3.13 -44.19 18.50
CA VAL D 46 -4.19 -44.35 17.51
C VAL D 46 -3.66 -44.55 16.09
N ALA D 47 -2.50 -43.97 15.82
CA ALA D 47 -1.90 -44.06 14.49
C ALA D 47 -1.49 -45.49 14.14
N ASN D 48 -0.89 -46.18 15.11
CA ASN D 48 -0.43 -47.54 14.90
C ASN D 48 -1.58 -48.50 14.63
N SER D 49 -1.64 -49.02 13.41
CA SER D 49 -2.72 -49.92 13.01
C SER D 49 -2.71 -51.22 13.81
N PHE D 50 -1.52 -51.75 14.05
CA PHE D 50 -1.38 -52.99 14.81
C PHE D 50 -1.96 -52.86 16.21
N ALA D 51 -1.53 -51.83 16.94
CA ALA D 51 -2.01 -51.59 18.28
C ALA D 51 -3.53 -51.47 18.33
N VAL D 52 -4.08 -50.74 17.36
CA VAL D 52 -5.53 -50.56 17.28
C VAL D 52 -6.24 -51.90 17.10
N THR D 53 -5.61 -52.80 16.38
CA THR D 53 -6.18 -54.13 16.16
C THR D 53 -6.26 -54.91 17.47
N ASN D 54 -5.21 -54.85 18.26
CA ASN D 54 -5.19 -55.51 19.57
C ASN D 54 -6.21 -54.91 20.53
N ALA D 55 -6.23 -53.58 20.61
CA ALA D 55 -7.16 -52.89 21.49
C ALA D 55 -8.61 -53.22 21.15
N PHE D 56 -8.86 -53.49 19.88
CA PHE D 56 -10.21 -53.84 19.42
C PHE D 56 -10.55 -55.28 19.79
N CYS D 57 -9.64 -56.20 19.50
CA CYS D 57 -9.86 -57.61 19.81
C CYS D 57 -9.86 -57.84 21.32
N SER D 58 -9.12 -57.01 22.04
CA SER D 58 -9.07 -57.10 23.50
C SER D 58 -10.42 -56.71 24.10
N GLN D 59 -10.95 -55.58 23.64
CA GLN D 59 -12.25 -55.11 24.09
C GLN D 59 -13.36 -56.02 23.60
N PHE D 60 -13.09 -56.76 22.54
CA PHE D 60 -14.07 -57.68 21.96
C PHE D 60 -14.12 -58.99 22.75
N SER D 61 -12.96 -59.45 23.22
CA SER D 61 -12.89 -60.66 24.03
C SER D 61 -13.48 -60.40 25.40
N ARG D 62 -13.34 -59.17 25.88
CA ARG D 62 -13.91 -58.78 27.16
C ARG D 62 -15.43 -58.71 27.05
N GLY D 63 -15.94 -58.89 25.83
CA GLY D 63 -17.37 -58.91 25.59
C GLY D 63 -18.05 -57.57 25.81
N VAL D 64 -17.79 -56.62 24.93
CA VAL D 64 -18.43 -55.32 25.00
C VAL D 64 -19.61 -55.25 24.04
N TYR D 65 -20.52 -54.31 24.29
CA TYR D 65 -21.71 -54.15 23.47
C TYR D 65 -21.49 -53.06 22.41
N ALA D 66 -20.57 -52.14 22.70
CA ALA D 66 -20.25 -51.06 21.79
C ALA D 66 -18.89 -50.47 22.11
N ILE D 67 -18.27 -49.83 21.13
CA ILE D 67 -16.94 -49.26 21.31
C ILE D 67 -16.90 -47.79 20.91
N PHE D 68 -16.39 -46.95 21.81
CA PHE D 68 -16.18 -45.54 21.50
C PHE D 68 -14.69 -45.22 21.49
N GLY D 69 -14.21 -44.65 20.40
CA GLY D 69 -12.81 -44.31 20.28
C GLY D 69 -12.51 -43.37 19.12
N PHE D 70 -11.25 -43.34 18.70
CA PHE D 70 -10.82 -42.49 17.61
C PHE D 70 -9.97 -43.30 16.63
N TYR D 71 -9.83 -42.78 15.41
CA TYR D 71 -8.95 -43.41 14.42
C TYR D 71 -8.22 -42.38 13.58
N ASP D 72 -7.11 -42.79 12.99
CA ASP D 72 -6.31 -41.91 12.15
C ASP D 72 -6.53 -42.27 10.68
N LYS D 73 -5.94 -41.48 9.78
CA LYS D 73 -6.06 -41.75 8.35
C LYS D 73 -5.46 -43.10 8.00
N LYS D 74 -4.72 -43.68 8.95
CA LYS D 74 -4.04 -44.95 8.71
C LYS D 74 -4.78 -46.12 9.33
N SER D 75 -5.33 -45.92 10.53
CA SER D 75 -5.98 -46.99 11.26
C SER D 75 -7.48 -47.05 11.01
N VAL D 76 -8.01 -46.04 10.33
CA VAL D 76 -9.45 -45.94 10.07
C VAL D 76 -9.99 -47.18 9.36
N ASN D 77 -9.22 -47.70 8.40
CA ASN D 77 -9.63 -48.87 7.64
C ASN D 77 -9.75 -50.12 8.50
N THR D 78 -8.88 -50.23 9.51
CA THR D 78 -8.91 -51.35 10.43
C THR D 78 -10.23 -51.38 11.20
N ILE D 79 -10.59 -50.24 11.77
CA ILE D 79 -11.83 -50.12 12.54
C ILE D 79 -13.06 -50.42 11.70
N THR D 80 -13.21 -49.67 10.61
CA THR D 80 -14.38 -49.82 9.73
C THR D 80 -14.54 -51.27 9.27
N SER D 81 -13.42 -51.95 9.08
CA SER D 81 -13.44 -53.33 8.58
C SER D 81 -13.88 -54.32 9.64
N PHE D 82 -13.18 -54.32 10.77
CA PHE D 82 -13.49 -55.23 11.87
C PHE D 82 -14.91 -55.03 12.40
N CYS D 83 -15.27 -53.76 12.65
CA CYS D 83 -16.59 -53.44 13.16
C CYS D 83 -17.69 -53.88 12.21
N GLY D 84 -17.37 -53.95 10.92
CA GLY D 84 -18.31 -54.37 9.91
C GLY D 84 -18.44 -55.89 9.85
N THR D 85 -17.32 -56.57 10.09
CA THR D 85 -17.29 -58.02 10.05
C THR D 85 -17.85 -58.63 11.33
N LEU D 86 -17.47 -58.06 12.47
CA LEU D 86 -17.91 -58.58 13.77
C LEU D 86 -19.20 -57.92 14.25
N HIS D 87 -19.80 -57.10 13.37
CA HIS D 87 -21.05 -56.44 13.68
C HIS D 87 -20.98 -55.64 14.98
N VAL D 88 -19.80 -55.13 15.29
CA VAL D 88 -19.60 -54.31 16.48
C VAL D 88 -19.79 -52.83 16.15
N SER D 89 -20.55 -52.13 16.98
CA SER D 89 -20.81 -50.72 16.77
C SER D 89 -19.65 -49.86 17.27
N PHE D 90 -19.25 -48.87 16.47
CA PHE D 90 -18.12 -48.01 16.82
C PHE D 90 -18.50 -46.54 16.72
N ILE D 91 -18.58 -45.88 17.87
CA ILE D 91 -18.89 -44.46 17.91
C ILE D 91 -17.60 -43.63 18.00
N THR D 92 -17.46 -42.65 17.14
CA THR D 92 -16.24 -41.86 17.08
C THR D 92 -16.49 -40.41 16.69
N PRO D 93 -15.81 -39.47 17.36
CA PRO D 93 -15.87 -38.04 17.05
C PRO D 93 -14.93 -37.68 15.90
N SER D 94 -14.06 -38.62 15.53
CA SER D 94 -13.08 -38.39 14.46
C SER D 94 -13.74 -38.04 13.13
N PHE D 95 -12.91 -37.73 12.14
CA PHE D 95 -13.40 -37.37 10.82
C PHE D 95 -14.29 -38.45 10.23
N PRO D 96 -15.34 -38.04 9.50
CA PRO D 96 -16.27 -38.96 8.85
C PRO D 96 -15.57 -39.88 7.85
N THR D 97 -16.02 -41.11 7.73
CA THR D 97 -15.44 -42.07 6.79
C THR D 97 -15.80 -41.70 5.36
N ASP D 98 -14.84 -41.87 4.45
CA ASP D 98 -15.06 -41.58 3.04
C ASP D 98 -15.82 -42.71 2.35
N GLY D 99 -17.11 -42.81 2.64
CA GLY D 99 -17.95 -43.85 2.06
C GLY D 99 -19.10 -44.23 2.96
N THR D 100 -19.60 -45.46 2.78
CA THR D 100 -20.72 -45.94 3.57
C THR D 100 -20.34 -47.21 4.35
N HIS D 101 -19.67 -47.01 5.48
CA HIS D 101 -19.25 -48.13 6.31
C HIS D 101 -20.21 -48.37 7.46
N PRO D 102 -20.90 -49.52 7.44
CA PRO D 102 -21.88 -49.90 8.46
C PRO D 102 -21.24 -50.10 9.83
N PHE D 103 -22.06 -50.08 10.87
CA PHE D 103 -21.60 -50.28 12.24
C PHE D 103 -20.59 -49.22 12.68
N VAL D 104 -20.76 -48.01 12.19
CA VAL D 104 -19.92 -46.89 12.57
C VAL D 104 -20.74 -45.63 12.77
N ILE D 105 -20.69 -45.07 13.98
CA ILE D 105 -21.41 -43.85 14.30
C ILE D 105 -20.45 -42.67 14.39
N GLN D 106 -20.65 -41.68 13.53
CA GLN D 106 -19.73 -40.55 13.43
C GLN D 106 -20.33 -39.27 14.02
N MET D 107 -19.67 -38.73 15.04
CA MET D 107 -20.16 -37.55 15.73
C MET D 107 -19.88 -36.26 14.96
N ARG D 108 -18.81 -36.28 14.15
CA ARG D 108 -18.41 -35.11 13.40
C ARG D 108 -19.19 -34.99 12.09
N PRO D 109 -19.91 -33.87 11.93
CA PRO D 109 -20.66 -33.58 10.69
C PRO D 109 -19.71 -33.27 9.54
N ASP D 110 -20.18 -33.46 8.31
CA ASP D 110 -19.35 -33.22 7.13
C ASP D 110 -19.21 -31.72 6.87
N LEU D 111 -17.98 -31.23 6.91
CA LEU D 111 -17.70 -29.81 6.70
C LEU D 111 -17.57 -29.47 5.22
N LYS D 112 -17.30 -30.51 4.41
CA LYS D 112 -17.11 -30.34 2.98
C LYS D 112 -18.16 -29.41 2.36
N GLY D 113 -19.41 -29.60 2.73
CA GLY D 113 -20.49 -28.80 2.20
C GLY D 113 -20.42 -27.34 2.64
N ALA D 114 -20.25 -27.14 3.94
CA ALA D 114 -20.21 -25.79 4.51
C ALA D 114 -19.06 -24.97 3.95
N LEU D 115 -17.94 -25.64 3.65
CA LEU D 115 -16.78 -24.96 3.11
C LEU D 115 -17.04 -24.43 1.71
N LEU D 116 -17.49 -25.31 0.82
CA LEU D 116 -17.77 -24.95 -0.56
C LEU D 116 -18.77 -23.81 -0.65
N SER D 117 -19.75 -23.81 0.25
CA SER D 117 -20.76 -22.75 0.27
C SER D 117 -20.16 -21.41 0.66
N LEU D 118 -19.23 -21.44 1.61
CA LEU D 118 -18.60 -20.22 2.09
C LEU D 118 -17.73 -19.59 1.00
N ILE D 119 -17.06 -20.43 0.22
CA ILE D 119 -16.22 -19.95 -0.87
C ILE D 119 -17.02 -19.14 -1.88
N GLU D 120 -18.19 -19.66 -2.25
CA GLU D 120 -19.06 -18.97 -3.19
C GLU D 120 -19.62 -17.67 -2.59
N TYR D 121 -19.85 -17.67 -1.29
CA TYR D 121 -20.37 -16.49 -0.61
C TYR D 121 -19.41 -15.31 -0.76
N TYR D 122 -18.13 -15.55 -0.50
CA TYR D 122 -17.11 -14.53 -0.66
C TYR D 122 -16.75 -14.35 -2.13
N GLN D 123 -17.32 -15.18 -2.97
CA GLN D 123 -17.09 -15.12 -4.42
C GLN D 123 -15.61 -15.23 -4.75
N TRP D 124 -15.01 -16.35 -4.35
CA TRP D 124 -13.60 -16.61 -4.61
C TRP D 124 -13.43 -17.36 -5.92
N ASP D 125 -12.45 -16.95 -6.72
CA ASP D 125 -12.15 -17.61 -7.98
C ASP D 125 -10.72 -18.11 -8.02
N LYS D 126 -9.86 -17.50 -7.22
CA LYS D 126 -8.47 -17.91 -7.12
C LYS D 126 -8.00 -17.84 -5.67
N PHE D 127 -7.68 -19.00 -5.10
CA PHE D 127 -7.27 -19.07 -3.70
C PHE D 127 -6.26 -20.19 -3.45
N ALA D 128 -5.50 -20.06 -2.36
CA ALA D 128 -4.55 -21.09 -1.97
C ALA D 128 -5.18 -22.03 -0.96
N TYR D 129 -4.93 -23.32 -1.10
CA TYR D 129 -5.53 -24.32 -0.22
C TYR D 129 -4.46 -25.14 0.50
N LEU D 130 -4.06 -24.68 1.68
CA LEU D 130 -3.09 -25.40 2.48
C LEU D 130 -3.78 -26.49 3.28
N TYR D 131 -3.46 -27.75 2.98
CA TYR D 131 -4.15 -28.88 3.59
C TYR D 131 -3.22 -29.77 4.41
N ASP D 132 -3.82 -30.58 5.27
CA ASP D 132 -3.09 -31.56 6.07
C ASP D 132 -3.67 -32.94 5.84
N SER D 133 -2.83 -33.89 5.48
CA SER D 133 -3.28 -35.23 5.11
C SER D 133 -3.71 -36.08 6.31
N ASP D 134 -3.85 -35.43 7.47
CA ASP D 134 -4.20 -36.15 8.69
C ASP D 134 -5.65 -36.62 8.70
N ARG D 135 -6.56 -35.78 8.21
CA ARG D 135 -7.98 -36.11 8.21
C ARG D 135 -8.46 -36.55 6.83
N GLY D 136 -7.53 -37.06 6.03
CA GLY D 136 -7.87 -37.53 4.69
C GLY D 136 -8.06 -36.40 3.70
N LEU D 137 -7.75 -36.67 2.43
CA LEU D 137 -7.89 -35.67 1.38
C LEU D 137 -9.33 -35.61 0.86
N SER D 138 -10.27 -35.93 1.74
CA SER D 138 -11.70 -35.92 1.37
C SER D 138 -12.16 -34.52 1.00
N THR D 139 -11.72 -33.53 1.76
CA THR D 139 -12.09 -32.14 1.51
C THR D 139 -11.25 -31.54 0.38
N LEU D 140 -10.04 -32.05 0.23
CA LEU D 140 -9.16 -31.60 -0.85
C LEU D 140 -9.76 -31.97 -2.21
N GLN D 141 -10.21 -33.22 -2.34
CA GLN D 141 -10.87 -33.66 -3.55
C GLN D 141 -12.13 -32.85 -3.80
N ALA D 142 -12.80 -32.46 -2.71
CA ALA D 142 -14.03 -31.68 -2.82
C ALA D 142 -13.79 -30.36 -3.53
N VAL D 143 -12.80 -29.60 -3.07
CA VAL D 143 -12.50 -28.30 -3.65
C VAL D 143 -11.89 -28.41 -5.03
N LEU D 144 -11.14 -29.49 -5.27
CA LEU D 144 -10.51 -29.70 -6.57
C LEU D 144 -11.55 -30.06 -7.63
N ASP D 145 -12.49 -30.93 -7.27
CA ASP D 145 -13.55 -31.33 -8.18
C ASP D 145 -14.47 -30.16 -8.49
N SER D 146 -14.75 -29.35 -7.46
CA SER D 146 -15.60 -28.18 -7.62
C SER D 146 -14.87 -27.08 -8.39
N ALA D 147 -13.54 -27.13 -8.35
CA ALA D 147 -12.72 -26.16 -9.07
C ALA D 147 -12.87 -26.34 -10.58
N ALA D 148 -13.25 -27.54 -10.98
CA ALA D 148 -13.47 -27.83 -12.39
C ALA D 148 -14.80 -27.25 -12.85
N GLU D 149 -15.84 -27.44 -12.04
CA GLU D 149 -17.18 -26.95 -12.36
C GLU D 149 -17.28 -25.45 -12.19
N LYS D 150 -17.01 -24.98 -10.97
CA LYS D 150 -17.11 -23.56 -10.66
C LYS D 150 -15.96 -22.76 -11.27
N LYS D 151 -15.03 -23.47 -11.90
CA LYS D 151 -13.88 -22.83 -12.55
C LYS D 151 -13.05 -22.00 -11.57
N TRP D 152 -12.33 -22.69 -10.69
CA TRP D 152 -11.44 -22.01 -9.76
C TRP D 152 -9.98 -22.32 -10.06
N GLN D 153 -9.09 -21.41 -9.68
CA GLN D 153 -7.66 -21.64 -9.80
C GLN D 153 -7.07 -21.93 -8.42
N VAL D 154 -7.23 -23.16 -7.96
CA VAL D 154 -6.79 -23.55 -6.63
C VAL D 154 -5.32 -23.92 -6.59
N THR D 155 -4.61 -23.41 -5.59
CA THR D 155 -3.20 -23.75 -5.39
C THR D 155 -3.05 -24.64 -4.17
N ALA D 156 -3.26 -25.93 -4.34
CA ALA D 156 -3.20 -26.88 -3.24
C ALA D 156 -1.75 -27.17 -2.82
N ILE D 157 -1.48 -27.07 -1.53
CA ILE D 157 -0.14 -27.33 -1.01
C ILE D 157 -0.19 -28.14 0.28
N ASN D 158 0.42 -29.32 0.27
CA ASN D 158 0.46 -30.18 1.44
C ASN D 158 1.39 -29.61 2.51
N VAL D 159 0.79 -28.94 3.50
CA VAL D 159 1.55 -28.32 4.57
C VAL D 159 1.73 -29.31 5.73
N GLY D 160 1.53 -30.59 5.44
CA GLY D 160 1.59 -31.63 6.46
C GLY D 160 2.96 -32.25 6.64
N ASN D 161 3.56 -32.70 5.53
CA ASN D 161 4.84 -33.40 5.59
C ASN D 161 6.02 -32.51 5.96
N ILE D 162 5.73 -31.33 6.50
CA ILE D 162 6.78 -30.41 6.89
C ILE D 162 7.45 -30.85 8.20
N ASN D 163 8.72 -31.26 8.09
CA ASN D 163 9.49 -31.66 9.28
C ASN D 163 9.65 -30.51 10.27
N ASN D 164 9.20 -30.73 11.50
CA ASN D 164 9.10 -29.65 12.49
C ASN D 164 10.41 -29.18 13.17
N ASP D 165 11.49 -29.94 12.99
CA ASP D 165 12.81 -29.64 13.60
C ASP D 165 13.70 -28.78 12.68
N LYS D 166 13.07 -27.88 11.93
CA LYS D 166 13.75 -27.05 10.93
C LYS D 166 12.68 -26.47 9.99
N LYS D 167 11.45 -26.39 10.48
CA LYS D 167 10.35 -25.92 9.63
C LYS D 167 10.25 -24.40 9.57
N ASP D 168 11.13 -23.77 8.82
CA ASP D 168 11.16 -22.32 8.72
C ASP D 168 11.57 -21.91 7.30
N GLU D 169 12.62 -22.55 6.80
CA GLU D 169 13.05 -22.36 5.42
C GLU D 169 12.03 -22.98 4.48
N THR D 170 11.07 -23.69 5.06
CA THR D 170 10.00 -24.32 4.30
C THR D 170 8.81 -23.37 4.17
N TYR D 171 8.50 -22.68 5.24
CA TYR D 171 7.41 -21.69 5.23
C TYR D 171 7.79 -20.47 4.40
N ARG D 172 9.05 -20.07 4.47
CA ARG D 172 9.55 -18.96 3.67
C ARG D 172 9.48 -19.31 2.19
N SER D 173 9.73 -20.58 1.88
CA SER D 173 9.66 -21.06 0.50
C SER D 173 8.22 -21.42 0.14
N LEU D 174 7.35 -21.43 1.14
CA LEU D 174 5.93 -21.71 0.94
C LEU D 174 5.20 -20.47 0.47
N PHE D 175 5.40 -19.36 1.17
CA PHE D 175 4.77 -18.10 0.82
C PHE D 175 5.53 -17.40 -0.31
N GLN D 176 6.61 -18.03 -0.76
CA GLN D 176 7.35 -17.55 -1.92
C GLN D 176 6.63 -17.98 -3.18
N ASP D 177 6.02 -19.16 -3.14
CA ASP D 177 5.21 -19.65 -4.24
C ASP D 177 3.82 -19.02 -4.22
N LEU D 178 3.39 -18.63 -3.02
CA LEU D 178 2.10 -17.98 -2.84
C LEU D 178 2.22 -16.48 -3.13
N GLU D 179 3.35 -16.09 -3.72
CA GLU D 179 3.58 -14.70 -4.08
C GLU D 179 3.78 -14.56 -5.59
N LEU D 180 4.06 -15.68 -6.26
CA LEU D 180 4.19 -15.69 -7.70
C LEU D 180 2.87 -15.27 -8.34
N LYS D 181 1.77 -15.71 -7.73
CA LYS D 181 0.44 -15.35 -8.19
C LYS D 181 -0.21 -14.35 -7.23
N LYS D 182 0.60 -13.82 -6.32
CA LYS D 182 0.14 -12.84 -5.34
C LYS D 182 -1.11 -13.32 -4.62
N GLU D 183 -1.07 -14.56 -4.13
CA GLU D 183 -2.19 -15.13 -3.40
C GLU D 183 -2.49 -14.35 -2.12
N ARG D 184 -3.71 -13.86 -2.00
CA ARG D 184 -4.12 -13.09 -0.83
C ARG D 184 -5.24 -13.80 -0.07
N ARG D 185 -5.73 -14.90 -0.65
CA ARG D 185 -6.83 -15.65 -0.06
C ARG D 185 -6.42 -17.10 0.20
N VAL D 186 -6.25 -17.44 1.48
CA VAL D 186 -5.77 -18.77 1.86
C VAL D 186 -6.81 -19.54 2.67
N ILE D 187 -6.90 -20.84 2.42
CA ILE D 187 -7.78 -21.72 3.19
C ILE D 187 -6.95 -22.71 3.98
N LEU D 188 -7.02 -22.61 5.31
CA LEU D 188 -6.25 -23.50 6.18
C LEU D 188 -7.07 -24.71 6.61
N ASP D 189 -6.81 -25.85 5.97
CA ASP D 189 -7.47 -27.10 6.33
C ASP D 189 -6.55 -27.94 7.19
N CYS D 190 -6.47 -27.61 8.49
CA CYS D 190 -5.56 -28.29 9.39
C CYS D 190 -6.19 -28.51 10.76
N GLU D 191 -5.45 -29.17 11.64
CA GLU D 191 -5.90 -29.39 13.01
C GLU D 191 -5.69 -28.11 13.83
N ARG D 192 -6.25 -28.08 15.03
CA ARG D 192 -6.15 -26.92 15.89
C ARG D 192 -4.69 -26.53 16.18
N ASP D 193 -3.80 -27.49 16.03
CA ASP D 193 -2.38 -27.26 16.31
C ASP D 193 -1.64 -26.72 15.09
N LYS D 194 -1.74 -27.42 13.97
CA LYS D 194 -1.08 -27.00 12.73
C LYS D 194 -1.55 -25.63 12.29
N VAL D 195 -2.72 -25.22 12.76
CA VAL D 195 -3.27 -23.91 12.43
C VAL D 195 -2.54 -22.81 13.17
N ASN D 196 -2.33 -22.99 14.47
CA ASN D 196 -1.60 -22.02 15.27
C ASN D 196 -0.18 -21.81 14.76
N ASP D 197 0.44 -22.89 14.31
CA ASP D 197 1.79 -22.82 13.75
C ASP D 197 1.81 -21.92 12.51
N ILE D 198 0.84 -22.13 11.63
CA ILE D 198 0.71 -21.33 10.42
C ILE D 198 0.38 -19.88 10.76
N VAL D 199 -0.60 -19.69 11.63
CA VAL D 199 -1.01 -18.35 12.06
C VAL D 199 0.17 -17.57 12.63
N ASP D 200 1.00 -18.24 13.42
CA ASP D 200 2.18 -17.61 13.99
C ASP D 200 3.17 -17.19 12.91
N GLN D 201 3.40 -18.08 11.95
CA GLN D 201 4.28 -17.77 10.82
C GLN D 201 3.73 -16.61 10.00
N VAL D 202 2.42 -16.62 9.79
CA VAL D 202 1.76 -15.58 9.03
C VAL D 202 2.00 -14.19 9.64
N ILE D 203 1.92 -14.12 10.96
CA ILE D 203 2.14 -12.85 11.65
C ILE D 203 3.60 -12.42 11.56
N THR D 204 4.51 -13.40 11.64
CA THR D 204 5.93 -13.11 11.57
C THR D 204 6.31 -12.47 10.24
N ILE D 205 5.87 -13.06 9.14
CA ILE D 205 6.15 -12.54 7.82
C ILE D 205 5.26 -11.34 7.50
N GLY D 206 4.28 -11.08 8.35
CA GLY D 206 3.44 -9.92 8.22
C GLY D 206 2.32 -10.05 7.21
N LYS D 207 1.98 -11.29 6.85
CA LYS D 207 0.90 -11.53 5.91
C LYS D 207 -0.44 -11.67 6.61
N HIS D 208 -0.62 -10.89 7.68
CA HIS D 208 -1.86 -10.91 8.44
C HIS D 208 -2.50 -9.53 8.46
N VAL D 209 -2.02 -8.65 7.59
CA VAL D 209 -2.53 -7.29 7.49
C VAL D 209 -3.69 -7.22 6.51
N LYS D 210 -4.31 -6.04 6.42
CA LYS D 210 -5.43 -5.84 5.51
C LYS D 210 -5.06 -6.22 4.08
N GLY D 211 -5.93 -7.01 3.45
CA GLY D 211 -5.68 -7.47 2.09
C GLY D 211 -5.70 -8.98 2.01
N TYR D 212 -5.37 -9.64 3.11
CA TYR D 212 -5.38 -11.09 3.17
C TYR D 212 -6.67 -11.62 3.77
N HIS D 213 -7.08 -12.80 3.34
CA HIS D 213 -8.31 -13.41 3.84
C HIS D 213 -8.08 -14.90 4.11
N TYR D 214 -8.18 -15.29 5.37
CA TYR D 214 -7.96 -16.69 5.74
C TYR D 214 -9.26 -17.38 6.14
N ILE D 215 -9.35 -18.67 5.83
CA ILE D 215 -10.50 -19.48 6.20
C ILE D 215 -10.05 -20.75 6.91
N ILE D 216 -10.36 -20.83 8.20
CA ILE D 216 -10.00 -22.00 8.99
C ILE D 216 -10.99 -23.13 8.74
N ALA D 217 -10.55 -24.13 7.98
CA ALA D 217 -11.42 -25.24 7.58
C ALA D 217 -11.54 -26.32 8.65
N ASN D 218 -12.14 -25.95 9.78
CA ASN D 218 -12.42 -26.92 10.84
C ASN D 218 -13.65 -26.51 11.64
N LEU D 219 -14.17 -27.42 12.45
CA LEU D 219 -15.37 -27.17 13.22
C LEU D 219 -15.07 -26.46 14.54
N GLY D 220 -13.81 -26.09 14.73
CA GLY D 220 -13.40 -25.40 15.94
C GLY D 220 -12.72 -24.08 15.65
N PHE D 221 -13.51 -23.08 15.25
CA PHE D 221 -12.98 -21.76 14.91
C PHE D 221 -12.51 -21.01 16.16
N THR D 222 -13.27 -21.13 17.24
CA THR D 222 -12.93 -20.44 18.48
C THR D 222 -12.08 -21.30 19.39
N ASP D 223 -11.74 -22.49 18.91
CA ASP D 223 -10.93 -23.43 19.68
C ASP D 223 -9.47 -23.00 19.74
N GLY D 224 -9.03 -22.27 18.72
CA GLY D 224 -7.65 -21.80 18.66
C GLY D 224 -7.52 -20.36 19.10
N ASP D 225 -6.28 -19.92 19.28
CA ASP D 225 -6.00 -18.54 19.67
C ASP D 225 -6.12 -17.61 18.47
N LEU D 226 -7.03 -16.66 18.56
CA LEU D 226 -7.26 -15.72 17.46
C LEU D 226 -6.84 -14.29 17.84
N LEU D 227 -6.59 -14.08 19.13
CA LEU D 227 -6.19 -12.76 19.62
C LEU D 227 -4.95 -12.22 18.89
N LYS D 228 -4.19 -13.12 18.28
CA LYS D 228 -2.96 -12.73 17.60
C LYS D 228 -3.21 -12.14 16.21
N ILE D 229 -4.00 -12.84 15.40
CA ILE D 229 -4.35 -12.35 14.06
C ILE D 229 -5.69 -11.64 14.08
N GLN D 230 -6.06 -11.10 15.24
CA GLN D 230 -7.35 -10.42 15.40
C GLN D 230 -7.24 -8.94 15.06
N PHE D 231 -6.12 -8.33 15.43
CA PHE D 231 -5.92 -6.90 15.21
C PHE D 231 -4.98 -6.64 14.03
N GLY D 232 -4.56 -7.71 13.36
CA GLY D 232 -3.67 -7.60 12.23
C GLY D 232 -4.27 -6.81 11.07
N GLY D 233 -5.54 -7.08 10.78
CA GLY D 233 -6.23 -6.40 9.69
C GLY D 233 -6.82 -7.37 8.69
N ALA D 234 -6.13 -8.48 8.48
CA ALA D 234 -6.59 -9.51 7.56
C ALA D 234 -7.87 -10.17 8.07
N GLU D 235 -8.85 -10.32 7.20
CA GLU D 235 -10.11 -10.95 7.57
C GLU D 235 -9.96 -12.44 7.75
N VAL D 236 -10.48 -12.97 8.87
CA VAL D 236 -10.41 -14.39 9.15
C VAL D 236 -11.79 -14.98 9.36
N SER D 237 -12.11 -16.04 8.62
CA SER D 237 -13.40 -16.71 8.75
C SER D 237 -13.19 -18.17 9.12
N GLY D 238 -14.25 -18.82 9.57
CA GLY D 238 -14.17 -20.21 9.96
C GLY D 238 -15.53 -20.82 10.27
N PHE D 239 -15.51 -21.96 10.97
CA PHE D 239 -16.74 -22.67 11.30
C PHE D 239 -16.78 -23.06 12.77
N GLN D 240 -17.96 -22.93 13.37
CA GLN D 240 -18.14 -23.29 14.78
C GLN D 240 -19.32 -24.24 14.94
N ILE D 241 -19.07 -25.38 15.57
CA ILE D 241 -20.11 -26.39 15.76
C ILE D 241 -20.69 -26.31 17.17
N VAL D 242 -19.90 -25.81 18.11
CA VAL D 242 -20.35 -25.65 19.48
C VAL D 242 -20.84 -24.22 19.72
N ASP D 243 -22.15 -24.02 19.59
CA ASP D 243 -22.73 -22.71 19.78
C ASP D 243 -22.81 -22.36 21.26
N TYR D 244 -21.98 -21.43 21.70
CA TYR D 244 -21.94 -21.03 23.10
C TYR D 244 -23.09 -20.09 23.44
N ASP D 245 -23.98 -19.88 22.48
CA ASP D 245 -25.15 -19.03 22.69
C ASP D 245 -26.38 -19.84 23.09
N ASP D 246 -26.29 -21.16 22.92
CA ASP D 246 -27.35 -22.06 23.34
C ASP D 246 -27.36 -22.17 24.86
N SER D 247 -28.55 -22.03 25.45
CA SER D 247 -28.70 -22.15 26.89
C SER D 247 -28.23 -23.53 27.36
N LEU D 248 -28.31 -24.51 26.45
CA LEU D 248 -27.86 -25.86 26.74
C LEU D 248 -26.36 -25.89 26.92
N VAL D 249 -25.63 -25.33 25.96
CA VAL D 249 -24.19 -25.27 26.01
C VAL D 249 -23.72 -24.30 27.11
N SER D 250 -24.42 -23.18 27.23
CA SER D 250 -24.10 -22.18 28.24
C SER D 250 -24.14 -22.77 29.64
N LYS D 251 -25.10 -23.66 29.88
CA LYS D 251 -25.23 -24.32 31.17
C LYS D 251 -24.10 -25.32 31.39
N PHE D 252 -23.69 -25.98 30.30
CA PHE D 252 -22.59 -26.95 30.38
C PHE D 252 -21.30 -26.27 30.81
N ILE D 253 -21.01 -25.13 30.19
CA ILE D 253 -19.80 -24.38 30.51
C ILE D 253 -19.80 -23.89 31.95
N GLU D 254 -20.98 -23.51 32.44
CA GLU D 254 -21.11 -23.04 33.82
C GLU D 254 -20.55 -24.05 34.81
N ARG D 255 -20.69 -25.33 34.50
CA ARG D 255 -20.21 -26.39 35.37
C ARG D 255 -18.83 -26.88 34.93
N TRP D 256 -18.56 -26.79 33.63
CA TRP D 256 -17.29 -27.22 33.06
C TRP D 256 -16.16 -26.31 33.49
N SER D 257 -16.38 -25.00 33.36
CA SER D 257 -15.35 -24.00 33.68
C SER D 257 -14.95 -24.02 35.15
N THR D 258 -15.78 -24.63 36.00
CA THR D 258 -15.53 -24.64 37.43
C THR D 258 -14.84 -25.92 37.89
N LEU D 259 -14.98 -26.99 37.11
CA LEU D 259 -14.40 -28.28 37.45
C LEU D 259 -12.91 -28.16 37.78
N GLU D 260 -12.45 -28.99 38.71
CA GLU D 260 -11.06 -28.99 39.12
C GLU D 260 -10.16 -29.48 37.99
N GLU D 261 -9.18 -28.67 37.62
CA GLU D 261 -8.28 -29.01 36.52
C GLU D 261 -7.34 -30.15 36.89
N LYS D 262 -7.25 -30.44 38.18
CA LYS D 262 -6.40 -31.53 38.66
C LYS D 262 -6.99 -32.88 38.28
N GLU D 263 -8.25 -33.10 38.64
CA GLU D 263 -8.93 -34.36 38.33
C GLU D 263 -9.37 -34.38 36.87
N TYR D 264 -9.79 -33.23 36.36
CA TYR D 264 -10.22 -33.11 34.98
C TYR D 264 -9.26 -32.24 34.18
N PRO D 265 -8.23 -32.85 33.58
CA PRO D 265 -7.19 -32.17 32.81
C PRO D 265 -7.77 -31.29 31.70
N GLY D 266 -7.25 -30.07 31.58
CA GLY D 266 -7.70 -29.15 30.55
C GLY D 266 -9.21 -28.98 30.50
N ALA D 267 -9.82 -28.78 31.67
CA ALA D 267 -11.26 -28.65 31.75
C ALA D 267 -11.68 -27.40 32.52
N HIS D 268 -10.71 -26.59 32.90
CA HIS D 268 -10.99 -25.37 33.65
C HIS D 268 -10.98 -24.14 32.75
N THR D 269 -11.73 -24.21 31.65
CA THR D 269 -11.82 -23.10 30.71
C THR D 269 -13.27 -22.80 30.35
N ALA D 270 -13.50 -21.66 29.71
CA ALA D 270 -14.84 -21.24 29.32
C ALA D 270 -15.22 -21.81 27.95
N THR D 271 -14.25 -22.42 27.28
CA THR D 271 -14.49 -23.00 25.97
C THR D 271 -14.14 -24.49 25.96
N ILE D 272 -14.42 -25.14 24.84
CA ILE D 272 -14.15 -26.57 24.71
C ILE D 272 -13.93 -26.96 23.25
N LYS D 273 -12.90 -27.77 23.00
CA LYS D 273 -12.60 -28.24 21.66
C LYS D 273 -13.77 -29.04 21.11
N TYR D 274 -14.05 -28.88 19.82
CA TYR D 274 -15.19 -29.56 19.20
C TYR D 274 -15.07 -31.08 19.29
N THR D 275 -13.84 -31.57 19.31
CA THR D 275 -13.58 -32.99 19.46
C THR D 275 -14.05 -33.48 20.83
N SER D 276 -13.79 -32.66 21.85
CA SER D 276 -14.19 -32.99 23.21
C SER D 276 -15.71 -32.89 23.36
N ALA D 277 -16.28 -31.86 22.76
CA ALA D 277 -17.73 -31.63 22.83
C ALA D 277 -18.49 -32.78 22.18
N LEU D 278 -17.93 -33.34 21.12
CA LEU D 278 -18.54 -34.48 20.45
C LEU D 278 -18.45 -35.73 21.31
N THR D 279 -17.37 -35.85 22.07
CA THR D 279 -17.18 -36.98 22.98
C THR D 279 -18.29 -36.98 24.03
N TYR D 280 -18.57 -35.80 24.58
CA TYR D 280 -19.63 -35.66 25.57
C TYR D 280 -20.98 -36.01 24.96
N ASP D 281 -21.21 -35.55 23.73
CA ASP D 281 -22.47 -35.84 23.03
C ASP D 281 -22.54 -37.32 22.65
N ALA D 282 -21.39 -37.96 22.53
CA ALA D 282 -21.33 -39.37 22.19
C ALA D 282 -21.90 -40.22 23.32
N VAL D 283 -21.55 -39.86 24.56
CA VAL D 283 -22.05 -40.56 25.73
C VAL D 283 -23.57 -40.50 25.78
N GLN D 284 -24.12 -39.33 25.48
CA GLN D 284 -25.57 -39.13 25.49
C GLN D 284 -26.25 -40.01 24.45
N VAL D 285 -25.61 -40.16 23.28
CA VAL D 285 -26.16 -40.98 22.22
C VAL D 285 -26.17 -42.45 22.60
N MET D 286 -25.11 -42.91 23.25
CA MET D 286 -24.99 -44.29 23.67
C MET D 286 -25.98 -44.61 24.79
N THR D 287 -26.26 -43.62 25.62
CA THR D 287 -27.21 -43.78 26.71
C THR D 287 -28.63 -43.92 26.17
N GLU D 288 -29.03 -42.98 25.32
CA GLU D 288 -30.37 -42.98 24.73
C GLU D 288 -30.58 -44.23 23.88
N ALA D 289 -29.50 -44.77 23.33
CA ALA D 289 -29.57 -45.95 22.48
C ALA D 289 -29.85 -47.21 23.31
N PHE D 290 -29.08 -47.38 24.37
CA PHE D 290 -29.24 -48.55 25.24
C PHE D 290 -30.55 -48.44 26.03
N ARG D 291 -31.08 -47.22 26.13
CA ARG D 291 -32.34 -46.99 26.83
C ARG D 291 -33.53 -47.34 25.95
N ASN D 292 -33.41 -47.06 24.66
CA ASN D 292 -34.46 -47.37 23.71
C ASN D 292 -34.55 -48.88 23.44
N LEU D 293 -33.55 -49.62 23.90
CA LEU D 293 -33.55 -51.07 23.78
C LEU D 293 -34.24 -51.74 24.96
N ARG D 294 -34.15 -51.10 26.11
CA ARG D 294 -34.81 -51.59 27.32
C ARG D 294 -36.30 -51.37 27.23
N LYS D 295 -36.69 -50.19 26.76
CA LYS D 295 -38.10 -49.82 26.63
C LYS D 295 -38.75 -50.54 25.44
N GLN D 296 -37.92 -51.09 24.56
CA GLN D 296 -38.41 -51.80 23.39
C GLN D 296 -38.48 -53.30 23.64
N ARG D 297 -38.14 -53.71 24.85
CA ARG D 297 -38.17 -55.11 25.24
C ARG D 297 -37.30 -55.97 24.33
N ILE D 298 -36.05 -55.54 24.14
CA ILE D 298 -35.11 -56.27 23.28
C ILE D 298 -33.94 -56.82 24.08
N GLU D 299 -33.86 -58.14 24.18
CA GLU D 299 -32.77 -58.79 24.89
C GLU D 299 -31.53 -58.91 24.00
N ILE D 300 -30.40 -58.42 24.49
CA ILE D 300 -29.16 -58.44 23.74
C ILE D 300 -27.98 -58.86 24.60
N SER D 301 -28.24 -59.01 25.90
CA SER D 301 -27.19 -59.25 26.88
C SER D 301 -26.39 -60.52 26.61
N ARG D 302 -25.12 -60.51 27.01
CA ARG D 302 -24.24 -61.66 26.85
C ARG D 302 -23.19 -61.67 27.95
N ARG D 303 -22.10 -62.41 27.72
CA ARG D 303 -21.02 -62.50 28.70
C ARG D 303 -19.68 -62.15 28.07
N GLY D 304 -18.62 -62.25 28.85
CA GLY D 304 -17.28 -61.96 28.37
C GLY D 304 -16.62 -63.16 27.72
N ASN D 305 -17.34 -63.81 26.81
CA ASN D 305 -16.82 -64.98 26.12
C ASN D 305 -17.16 -64.98 24.63
N ALA D 306 -17.19 -63.79 24.04
CA ALA D 306 -17.36 -63.63 22.60
C ALA D 306 -16.30 -64.43 21.85
N GLY D 307 -15.18 -64.71 22.53
CA GLY D 307 -14.10 -65.46 21.93
C GLY D 307 -13.10 -64.57 21.22
N ASP D 308 -12.10 -65.20 20.60
CA ASP D 308 -11.08 -64.47 19.87
C ASP D 308 -11.66 -63.85 18.60
N CYS D 309 -11.32 -62.60 18.34
CA CYS D 309 -11.85 -61.89 17.18
C CYS D 309 -11.33 -62.48 15.87
N LEU D 310 -10.19 -63.15 15.93
CA LEU D 310 -9.60 -63.76 14.74
C LEU D 310 -10.22 -65.12 14.46
N ALA D 311 -11.25 -65.47 15.23
CA ALA D 311 -11.94 -66.74 15.06
C ALA D 311 -12.35 -66.97 13.61
N ASN D 312 -12.01 -68.13 13.08
CA ASN D 312 -12.33 -68.46 11.69
C ASN D 312 -13.03 -69.82 11.59
N PRO D 313 -14.23 -69.84 10.99
CA PRO D 313 -14.91 -68.66 10.42
C PRO D 313 -15.40 -67.70 11.51
N ALA D 314 -15.39 -66.41 11.19
CA ALA D 314 -15.87 -65.39 12.12
C ALA D 314 -17.38 -65.26 12.07
N VAL D 315 -18.03 -65.54 13.19
CA VAL D 315 -19.49 -65.46 13.26
C VAL D 315 -19.96 -64.23 14.04
N PRO D 316 -20.69 -63.33 13.36
CA PRO D 316 -21.23 -62.11 13.97
C PRO D 316 -22.41 -62.41 14.88
N TRP D 317 -22.36 -61.91 16.12
CA TRP D 317 -23.45 -62.12 17.06
C TRP D 317 -24.65 -61.25 16.69
N GLY D 318 -25.78 -61.89 16.44
CA GLY D 318 -26.97 -61.21 15.95
C GLY D 318 -27.44 -60.04 16.80
N GLN D 319 -27.08 -60.05 18.08
CA GLN D 319 -27.49 -59.00 19.00
C GLN D 319 -26.87 -57.65 18.62
N GLY D 320 -25.86 -57.68 17.77
CA GLY D 320 -25.18 -56.47 17.34
C GLY D 320 -26.00 -55.68 16.34
N VAL D 321 -26.77 -56.37 15.52
CA VAL D 321 -27.60 -55.73 14.51
C VAL D 321 -28.61 -54.79 15.15
N GLU D 322 -29.10 -55.15 16.33
CA GLU D 322 -30.08 -54.35 17.05
C GLU D 322 -29.43 -53.14 17.71
N ILE D 323 -28.20 -53.33 18.20
CA ILE D 323 -27.47 -52.24 18.84
C ILE D 323 -27.19 -51.11 17.85
N GLU D 324 -27.02 -51.47 16.58
CA GLU D 324 -26.80 -50.50 15.52
C GLU D 324 -28.07 -49.72 15.24
N ARG D 325 -29.17 -50.44 15.05
CA ARG D 325 -30.46 -49.82 14.77
C ARG D 325 -30.91 -48.93 15.91
N ALA D 326 -30.27 -49.09 17.07
CA ALA D 326 -30.60 -48.29 18.25
C ALA D 326 -29.87 -46.95 18.20
N LEU D 327 -28.54 -47.02 18.10
CA LEU D 327 -27.71 -45.83 18.04
C LEU D 327 -28.09 -44.93 16.87
N LYS D 328 -28.32 -45.55 15.72
CA LYS D 328 -28.66 -44.81 14.50
C LYS D 328 -30.06 -44.19 14.58
N GLN D 329 -30.88 -44.71 15.49
CA GLN D 329 -32.24 -44.22 15.65
C GLN D 329 -32.32 -43.10 16.68
N VAL D 330 -31.24 -42.94 17.45
CA VAL D 330 -31.18 -41.92 18.49
C VAL D 330 -31.33 -40.52 17.90
N GLN D 331 -32.01 -39.64 18.65
CA GLN D 331 -32.16 -38.26 18.23
C GLN D 331 -32.41 -37.35 19.43
N VAL D 332 -31.34 -36.79 19.97
CA VAL D 332 -31.42 -35.90 21.12
C VAL D 332 -30.74 -34.56 20.83
N GLU D 333 -30.76 -33.67 21.82
CA GLU D 333 -30.14 -32.36 21.67
C GLU D 333 -28.85 -32.30 22.49
N GLY D 334 -27.76 -31.92 21.84
CA GLY D 334 -26.47 -31.86 22.50
C GLY D 334 -25.74 -30.55 22.26
N LEU D 335 -24.47 -30.52 22.65
CA LEU D 335 -23.64 -29.32 22.49
C LEU D 335 -23.46 -28.96 21.01
N SER D 336 -23.45 -29.98 20.16
CA SER D 336 -23.25 -29.79 18.73
C SER D 336 -24.58 -29.72 17.98
N GLY D 337 -25.55 -29.02 18.56
CA GLY D 337 -26.85 -28.84 17.93
C GLY D 337 -27.66 -30.12 17.89
N ASN D 338 -28.67 -30.13 17.02
CA ASN D 338 -29.53 -31.29 16.87
C ASN D 338 -28.78 -32.51 16.33
N ILE D 339 -28.84 -33.62 17.07
CA ILE D 339 -28.14 -34.83 16.68
C ILE D 339 -29.08 -35.85 16.04
N LYS D 340 -28.81 -36.16 14.77
CA LYS D 340 -29.60 -37.16 14.06
C LYS D 340 -28.70 -37.96 13.12
N PHE D 341 -29.12 -39.17 12.78
CA PHE D 341 -28.31 -40.04 11.94
C PHE D 341 -29.12 -40.67 10.81
N ASP D 342 -28.42 -41.15 9.79
CA ASP D 342 -29.04 -41.90 8.71
C ASP D 342 -28.74 -43.38 8.86
N GLN D 343 -29.11 -44.17 7.86
CA GLN D 343 -28.93 -45.62 7.92
C GLN D 343 -27.45 -46.00 7.99
N ASN D 344 -26.57 -45.11 7.57
CA ASN D 344 -25.15 -45.38 7.54
C ASN D 344 -24.43 -45.01 8.84
N GLY D 345 -24.71 -43.81 9.33
CA GLY D 345 -24.09 -43.33 10.55
C GLY D 345 -23.67 -41.88 10.47
N LYS D 346 -23.70 -41.33 9.26
CA LYS D 346 -23.36 -39.93 9.04
C LYS D 346 -24.47 -39.03 9.60
N ARG D 347 -24.08 -37.99 10.31
CA ARG D 347 -25.04 -37.08 10.92
C ARG D 347 -25.84 -36.30 9.87
N ILE D 348 -27.10 -36.04 10.18
CA ILE D 348 -27.97 -35.29 9.28
C ILE D 348 -28.78 -34.26 10.05
N ASN D 349 -29.44 -33.37 9.31
CA ASN D 349 -30.25 -32.31 9.92
C ASN D 349 -29.47 -31.55 11.00
N TYR D 350 -28.23 -31.21 10.69
CA TYR D 350 -27.38 -30.48 11.63
C TYR D 350 -27.18 -29.03 11.19
N THR D 351 -26.52 -28.25 12.04
CA THR D 351 -26.30 -26.84 11.75
C THR D 351 -24.87 -26.42 12.08
N ILE D 352 -24.20 -25.80 11.11
CA ILE D 352 -22.84 -25.31 11.31
C ILE D 352 -22.80 -23.79 11.15
N ASN D 353 -22.52 -23.08 12.23
CA ASN D 353 -22.47 -21.63 12.22
C ASN D 353 -21.24 -21.09 11.50
N ILE D 354 -21.45 -20.18 10.56
CA ILE D 354 -20.35 -19.52 9.86
C ILE D 354 -19.87 -18.32 10.68
N MET D 355 -18.56 -18.30 10.93
CA MET D 355 -17.98 -17.27 11.81
C MET D 355 -17.03 -16.34 11.06
N GLU D 356 -17.02 -15.08 11.49
CA GLU D 356 -16.05 -14.11 11.00
C GLU D 356 -15.38 -13.43 12.19
N LEU D 357 -14.09 -13.12 12.04
CA LEU D 357 -13.34 -12.49 13.12
C LEU D 357 -13.27 -10.98 12.94
N LYS D 358 -13.97 -10.26 13.82
CA LYS D 358 -13.96 -8.80 13.77
C LYS D 358 -13.03 -8.23 14.83
N THR D 359 -13.09 -6.91 15.02
CA THR D 359 -12.24 -6.24 15.99
C THR D 359 -12.62 -6.61 17.43
N ASN D 360 -13.92 -6.69 17.69
CA ASN D 360 -14.41 -7.01 19.02
C ASN D 360 -14.34 -8.51 19.32
N GLY D 361 -13.97 -9.28 18.31
CA GLY D 361 -13.87 -10.73 18.47
C GLY D 361 -14.73 -11.47 17.46
N PRO D 362 -14.74 -12.81 17.54
CA PRO D 362 -15.53 -13.68 16.66
C PRO D 362 -17.01 -13.29 16.68
N ARG D 363 -17.70 -13.52 15.56
CA ARG D 363 -19.11 -13.18 15.45
C ARG D 363 -19.80 -14.01 14.38
N LYS D 364 -20.91 -14.65 14.75
CA LYS D 364 -21.67 -15.47 13.83
C LYS D 364 -22.39 -14.61 12.80
N ILE D 365 -22.12 -14.87 11.53
CA ILE D 365 -22.74 -14.11 10.45
C ILE D 365 -23.83 -14.93 9.76
N GLY D 366 -24.01 -16.17 10.20
CA GLY D 366 -25.01 -17.04 9.63
C GLY D 366 -24.74 -18.50 9.95
N TYR D 367 -25.51 -19.40 9.34
CA TYR D 367 -25.35 -20.82 9.56
C TYR D 367 -25.43 -21.59 8.25
N TRP D 368 -25.18 -22.90 8.31
CA TRP D 368 -25.24 -23.74 7.12
C TRP D 368 -26.04 -25.02 7.40
N SER D 369 -27.11 -25.20 6.66
CA SER D 369 -27.94 -26.40 6.77
C SER D 369 -27.73 -27.29 5.56
N GLU D 370 -27.77 -28.61 5.78
CA GLU D 370 -27.58 -29.56 4.69
C GLU D 370 -28.69 -29.45 3.66
N VAL D 371 -29.76 -28.74 4.02
CA VAL D 371 -30.93 -28.64 3.15
C VAL D 371 -31.18 -27.19 2.71
N ASP D 372 -30.61 -26.23 3.44
CA ASP D 372 -30.82 -24.82 3.14
C ASP D 372 -29.54 -24.12 2.74
N LYS D 373 -28.45 -24.88 2.64
CA LYS D 373 -27.15 -24.30 2.34
C LYS D 373 -26.82 -23.20 3.34
N MET D 374 -26.21 -22.12 2.86
CA MET D 374 -25.85 -21.01 3.73
C MET D 374 -26.98 -20.01 3.88
N VAL D 375 -27.22 -19.57 5.12
CA VAL D 375 -28.24 -18.58 5.41
C VAL D 375 -27.73 -17.55 6.41
N LEU D 376 -27.62 -16.31 5.97
CA LEU D 376 -27.08 -15.24 6.81
C LEU D 376 -28.10 -14.74 7.82
N THR D 377 -27.62 -14.42 9.02
CA THR D 377 -28.46 -13.84 10.06
C THR D 377 -28.13 -12.36 10.20
N GLU D 378 -29.07 -11.51 9.81
CA GLU D 378 -28.86 -10.06 9.81
C GLU D 378 -28.66 -9.51 11.23
N LYS D 393 -26.42 14.92 7.16
CA LYS D 393 -27.66 14.52 6.43
C LYS D 393 -27.66 14.92 4.94
N THR D 394 -28.60 14.33 4.19
CA THR D 394 -28.71 14.60 2.76
C THR D 394 -29.33 15.97 2.48
N VAL D 395 -28.61 16.78 1.70
CA VAL D 395 -29.04 18.12 1.33
C VAL D 395 -30.11 18.11 0.25
N VAL D 396 -31.26 18.73 0.51
CA VAL D 396 -32.35 18.83 -0.46
C VAL D 396 -32.10 20.06 -1.31
N VAL D 397 -31.82 19.83 -2.59
CA VAL D 397 -31.56 20.89 -3.55
C VAL D 397 -32.80 21.20 -4.36
N THR D 398 -33.24 22.45 -4.34
CA THR D 398 -34.39 22.83 -5.15
C THR D 398 -33.82 23.45 -6.40
N THR D 399 -34.41 23.10 -7.53
CA THR D 399 -33.95 23.61 -8.79
C THR D 399 -35.15 23.67 -9.72
N ILE D 400 -34.91 24.07 -10.97
CA ILE D 400 -35.99 24.25 -11.91
C ILE D 400 -35.68 23.67 -13.29
N LEU D 401 -36.67 23.06 -13.93
CA LEU D 401 -36.48 22.50 -15.28
C LEU D 401 -36.42 23.69 -16.23
N GLU D 402 -35.20 24.08 -16.56
CA GLU D 402 -34.96 25.22 -17.45
C GLU D 402 -33.73 24.86 -18.25
N SER D 403 -33.86 24.82 -19.58
CA SER D 403 -32.71 24.45 -20.40
C SER D 403 -31.75 25.62 -20.54
N PRO D 404 -30.44 25.34 -20.56
CA PRO D 404 -29.79 24.03 -20.46
C PRO D 404 -29.27 23.79 -19.04
N TYR D 405 -29.92 24.40 -18.05
CA TYR D 405 -29.49 24.27 -16.65
C TYR D 405 -29.84 22.93 -16.05
N VAL D 406 -31.11 22.57 -16.16
CA VAL D 406 -31.60 21.28 -15.67
C VAL D 406 -32.63 20.79 -16.68
N MET D 407 -32.32 19.64 -17.28
CA MET D 407 -33.18 19.02 -18.28
C MET D 407 -33.22 17.53 -18.01
N MET D 408 -34.33 16.90 -18.35
CA MET D 408 -34.45 15.45 -18.18
C MET D 408 -33.66 14.77 -19.30
N LYS D 409 -32.81 13.81 -18.95
CA LYS D 409 -32.00 13.06 -19.93
C LYS D 409 -32.91 12.33 -20.93
N LYS D 410 -32.34 11.92 -22.06
CA LYS D 410 -33.10 11.21 -23.07
C LYS D 410 -33.75 9.93 -22.58
N ASN D 411 -32.95 9.07 -21.93
CA ASN D 411 -33.41 7.78 -21.42
C ASN D 411 -33.81 7.85 -19.93
N HIS D 412 -34.26 9.02 -19.49
CA HIS D 412 -34.64 9.21 -18.10
C HIS D 412 -35.60 8.18 -17.48
N GLU D 413 -36.46 7.58 -18.30
CA GLU D 413 -37.42 6.59 -17.80
C GLU D 413 -36.77 5.41 -17.04
N MET D 414 -35.60 4.96 -17.49
CA MET D 414 -34.92 3.87 -16.81
C MET D 414 -33.89 4.34 -15.80
N LEU D 415 -33.96 5.61 -15.41
CA LEU D 415 -33.01 6.20 -14.46
C LEU D 415 -33.66 6.62 -13.13
N GLU D 416 -32.85 6.77 -12.09
CA GLU D 416 -33.36 7.14 -10.76
C GLU D 416 -32.61 8.28 -10.05
N GLY D 417 -33.33 8.99 -9.19
CA GLY D 417 -32.74 10.08 -8.43
C GLY D 417 -32.06 11.14 -9.29
N ASN D 418 -30.88 11.58 -8.86
CA ASN D 418 -30.10 12.60 -9.56
C ASN D 418 -29.72 12.23 -11.00
N GLU D 419 -29.63 10.94 -11.29
CA GLU D 419 -29.26 10.45 -12.63
C GLU D 419 -30.26 10.78 -13.73
N ARG D 420 -31.48 11.14 -13.34
CA ARG D 420 -32.53 11.47 -14.31
C ARG D 420 -32.28 12.80 -15.01
N TYR D 421 -31.43 13.64 -14.41
CA TYR D 421 -31.18 14.98 -14.94
C TYR D 421 -29.79 15.27 -15.43
N GLU D 422 -29.71 16.29 -16.30
CA GLU D 422 -28.45 16.74 -16.86
C GLU D 422 -28.54 18.23 -17.13
N GLY D 423 -27.39 18.88 -17.23
CA GLY D 423 -27.39 20.30 -17.48
C GLY D 423 -26.31 21.02 -16.71
N TYR D 424 -26.21 22.32 -16.96
CA TYR D 424 -25.23 23.16 -16.33
C TYR D 424 -25.29 23.08 -14.81
N CYS D 425 -26.50 23.26 -14.25
CA CYS D 425 -26.69 23.23 -12.80
C CYS D 425 -26.58 21.84 -12.18
N VAL D 426 -26.82 20.80 -12.99
CA VAL D 426 -26.68 19.43 -12.52
C VAL D 426 -25.18 19.21 -12.27
N ASP D 427 -24.34 19.66 -13.22
CA ASP D 427 -22.89 19.53 -13.09
C ASP D 427 -22.40 20.43 -11.96
N LEU D 428 -22.92 21.64 -11.90
CA LEU D 428 -22.55 22.59 -10.84
C LEU D 428 -22.86 22.01 -9.45
N ALA D 429 -24.05 21.42 -9.29
CA ALA D 429 -24.46 20.81 -8.02
C ALA D 429 -23.46 19.72 -7.57
N ALA D 430 -23.03 18.89 -8.52
CA ALA D 430 -22.07 17.82 -8.25
C ALA D 430 -20.74 18.41 -7.78
N GLU D 431 -20.29 19.46 -8.44
CA GLU D 431 -19.04 20.13 -8.08
C GLU D 431 -19.13 20.78 -6.70
N ILE D 432 -20.21 21.52 -6.46
CA ILE D 432 -20.43 22.18 -5.19
C ILE D 432 -20.45 21.15 -4.07
N ALA D 433 -21.20 20.07 -4.28
CA ALA D 433 -21.33 19.00 -3.28
C ALA D 433 -19.99 18.32 -3.02
N LYS D 434 -19.17 18.15 -4.05
CA LYS D 434 -17.87 17.51 -3.89
C LYS D 434 -16.98 18.41 -3.03
N HIS D 435 -16.94 19.69 -3.39
CA HIS D 435 -16.13 20.65 -2.69
C HIS D 435 -16.57 20.97 -1.27
N CYS D 436 -17.87 20.96 -1.02
CA CYS D 436 -18.41 21.24 0.30
C CYS D 436 -18.64 19.99 1.16
N GLY D 437 -18.36 18.83 0.58
CA GLY D 437 -18.51 17.59 1.30
C GLY D 437 -19.89 17.12 1.72
N PHE D 438 -20.89 17.26 0.85
CA PHE D 438 -22.23 16.80 1.18
C PHE D 438 -22.89 15.96 0.11
N LYS D 439 -23.82 15.11 0.54
CA LYS D 439 -24.58 14.27 -0.36
C LYS D 439 -25.88 15.03 -0.55
N TYR D 440 -26.51 14.88 -1.71
CA TYR D 440 -27.71 15.65 -1.99
C TYR D 440 -28.73 14.94 -2.88
N LYS D 441 -29.91 15.54 -2.93
CA LYS D 441 -31.01 15.05 -3.73
C LYS D 441 -31.60 16.22 -4.50
N LEU D 442 -31.55 16.14 -5.83
CA LEU D 442 -32.11 17.17 -6.69
C LEU D 442 -33.63 17.03 -6.72
N THR D 443 -34.33 18.12 -6.42
CA THR D 443 -35.78 18.13 -6.44
C THR D 443 -36.21 19.32 -7.28
N ILE D 444 -37.23 19.12 -8.10
CA ILE D 444 -37.72 20.19 -8.96
C ILE D 444 -38.77 20.98 -8.18
N VAL D 445 -38.58 22.30 -8.11
CA VAL D 445 -39.48 23.20 -7.41
C VAL D 445 -40.95 22.88 -7.71
N GLY D 446 -41.71 22.63 -6.65
CA GLY D 446 -43.11 22.25 -6.77
C GLY D 446 -44.03 23.10 -7.64
N ASP D 447 -43.94 24.41 -7.52
CA ASP D 447 -44.80 25.28 -8.30
C ASP D 447 -44.18 25.77 -9.62
N GLY D 448 -42.99 25.27 -9.93
CA GLY D 448 -42.31 25.65 -11.16
C GLY D 448 -41.89 27.11 -11.35
N LYS D 449 -41.80 27.85 -10.25
CA LYS D 449 -41.42 29.27 -10.28
C LYS D 449 -40.07 29.60 -9.64
N TYR D 450 -39.52 30.74 -10.05
CA TYR D 450 -38.24 31.19 -9.53
C TYR D 450 -38.45 31.74 -8.11
N GLY D 451 -39.38 32.68 -7.98
CA GLY D 451 -39.68 33.20 -6.66
C GLY D 451 -40.03 34.67 -6.58
N ALA D 452 -41.25 34.94 -6.14
CA ALA D 452 -41.71 36.31 -5.96
C ALA D 452 -42.59 36.32 -4.70
N ARG D 453 -42.76 37.51 -4.12
CA ARG D 453 -43.56 37.67 -2.92
C ARG D 453 -44.94 38.23 -3.27
N ASP D 454 -45.98 37.54 -2.82
CA ASP D 454 -47.35 37.98 -3.05
C ASP D 454 -47.60 39.29 -2.27
N ALA D 455 -47.96 40.35 -2.99
CA ALA D 455 -48.21 41.67 -2.39
C ALA D 455 -49.22 41.64 -1.23
N ASP D 456 -50.19 40.74 -1.33
CA ASP D 456 -51.24 40.61 -0.31
C ASP D 456 -50.84 39.85 0.93
N THR D 457 -50.52 38.57 0.75
CA THR D 457 -50.17 37.66 1.83
C THR D 457 -48.72 37.78 2.30
N LYS D 458 -47.88 38.37 1.46
CA LYS D 458 -46.46 38.52 1.77
C LYS D 458 -45.76 37.16 1.76
N ILE D 459 -46.44 36.14 1.21
CA ILE D 459 -45.87 34.80 1.13
C ILE D 459 -45.02 34.63 -0.14
N TRP D 460 -43.85 34.03 0.03
CA TRP D 460 -42.93 33.76 -1.08
C TRP D 460 -43.20 32.43 -1.79
N ASN D 461 -43.18 32.46 -3.13
CA ASN D 461 -43.38 31.25 -3.92
C ASN D 461 -42.06 30.85 -4.59
N GLY D 462 -42.12 29.83 -5.43
CA GLY D 462 -40.96 29.36 -6.16
C GLY D 462 -39.86 28.78 -5.30
N MET D 463 -38.66 28.72 -5.87
CA MET D 463 -37.51 28.19 -5.16
C MET D 463 -37.22 29.04 -3.93
N VAL D 464 -37.42 30.35 -4.04
CA VAL D 464 -37.18 31.24 -2.92
C VAL D 464 -38.07 30.84 -1.74
N GLY D 465 -39.36 30.63 -2.00
CA GLY D 465 -40.30 30.21 -0.99
C GLY D 465 -39.89 28.89 -0.34
N GLU D 466 -39.44 27.94 -1.15
CA GLU D 466 -39.00 26.66 -0.62
C GLU D 466 -37.85 26.80 0.38
N LEU D 467 -36.96 27.76 0.13
CA LEU D 467 -35.85 28.01 1.05
C LEU D 467 -36.36 28.72 2.29
N VAL D 468 -37.20 29.74 2.07
CA VAL D 468 -37.75 30.55 3.15
C VAL D 468 -38.56 29.73 4.15
N TYR D 469 -39.35 28.79 3.65
CA TYR D 469 -40.17 27.97 4.53
C TYR D 469 -39.53 26.64 4.90
N GLY D 470 -38.26 26.47 4.57
CA GLY D 470 -37.53 25.25 4.91
C GLY D 470 -37.83 23.96 4.18
N LYS D 471 -38.44 24.04 3.00
CA LYS D 471 -38.74 22.83 2.21
C LYS D 471 -37.49 22.32 1.50
N ALA D 472 -36.54 23.22 1.22
CA ALA D 472 -35.28 22.86 0.57
C ALA D 472 -34.15 23.52 1.33
N ASP D 473 -32.95 22.93 1.24
CA ASP D 473 -31.77 23.45 1.94
C ASP D 473 -30.87 24.36 1.12
N ILE D 474 -31.00 24.28 -0.20
CA ILE D 474 -30.17 25.09 -1.06
C ILE D 474 -30.81 25.10 -2.44
N ALA D 475 -30.64 26.19 -3.18
CA ALA D 475 -31.20 26.29 -4.53
C ALA D 475 -30.01 26.45 -5.45
N ILE D 476 -29.85 25.49 -6.37
CA ILE D 476 -28.78 25.53 -7.35
C ILE D 476 -29.53 25.62 -8.67
N ALA D 477 -29.67 26.85 -9.17
CA ALA D 477 -30.43 27.14 -10.36
C ALA D 477 -30.06 28.53 -10.90
N PRO D 478 -30.60 28.92 -12.08
CA PRO D 478 -30.31 30.25 -12.65
C PRO D 478 -31.18 31.27 -11.92
N LEU D 479 -30.93 31.38 -10.61
CA LEU D 479 -31.66 32.26 -9.70
C LEU D 479 -30.90 33.58 -9.56
N THR D 480 -31.54 34.63 -10.01
CA THR D 480 -30.97 35.97 -10.02
C THR D 480 -30.85 36.63 -8.65
N ILE D 481 -29.67 37.13 -8.38
CA ILE D 481 -29.37 37.84 -7.13
C ILE D 481 -30.07 39.20 -7.20
N THR D 482 -31.00 39.42 -6.27
CA THR D 482 -31.76 40.66 -6.21
C THR D 482 -31.87 41.17 -4.77
N LEU D 483 -32.16 42.46 -4.63
CA LEU D 483 -32.32 43.09 -3.33
C LEU D 483 -33.47 42.50 -2.52
N VAL D 484 -34.66 42.35 -3.11
CA VAL D 484 -35.79 41.77 -2.36
C VAL D 484 -35.51 40.36 -1.87
N ARG D 485 -34.85 39.56 -2.69
CA ARG D 485 -34.52 38.20 -2.30
C ARG D 485 -33.41 38.16 -1.26
N GLU D 486 -32.39 39.01 -1.44
CA GLU D 486 -31.26 39.08 -0.52
C GLU D 486 -31.74 39.41 0.90
N GLU D 487 -32.90 40.03 1.02
CA GLU D 487 -33.44 40.34 2.33
C GLU D 487 -34.00 39.10 3.06
N VAL D 488 -34.40 38.07 2.33
CA VAL D 488 -34.95 36.86 2.95
C VAL D 488 -34.10 35.59 2.84
N ILE D 489 -33.18 35.56 1.88
CA ILE D 489 -32.31 34.39 1.71
C ILE D 489 -30.89 34.88 1.44
N ASP D 490 -29.92 33.98 1.52
CA ASP D 490 -28.54 34.30 1.26
C ASP D 490 -28.16 33.82 -0.14
N PHE D 491 -27.26 34.55 -0.78
CA PHE D 491 -26.77 34.22 -2.12
C PHE D 491 -25.26 34.16 -2.09
N SER D 492 -24.68 33.20 -2.83
CA SER D 492 -23.24 33.09 -2.95
C SER D 492 -22.86 34.18 -3.97
N LYS D 493 -21.56 34.37 -4.18
CA LYS D 493 -21.10 35.32 -5.19
C LYS D 493 -21.61 34.71 -6.50
N PRO D 494 -21.79 35.52 -7.56
CA PRO D 494 -22.30 34.93 -8.81
C PRO D 494 -21.48 33.87 -9.52
N PHE D 495 -22.16 32.82 -9.98
CA PHE D 495 -21.49 31.77 -10.74
C PHE D 495 -21.67 32.04 -12.23
N MET D 496 -22.52 33.02 -12.55
CA MET D 496 -22.78 33.42 -13.94
C MET D 496 -23.23 34.87 -14.03
N SER D 497 -22.69 35.59 -15.02
CA SER D 497 -23.05 36.98 -15.26
C SER D 497 -24.06 37.05 -16.41
N LEU D 498 -25.01 37.97 -16.34
CA LEU D 498 -26.04 38.09 -17.36
C LEU D 498 -26.78 39.41 -17.30
N GLY D 499 -27.75 39.56 -18.20
CA GLY D 499 -28.57 40.77 -18.24
C GLY D 499 -29.84 40.51 -19.01
N ILE D 500 -30.86 41.33 -18.81
CA ILE D 500 -32.14 41.17 -19.54
C ILE D 500 -31.87 41.51 -21.02
N SER D 501 -32.53 40.77 -21.91
CA SER D 501 -32.33 40.95 -23.35
C SER D 501 -33.63 40.71 -24.07
N ILE D 502 -33.63 40.98 -25.37
CA ILE D 502 -34.82 40.81 -26.21
C ILE D 502 -34.68 39.65 -27.18
N MET D 503 -35.68 38.79 -27.20
CA MET D 503 -35.70 37.67 -28.12
C MET D 503 -36.79 37.97 -29.17
N ILE D 504 -36.40 37.92 -30.45
CA ILE D 504 -37.34 38.14 -31.53
C ILE D 504 -37.34 36.98 -32.51
N LYS D 505 -38.43 36.86 -33.25
CA LYS D 505 -38.49 35.85 -34.30
C LYS D 505 -37.67 36.52 -35.40
N LYS D 506 -36.86 35.75 -36.10
CA LYS D 506 -36.03 36.29 -37.16
C LYS D 506 -36.81 37.13 -38.15
N PRO D 632 -38.94 43.57 -37.09
CA PRO D 632 -38.47 44.96 -37.16
C PRO D 632 -38.19 45.61 -35.82
N ILE D 633 -37.38 44.97 -34.99
CA ILE D 633 -37.03 45.49 -33.66
C ILE D 633 -35.54 45.32 -33.45
N GLU D 634 -34.90 46.39 -32.99
CA GLU D 634 -33.48 46.33 -32.72
C GLU D 634 -33.13 46.67 -31.28
N SER D 635 -34.13 47.03 -30.48
CA SER D 635 -33.88 47.39 -29.07
C SER D 635 -35.14 47.66 -28.25
N ALA D 636 -34.92 47.85 -26.94
CA ALA D 636 -36.01 48.12 -26.00
C ALA D 636 -36.74 49.36 -26.46
N GLU D 637 -35.96 50.39 -26.82
CA GLU D 637 -36.54 51.63 -27.30
C GLU D 637 -37.49 51.40 -28.47
N ASP D 638 -37.14 50.48 -29.37
CA ASP D 638 -37.98 50.18 -30.54
C ASP D 638 -39.34 49.57 -30.14
N LEU D 639 -39.30 48.65 -29.19
CA LEU D 639 -40.53 48.00 -28.70
C LEU D 639 -41.49 49.05 -28.12
N SER D 640 -40.95 49.95 -27.30
CA SER D 640 -41.76 50.98 -26.67
C SER D 640 -42.34 52.02 -27.63
N LYS D 641 -41.66 52.23 -28.76
CA LYS D 641 -42.09 53.21 -29.78
C LYS D 641 -43.32 52.78 -30.57
N GLN D 642 -43.57 51.48 -30.61
CA GLN D 642 -44.69 50.96 -31.35
C GLN D 642 -45.50 50.00 -30.47
N THR D 643 -46.60 49.49 -31.06
CA THR D 643 -47.50 48.56 -30.37
C THR D 643 -48.07 47.45 -31.22
N GLU D 644 -47.62 47.33 -32.49
CA GLU D 644 -48.08 46.29 -33.44
C GLU D 644 -47.42 44.91 -33.00
N ILE D 645 -46.25 45.03 -32.38
CA ILE D 645 -45.55 43.87 -31.87
C ILE D 645 -45.68 43.84 -30.35
N ALA D 646 -46.38 42.79 -29.88
CA ALA D 646 -46.62 42.57 -28.46
C ALA D 646 -45.33 42.04 -27.83
N TYR D 647 -45.13 42.34 -26.56
CA TYR D 647 -43.94 41.87 -25.84
C TYR D 647 -44.22 41.70 -24.36
N GLY D 648 -43.63 40.66 -23.77
CA GLY D 648 -43.85 40.39 -22.35
C GLY D 648 -42.67 39.72 -21.67
N THR D 649 -42.89 39.31 -20.42
CA THR D 649 -41.85 38.66 -19.63
C THR D 649 -42.40 37.41 -18.94
N LEU D 650 -41.54 36.76 -18.16
CA LEU D 650 -41.90 35.57 -17.40
C LEU D 650 -42.62 36.06 -16.14
N ASP D 651 -43.52 35.23 -15.62
CA ASP D 651 -44.24 35.54 -14.38
C ASP D 651 -43.38 35.11 -13.19
N SER D 652 -43.58 35.78 -12.05
CA SER D 652 -42.87 35.44 -10.81
C SER D 652 -41.35 35.42 -10.88
N GLY D 653 -40.76 36.27 -11.72
CA GLY D 653 -39.31 36.31 -11.83
C GLY D 653 -38.72 37.71 -11.67
N SER D 654 -37.40 37.79 -11.77
CA SER D 654 -36.69 39.06 -11.63
C SER D 654 -36.87 40.00 -12.81
N THR D 655 -37.10 39.46 -14.00
CA THR D 655 -37.30 40.31 -15.16
C THR D 655 -38.58 41.13 -15.03
N LYS D 656 -39.66 40.48 -14.61
CA LYS D 656 -40.93 41.18 -14.44
C LYS D 656 -40.79 42.28 -13.38
N GLU D 657 -40.06 42.00 -12.30
CA GLU D 657 -39.83 42.98 -11.25
C GLU D 657 -39.02 44.16 -11.78
N PHE D 658 -38.02 43.86 -12.62
CA PHE D 658 -37.19 44.92 -13.20
C PHE D 658 -38.05 46.01 -13.86
N PHE D 659 -39.01 45.60 -14.68
CA PHE D 659 -39.86 46.55 -15.36
C PHE D 659 -40.88 47.23 -14.45
N ARG D 660 -41.31 46.52 -13.41
CA ARG D 660 -42.28 47.07 -12.47
C ARG D 660 -41.64 48.12 -11.60
N ARG D 661 -40.36 47.95 -11.29
CA ARG D 661 -39.63 48.88 -10.43
C ARG D 661 -38.72 49.86 -11.16
N SER D 662 -38.85 49.98 -12.48
CA SER D 662 -38.00 50.87 -13.26
C SER D 662 -38.54 52.27 -13.54
N LYS D 663 -37.72 53.27 -13.19
CA LYS D 663 -38.08 54.67 -13.40
C LYS D 663 -37.50 55.19 -14.70
N ILE D 664 -36.64 54.38 -15.32
CA ILE D 664 -36.01 54.75 -16.59
C ILE D 664 -37.07 54.79 -17.71
N ALA D 665 -37.35 56.01 -18.18
CA ALA D 665 -38.32 56.26 -19.24
C ALA D 665 -38.83 55.16 -20.16
N VAL D 666 -37.94 54.57 -20.96
CA VAL D 666 -38.32 53.50 -21.89
C VAL D 666 -38.91 52.29 -21.16
N PHE D 667 -38.21 51.83 -20.11
CA PHE D 667 -38.64 50.67 -19.32
C PHE D 667 -39.96 50.91 -18.58
N ASP D 668 -40.13 52.13 -18.08
CA ASP D 668 -41.37 52.49 -17.40
C ASP D 668 -42.55 52.40 -18.36
N LYS D 669 -42.34 52.92 -19.58
CA LYS D 669 -43.33 52.93 -20.66
C LYS D 669 -43.68 51.50 -21.12
N MET D 670 -42.65 50.65 -21.21
CA MET D 670 -42.83 49.27 -21.60
C MET D 670 -43.67 48.55 -20.54
N TRP D 671 -43.40 48.85 -19.27
CA TRP D 671 -44.11 48.24 -18.15
C TRP D 671 -45.58 48.66 -18.12
N THR D 672 -45.82 49.95 -18.37
CA THR D 672 -47.18 50.45 -18.37
C THR D 672 -48.00 49.75 -19.45
N TYR D 673 -47.35 49.42 -20.56
CA TYR D 673 -48.02 48.72 -21.65
C TYR D 673 -48.21 47.25 -21.25
N MET D 674 -47.15 46.59 -20.76
CA MET D 674 -47.23 45.18 -20.39
C MET D 674 -48.23 44.89 -19.30
N ARG D 675 -48.16 45.67 -18.20
CA ARG D 675 -49.04 45.52 -17.05
C ARG D 675 -50.52 45.51 -17.41
N SER D 676 -50.89 46.39 -18.32
CA SER D 676 -52.27 46.53 -18.76
C SER D 676 -52.63 45.76 -20.03
N ALA D 677 -51.64 45.11 -20.65
CA ALA D 677 -51.84 44.35 -21.88
C ALA D 677 -52.97 43.32 -21.91
N GLU D 678 -53.72 43.31 -23.00
CA GLU D 678 -54.84 42.38 -23.15
C GLU D 678 -54.93 41.90 -24.60
N PRO D 679 -54.77 40.58 -24.87
CA PRO D 679 -54.49 39.49 -23.91
C PRO D 679 -53.18 39.67 -23.17
N SER D 680 -52.99 38.88 -22.11
CA SER D 680 -51.79 38.93 -21.30
C SER D 680 -50.53 38.63 -22.11
N VAL D 681 -49.47 39.40 -21.88
CA VAL D 681 -48.21 39.20 -22.58
C VAL D 681 -47.20 38.45 -21.70
N PHE D 682 -47.64 38.06 -20.50
CA PHE D 682 -46.80 37.33 -19.54
C PHE D 682 -46.96 35.81 -19.73
N VAL D 683 -45.90 35.08 -19.41
CA VAL D 683 -45.88 33.62 -19.58
C VAL D 683 -45.46 32.90 -18.30
N ARG D 684 -45.91 31.67 -18.13
CA ARG D 684 -45.61 30.85 -16.95
C ARG D 684 -44.21 30.29 -16.93
N THR D 685 -43.71 29.94 -18.12
CA THR D 685 -42.37 29.36 -18.23
C THR D 685 -41.64 30.00 -19.40
N THR D 686 -40.31 29.90 -19.37
CA THR D 686 -39.50 30.44 -20.45
C THR D 686 -39.89 29.73 -21.75
N ALA D 687 -40.12 28.41 -21.68
CA ALA D 687 -40.51 27.61 -22.85
C ALA D 687 -41.75 28.17 -23.51
N GLU D 688 -42.69 28.62 -22.68
CA GLU D 688 -43.93 29.20 -23.17
C GLU D 688 -43.66 30.53 -23.88
N GLY D 689 -42.71 31.29 -23.34
CA GLY D 689 -42.36 32.56 -23.93
C GLY D 689 -41.70 32.35 -25.29
N VAL D 690 -40.79 31.38 -25.37
CA VAL D 690 -40.09 31.07 -26.61
C VAL D 690 -41.07 30.53 -27.66
N ALA D 691 -41.96 29.64 -27.24
CA ALA D 691 -42.95 29.07 -28.15
C ALA D 691 -43.89 30.15 -28.68
N ARG D 692 -44.18 31.16 -27.85
CA ARG D 692 -45.05 32.26 -28.24
C ARG D 692 -44.40 33.14 -29.33
N VAL D 693 -43.10 33.37 -29.18
CA VAL D 693 -42.34 34.14 -30.15
C VAL D 693 -42.32 33.37 -31.49
N ARG D 694 -42.01 32.07 -31.41
CA ARG D 694 -41.92 31.20 -32.59
C ARG D 694 -43.21 31.02 -33.39
N LYS D 695 -44.36 31.06 -32.72
CA LYS D 695 -45.63 30.88 -33.41
C LYS D 695 -46.37 32.18 -33.73
N SER D 696 -45.83 33.31 -33.26
CA SER D 696 -46.47 34.63 -33.46
C SER D 696 -46.25 35.34 -34.79
N LYS D 697 -45.48 34.73 -35.69
CA LYS D 697 -45.21 35.36 -36.99
C LYS D 697 -44.54 36.72 -36.81
N GLY D 698 -43.70 36.82 -35.77
CA GLY D 698 -42.99 38.04 -35.50
C GLY D 698 -43.80 39.13 -34.80
N LYS D 699 -45.01 38.80 -34.36
CA LYS D 699 -45.87 39.77 -33.68
C LYS D 699 -45.72 39.78 -32.15
N TYR D 700 -44.77 38.98 -31.64
CA TYR D 700 -44.48 38.90 -30.20
C TYR D 700 -42.98 38.78 -29.97
N ALA D 701 -42.45 39.67 -29.14
CA ALA D 701 -41.04 39.66 -28.78
C ALA D 701 -41.05 39.24 -27.31
N TYR D 702 -39.98 38.63 -26.85
CA TYR D 702 -39.93 38.16 -25.47
C TYR D 702 -38.74 38.69 -24.73
N LEU D 703 -38.99 39.23 -23.54
CA LEU D 703 -37.93 39.76 -22.70
C LEU D 703 -37.48 38.67 -21.73
N LEU D 704 -36.20 38.30 -21.80
CA LEU D 704 -35.63 37.26 -20.95
C LEU D 704 -34.13 37.47 -20.78
N GLU D 705 -33.54 36.72 -19.85
CA GLU D 705 -32.12 36.84 -19.58
C GLU D 705 -31.26 36.35 -20.75
N SER D 706 -30.21 37.13 -21.02
CA SER D 706 -29.28 36.90 -22.11
C SER D 706 -28.79 35.44 -22.21
N THR D 707 -28.62 34.82 -21.05
CA THR D 707 -28.20 33.43 -20.94
C THR D 707 -29.18 32.47 -21.64
N MET D 708 -30.45 32.55 -21.28
CA MET D 708 -31.46 31.69 -21.90
C MET D 708 -31.57 32.07 -23.38
N ASN D 709 -31.56 33.38 -23.66
CA ASN D 709 -31.69 33.90 -25.02
C ASN D 709 -30.62 33.34 -25.99
N GLU D 710 -29.35 33.45 -25.62
CA GLU D 710 -28.26 32.97 -26.46
C GLU D 710 -28.22 31.44 -26.58
N TYR D 711 -28.79 30.75 -25.60
CA TYR D 711 -28.86 29.29 -25.66
C TYR D 711 -29.86 28.89 -26.74
N ILE D 712 -31.04 29.48 -26.67
CA ILE D 712 -32.13 29.21 -27.60
C ILE D 712 -31.74 29.63 -29.01
N GLU D 713 -30.95 30.69 -29.11
CA GLU D 713 -30.48 31.18 -30.41
C GLU D 713 -29.66 30.12 -31.16
N GLN D 714 -29.01 29.23 -30.40
CA GLN D 714 -28.19 28.17 -30.99
C GLN D 714 -28.88 26.81 -31.02
N ARG D 715 -30.20 26.82 -31.09
CA ARG D 715 -30.95 25.57 -31.15
C ARG D 715 -32.04 25.57 -32.20
N LYS D 716 -32.21 24.42 -32.86
CA LYS D 716 -33.25 24.28 -33.89
C LYS D 716 -34.62 24.61 -33.33
N PRO D 717 -35.52 25.12 -34.18
CA PRO D 717 -35.33 25.43 -35.61
C PRO D 717 -34.50 26.67 -36.01
N CYS D 718 -33.65 27.17 -35.11
CA CYS D 718 -32.79 28.32 -35.39
C CYS D 718 -33.55 29.51 -35.96
N ASP D 719 -34.74 29.77 -35.41
CA ASP D 719 -35.59 30.84 -35.90
C ASP D 719 -35.74 32.05 -34.99
N THR D 720 -34.92 32.13 -33.95
CA THR D 720 -34.99 33.27 -33.03
C THR D 720 -33.61 33.87 -32.88
N MET D 721 -33.58 35.11 -32.39
CA MET D 721 -32.31 35.77 -32.15
C MET D 721 -32.40 36.87 -31.11
N LYS D 722 -31.27 37.11 -30.45
CA LYS D 722 -31.13 38.14 -29.43
C LYS D 722 -30.78 39.43 -30.15
N VAL D 723 -31.52 40.50 -29.88
CA VAL D 723 -31.25 41.81 -30.50
C VAL D 723 -30.95 42.88 -29.47
N GLY D 724 -30.01 43.77 -29.80
CA GLY D 724 -29.68 44.84 -28.89
C GLY D 724 -28.80 44.34 -27.76
N GLY D 725 -28.32 45.28 -26.94
CA GLY D 725 -27.47 44.90 -25.82
C GLY D 725 -28.31 44.57 -24.61
N ASN D 726 -27.67 44.07 -23.56
CA ASN D 726 -28.41 43.77 -22.34
C ASN D 726 -28.92 45.05 -21.68
N LEU D 727 -30.08 44.95 -21.05
CA LEU D 727 -30.70 46.10 -20.39
C LEU D 727 -30.10 46.41 -19.01
N ASP D 728 -29.45 45.40 -18.42
CA ASP D 728 -28.80 45.51 -17.12
C ASP D 728 -27.66 44.48 -16.99
N SER D 729 -26.96 44.49 -15.85
CA SER D 729 -25.86 43.56 -15.60
C SER D 729 -26.03 42.99 -14.20
N LYS D 730 -26.25 41.68 -14.12
CA LYS D 730 -26.43 41.04 -12.83
C LYS D 730 -25.89 39.63 -12.86
N GLY D 731 -26.19 38.87 -11.83
CA GLY D 731 -25.67 37.51 -11.78
C GLY D 731 -26.58 36.52 -11.10
N TYR D 732 -26.29 35.25 -11.32
CA TYR D 732 -27.03 34.18 -10.70
C TYR D 732 -26.22 33.74 -9.48
N GLY D 733 -26.90 33.37 -8.41
CA GLY D 733 -26.20 32.91 -7.22
C GLY D 733 -26.85 31.66 -6.64
N ILE D 734 -26.05 30.86 -5.94
CA ILE D 734 -26.53 29.65 -5.26
C ILE D 734 -27.09 30.22 -3.97
N ALA D 735 -28.36 29.92 -3.70
CA ALA D 735 -29.05 30.46 -2.54
C ALA D 735 -29.29 29.47 -1.40
N THR D 736 -29.24 29.98 -0.18
CA THR D 736 -29.46 29.16 1.00
C THR D 736 -30.32 29.95 1.97
N PRO D 737 -31.03 29.25 2.87
CA PRO D 737 -31.85 29.98 3.83
C PRO D 737 -30.94 30.78 4.76
N LYS D 738 -31.45 31.89 5.25
CA LYS D 738 -30.73 32.77 6.16
C LYS D 738 -30.22 31.93 7.35
N GLY D 739 -28.93 32.08 7.65
CA GLY D 739 -28.33 31.36 8.76
C GLY D 739 -27.96 29.93 8.47
N SER D 740 -27.98 29.55 7.19
CA SER D 740 -27.64 28.18 6.80
C SER D 740 -26.18 27.83 7.08
N SER D 741 -25.97 26.60 7.57
CA SER D 741 -24.63 26.13 7.85
C SER D 741 -23.82 25.94 6.56
N LEU D 742 -24.51 25.86 5.42
CA LEU D 742 -23.86 25.67 4.11
C LEU D 742 -23.41 26.96 3.41
N GLY D 743 -24.06 28.07 3.75
CA GLY D 743 -23.75 29.35 3.13
C GLY D 743 -22.30 29.71 2.91
N ASN D 744 -21.51 29.70 3.98
CA ASN D 744 -20.10 30.05 3.87
C ASN D 744 -19.31 29.17 2.90
N ALA D 745 -19.46 27.86 3.03
CA ALA D 745 -18.72 26.94 2.19
C ALA D 745 -19.12 26.99 0.74
N VAL D 746 -20.42 27.11 0.45
CA VAL D 746 -20.88 27.14 -0.94
C VAL D 746 -20.37 28.41 -1.64
N ASN D 747 -20.29 29.50 -0.89
CA ASN D 747 -19.80 30.75 -1.45
C ASN D 747 -18.33 30.61 -1.86
N LEU D 748 -17.52 30.00 -1.00
CA LEU D 748 -16.11 29.82 -1.29
C LEU D 748 -15.91 28.81 -2.41
N ALA D 749 -16.83 27.85 -2.51
CA ALA D 749 -16.79 26.82 -3.55
C ALA D 749 -17.07 27.47 -4.91
N VAL D 750 -18.01 28.40 -4.96
CA VAL D 750 -18.33 29.09 -6.20
C VAL D 750 -17.09 29.88 -6.66
N LEU D 751 -16.42 30.53 -5.72
CA LEU D 751 -15.21 31.31 -6.05
C LEU D 751 -14.09 30.41 -6.56
N LYS D 752 -13.96 29.22 -5.98
CA LYS D 752 -12.94 28.26 -6.39
C LYS D 752 -13.19 27.74 -7.81
N LEU D 753 -14.45 27.38 -8.09
CA LEU D 753 -14.83 26.87 -9.40
C LEU D 753 -14.60 27.89 -10.50
N ASN D 754 -14.92 29.16 -10.23
CA ASN D 754 -14.72 30.20 -11.22
C ASN D 754 -13.25 30.36 -11.55
N GLU D 755 -12.43 30.38 -10.51
CA GLU D 755 -10.99 30.53 -10.68
C GLU D 755 -10.28 29.32 -11.33
N GLN D 756 -10.80 28.12 -11.11
CA GLN D 756 -10.25 26.90 -11.70
C GLN D 756 -10.57 26.86 -13.18
N GLY D 757 -11.52 27.69 -13.58
CA GLY D 757 -11.95 27.76 -14.96
C GLY D 757 -13.09 26.80 -15.23
N LEU D 758 -13.55 26.11 -14.18
CA LEU D 758 -14.64 25.13 -14.29
C LEU D 758 -15.97 25.73 -14.75
N LEU D 759 -16.31 26.92 -14.25
CA LEU D 759 -17.56 27.57 -14.63
C LEU D 759 -17.57 27.91 -16.11
N ASP D 760 -16.43 28.36 -16.64
CA ASP D 760 -16.36 28.69 -18.08
C ASP D 760 -16.43 27.42 -18.90
N LYS D 761 -15.86 26.34 -18.36
CA LYS D 761 -15.87 25.05 -19.03
C LYS D 761 -17.31 24.57 -19.16
N LEU D 762 -18.06 24.58 -18.05
CA LEU D 762 -19.46 24.14 -18.08
C LEU D 762 -20.31 25.01 -19.00
N LYS D 763 -20.00 26.31 -19.04
CA LYS D 763 -20.74 27.22 -19.90
C LYS D 763 -20.55 26.85 -21.38
N ASN D 764 -19.31 26.61 -21.80
CA ASN D 764 -19.03 26.23 -23.18
C ASN D 764 -19.63 24.88 -23.49
N LYS D 765 -19.60 23.98 -22.51
CA LYS D 765 -20.16 22.64 -22.68
C LYS D 765 -21.63 22.65 -23.00
N TRP D 766 -22.42 23.41 -22.22
CA TRP D 766 -23.87 23.48 -22.38
C TRP D 766 -24.44 24.51 -23.37
N TRP D 767 -23.63 25.49 -23.75
CA TRP D 767 -24.08 26.50 -24.71
C TRP D 767 -23.44 26.32 -26.09
N TYR D 768 -22.11 26.44 -26.15
CA TYR D 768 -21.37 26.31 -27.41
C TYR D 768 -21.31 24.93 -28.03
N ASP D 769 -20.66 24.00 -27.33
CA ASP D 769 -20.55 22.62 -27.81
C ASP D 769 -21.99 22.15 -27.88
N LYS D 770 -22.32 21.35 -28.88
CA LYS D 770 -23.71 20.93 -28.99
C LYS D 770 -24.64 22.05 -29.48
N GLY D 771 -24.08 23.20 -29.87
CA GLY D 771 -24.89 24.27 -30.41
C GLY D 771 -25.27 23.70 -31.78
N GLU D 772 -26.52 23.86 -32.20
CA GLU D 772 -26.94 23.28 -33.48
C GLU D 772 -27.36 24.21 -34.63
N CYS D 773 -26.76 25.40 -34.71
CA CYS D 773 -27.07 26.36 -35.75
C CYS D 773 -25.84 26.80 -36.52
C01 QUS E . -7.10 43.59 -8.12
C02 QUS E . -7.18 44.08 -9.58
C03 QUS E . -5.89 44.91 -9.78
C04 QUS E . -4.92 43.68 -11.80
C05 QUS E . -5.79 45.05 -13.36
NP3 QUS E . -8.48 44.81 -9.66
N14 QUS E . -5.42 44.79 -11.17
N15 QUS E . -5.16 43.87 -13.12
O16 QUS E . -8.05 43.83 -7.37
O17 QUS E . -6.09 42.97 -7.78
O18 QUS E . -4.40 42.77 -11.23
O19 QUS E . -6.15 45.55 -14.40
O20 QUS E . -5.99 45.68 -12.15
C01 QUS F . 20.28 5.43 -46.71
C02 QUS F . 19.50 6.72 -46.96
C03 QUS F . 20.55 7.83 -46.90
C04 QUS F . 20.18 8.91 -49.18
C05 QUS F . 18.78 10.51 -48.47
NP3 QUS F . 18.44 6.73 -45.90
N14 QUS F . 20.21 8.93 -47.81
N15 QUS F . 19.30 9.88 -49.55
O16 QUS F . 19.91 4.67 -45.81
O17 QUS F . 21.25 5.19 -47.46
O18 QUS F . 20.81 8.16 -49.85
O19 QUS F . 17.97 11.41 -48.41
O20 QUS F . 19.32 9.95 -47.34
C01 QUS G . -6.14 -7.70 -44.39
C02 QUS G . -6.67 -6.52 -45.18
C03 QUS G . -8.12 -6.92 -45.54
C04 QUS G . -9.45 -4.95 -44.57
C05 QUS G . -9.56 -3.78 -46.49
NP3 QUS G . -5.71 -6.38 -46.31
N14 QUS G . -9.02 -5.75 -45.60
N15 QUS G . -9.76 -3.76 -45.14
O16 QUS G . -5.07 -8.25 -44.73
O17 QUS G . -6.84 -8.08 -43.43
O18 QUS G . -9.49 -5.29 -43.43
O19 QUS G . -9.73 -2.93 -47.31
O20 QUS G . -9.08 -5.02 -46.82
C01 QUS H . -35.12 34.74 -11.68
C02 QUS H . -34.81 34.74 -13.18
C03 QUS H . -36.03 34.07 -13.82
C04 QUS H . -36.80 35.87 -15.48
C05 QUS H . -35.71 35.02 -17.26
NP3 QUS H . -33.51 34.04 -13.28
N14 QUS H . -36.34 34.62 -15.15
N15 QUS H . -36.40 36.08 -16.77
O16 QUS H . -34.27 34.26 -10.89
O17 QUS H . -36.22 35.21 -11.35
O18 QUS H . -37.42 36.57 -14.74
O19 QUS H . -35.21 34.84 -18.33
O20 QUS H . -35.64 34.07 -16.27
#